data_8FX9
# 
_entry.id   8FX9 
# 
_audit_conform.dict_name       mmcif_pdbx.dic 
_audit_conform.dict_version    5.392 
_audit_conform.dict_location   http://mmcif.pdb.org/dictionaries/ascii/mmcif_pdbx.dic 
# 
loop_
_database_2.database_id 
_database_2.database_code 
_database_2.pdbx_database_accession 
_database_2.pdbx_DOI 
PDB   8FX9         pdb_00008fx9 10.2210/pdb8fx9/pdb 
WWPDB D_1000271577 ?            ?                   
# 
loop_
_pdbx_audit_revision_history.ordinal 
_pdbx_audit_revision_history.data_content_type 
_pdbx_audit_revision_history.major_revision 
_pdbx_audit_revision_history.minor_revision 
_pdbx_audit_revision_history.revision_date 
1 'Structure model' 1 0 2023-04-05 
2 'Structure model' 1 1 2024-05-22 
# 
_pdbx_audit_revision_details.ordinal             1 
_pdbx_audit_revision_details.revision_ordinal    1 
_pdbx_audit_revision_details.data_content_type   'Structure model' 
_pdbx_audit_revision_details.provider            repository 
_pdbx_audit_revision_details.type                'Initial release' 
_pdbx_audit_revision_details.description         ? 
_pdbx_audit_revision_details.details             ? 
# 
_pdbx_audit_revision_group.ordinal             1 
_pdbx_audit_revision_group.revision_ordinal    2 
_pdbx_audit_revision_group.data_content_type   'Structure model' 
_pdbx_audit_revision_group.group               'Data collection' 
# 
loop_
_pdbx_audit_revision_category.ordinal 
_pdbx_audit_revision_category.revision_ordinal 
_pdbx_audit_revision_category.data_content_type 
_pdbx_audit_revision_category.category 
1 2 'Structure model' chem_comp_atom 
2 2 'Structure model' chem_comp_bond 
# 
_pdbx_database_status.status_code                     REL 
_pdbx_database_status.status_code_sf                  REL 
_pdbx_database_status.status_code_mr                  ? 
_pdbx_database_status.entry_id                        8FX9 
_pdbx_database_status.recvd_initial_deposition_date   2023-01-24 
_pdbx_database_status.SG_entry                        N 
_pdbx_database_status.deposit_site                    RCSB 
_pdbx_database_status.process_site                    RCSB 
_pdbx_database_status.status_code_cs                  ? 
_pdbx_database_status.status_code_nmr_data            ? 
_pdbx_database_status.methods_development_category    ? 
_pdbx_database_status.pdb_format_compatible           Y 
# 
_pdbx_database_related.db_name        PDB 
_pdbx_database_related.details        . 
_pdbx_database_related.db_id          8F5V 
_pdbx_database_related.content_type   unspecified 
# 
_pdbx_contact_author.id                 2 
_pdbx_contact_author.email              don.ronning@unmc.edu 
_pdbx_contact_author.name_first         Donald 
_pdbx_contact_author.name_last          Ronning 
_pdbx_contact_author.name_mi            R 
_pdbx_contact_author.role               'principal investigator/group leader' 
_pdbx_contact_author.identifier_ORCID   0000-0003-2583-8849 
# 
loop_
_audit_author.name 
_audit_author.pdbx_ordinal 
_audit_author.identifier_ORCID 
'Lindenberger, J.J.' 1 ?                   
'Jayasinghe, Y.P.'   2 0000-0002-9313-8759 
'Ronning, D.R.'      3 0000-0003-2583-8849 
# 
_citation.abstract                  ? 
_citation.abstract_id_CAS           ? 
_citation.book_id_ISBN              ? 
_citation.book_publisher            ? 
_citation.book_publisher_city       ? 
_citation.book_title                ? 
_citation.coordinate_linkage        ? 
_citation.country                   UK 
_citation.database_id_Medline       ? 
_citation.details                   ? 
_citation.id                        primary 
_citation.journal_abbrev            'Rsc Med Chem' 
_citation.journal_id_ASTM           ? 
_citation.journal_id_CSD            ? 
_citation.journal_id_ISSN           2632-8682 
_citation.journal_full              ? 
_citation.journal_issue             ? 
_citation.journal_volume            14 
_citation.language                  ? 
_citation.page_first                491 
_citation.page_last                 500 
_citation.title                     
'The Mycobacterium tuberculosis mycothiol S -transferase is divalent metal-dependent for mycothiol binding and transfer.' 
_citation.year                      2023 
_citation.database_id_CSD           ? 
_citation.pdbx_database_id_DOI      10.1039/d2md00401a 
_citation.pdbx_database_id_PubMed   36970142 
_citation.pdbx_database_id_patent   ? 
_citation.unpublished_flag          ? 
# 
loop_
_citation_author.citation_id 
_citation_author.name 
_citation_author.ordinal 
_citation_author.identifier_ORCID 
primary 'Jayasinghe, Y.P.'   1 0000-0002-9313-8759 
primary 'Banco, M.T.'        2 ?                   
primary 'Lindenberger, J.J.' 3 ?                   
primary 'Favrot, L.'         4 ?                   
primary 'Palcekova, Z.'      5 ?                   
primary 'Jackson, M.'        6 ?                   
primary 'Manabe, S.'         7 0000-0002-2763-1414 
primary 'Ronning, D.R.'      8 0000-0003-2583-8849 
# 
loop_
_entity.id 
_entity.type 
_entity.src_method 
_entity.pdbx_description 
_entity.formula_weight 
_entity.pdbx_number_of_molecules 
_entity.pdbx_ec 
_entity.pdbx_mutation 
_entity.pdbx_fragment 
_entity.details 
1 polymer     man Mycothiol-S-transferase 18789.979 1   ? ? ? ? 
2 non-polymer syn 'CHLORIDE ION'          35.453    1   ? ? ? ? 
3 water       nat water                   18.015    213 ? ? ? ? 
# 
_entity_poly.entity_id                      1 
_entity_poly.type                           'polypeptide(L)' 
_entity_poly.nstd_linkage                   no 
_entity_poly.nstd_monomer                   no 
_entity_poly.pdbx_seq_one_letter_code       
;PASTDAAAQELLRDAFTRLIEHVDELTDGLTDQLACYRPTPSANSIAWLLWHSARVQDIQVAHVAGVEEVWTRDGWVDRF
GLDLPRHDTGYGHRPEDVAKVRAPADLLSGYYHAVHKLTLEYIAGMTADELSRVVDTSWNPPVTVSARLVSIVDDCAQHL
GQAAYLRGIA
;
_entity_poly.pdbx_seq_one_letter_code_can   
;PASTDAAAQELLRDAFTRLIEHVDELTDGLTDQLACYRPTPSANSIAWLLWHSARVQDIQVAHVAGVEEVWTRDGWVDRF
GLDLPRHDTGYGHRPEDVAKVRAPADLLSGYYHAVHKLTLEYIAGMTADELSRVVDTSWNPPVTVSARLVSIVDDCAQHL
GQAAYLRGIA
;
_entity_poly.pdbx_strand_id                 A 
_entity_poly.pdbx_target_identifier         ? 
# 
loop_
_pdbx_entity_nonpoly.entity_id 
_pdbx_entity_nonpoly.name 
_pdbx_entity_nonpoly.comp_id 
2 'CHLORIDE ION' CL  
3 water          HOH 
# 
loop_
_entity_poly_seq.entity_id 
_entity_poly_seq.num 
_entity_poly_seq.mon_id 
_entity_poly_seq.hetero 
1 1   PRO n 
1 2   ALA n 
1 3   SER n 
1 4   THR n 
1 5   ASP n 
1 6   ALA n 
1 7   ALA n 
1 8   ALA n 
1 9   GLN n 
1 10  GLU n 
1 11  LEU n 
1 12  LEU n 
1 13  ARG n 
1 14  ASP n 
1 15  ALA n 
1 16  PHE n 
1 17  THR n 
1 18  ARG n 
1 19  LEU n 
1 20  ILE n 
1 21  GLU n 
1 22  HIS n 
1 23  VAL n 
1 24  ASP n 
1 25  GLU n 
1 26  LEU n 
1 27  THR n 
1 28  ASP n 
1 29  GLY n 
1 30  LEU n 
1 31  THR n 
1 32  ASP n 
1 33  GLN n 
1 34  LEU n 
1 35  ALA n 
1 36  CYS n 
1 37  TYR n 
1 38  ARG n 
1 39  PRO n 
1 40  THR n 
1 41  PRO n 
1 42  SER n 
1 43  ALA n 
1 44  ASN n 
1 45  SER n 
1 46  ILE n 
1 47  ALA n 
1 48  TRP n 
1 49  LEU n 
1 50  LEU n 
1 51  TRP n 
1 52  HIS n 
1 53  SER n 
1 54  ALA n 
1 55  ARG n 
1 56  VAL n 
1 57  GLN n 
1 58  ASP n 
1 59  ILE n 
1 60  GLN n 
1 61  VAL n 
1 62  ALA n 
1 63  HIS n 
1 64  VAL n 
1 65  ALA n 
1 66  GLY n 
1 67  VAL n 
1 68  GLU n 
1 69  GLU n 
1 70  VAL n 
1 71  TRP n 
1 72  THR n 
1 73  ARG n 
1 74  ASP n 
1 75  GLY n 
1 76  TRP n 
1 77  VAL n 
1 78  ASP n 
1 79  ARG n 
1 80  PHE n 
1 81  GLY n 
1 82  LEU n 
1 83  ASP n 
1 84  LEU n 
1 85  PRO n 
1 86  ARG n 
1 87  HIS n 
1 88  ASP n 
1 89  THR n 
1 90  GLY n 
1 91  TYR n 
1 92  GLY n 
1 93  HIS n 
1 94  ARG n 
1 95  PRO n 
1 96  GLU n 
1 97  ASP n 
1 98  VAL n 
1 99  ALA n 
1 100 LYS n 
1 101 VAL n 
1 102 ARG n 
1 103 ALA n 
1 104 PRO n 
1 105 ALA n 
1 106 ASP n 
1 107 LEU n 
1 108 LEU n 
1 109 SER n 
1 110 GLY n 
1 111 TYR n 
1 112 TYR n 
1 113 HIS n 
1 114 ALA n 
1 115 VAL n 
1 116 HIS n 
1 117 LYS n 
1 118 LEU n 
1 119 THR n 
1 120 LEU n 
1 121 GLU n 
1 122 TYR n 
1 123 ILE n 
1 124 ALA n 
1 125 GLY n 
1 126 MET n 
1 127 THR n 
1 128 ALA n 
1 129 ASP n 
1 130 GLU n 
1 131 LEU n 
1 132 SER n 
1 133 ARG n 
1 134 VAL n 
1 135 VAL n 
1 136 ASP n 
1 137 THR n 
1 138 SER n 
1 139 TRP n 
1 140 ASN n 
1 141 PRO n 
1 142 PRO n 
1 143 VAL n 
1 144 THR n 
1 145 VAL n 
1 146 SER n 
1 147 ALA n 
1 148 ARG n 
1 149 LEU n 
1 150 VAL n 
1 151 SER n 
1 152 ILE n 
1 153 VAL n 
1 154 ASP n 
1 155 ASP n 
1 156 CYS n 
1 157 ALA n 
1 158 GLN n 
1 159 HIS n 
1 160 LEU n 
1 161 GLY n 
1 162 GLN n 
1 163 ALA n 
1 164 ALA n 
1 165 TYR n 
1 166 LEU n 
1 167 ARG n 
1 168 GLY n 
1 169 ILE n 
1 170 ALA n 
# 
_entity_src_gen.entity_id                          1 
_entity_src_gen.pdbx_src_id                        1 
_entity_src_gen.pdbx_alt_source_flag               sample 
_entity_src_gen.pdbx_seq_type                      'Biological sequence' 
_entity_src_gen.pdbx_beg_seq_num                   1 
_entity_src_gen.pdbx_end_seq_num                   170 
_entity_src_gen.gene_src_common_name               ? 
_entity_src_gen.gene_src_genus                     ? 
_entity_src_gen.pdbx_gene_src_gene                 Rv0443 
_entity_src_gen.gene_src_species                   ? 
_entity_src_gen.gene_src_strain                    ? 
_entity_src_gen.gene_src_tissue                    ? 
_entity_src_gen.gene_src_tissue_fraction           ? 
_entity_src_gen.gene_src_details                   ? 
_entity_src_gen.pdbx_gene_src_fragment             ? 
_entity_src_gen.pdbx_gene_src_scientific_name      'Mycobacterium tuberculosis' 
_entity_src_gen.pdbx_gene_src_ncbi_taxonomy_id     1773 
_entity_src_gen.pdbx_gene_src_variant              ? 
_entity_src_gen.pdbx_gene_src_cell_line            ? 
_entity_src_gen.pdbx_gene_src_atcc                 ? 
_entity_src_gen.pdbx_gene_src_organ                ? 
_entity_src_gen.pdbx_gene_src_organelle            ? 
_entity_src_gen.pdbx_gene_src_cell                 ? 
_entity_src_gen.pdbx_gene_src_cellular_location    ? 
_entity_src_gen.host_org_common_name               ? 
_entity_src_gen.pdbx_host_org_scientific_name      'Escherichia coli' 
_entity_src_gen.pdbx_host_org_ncbi_taxonomy_id     562 
_entity_src_gen.host_org_genus                     ? 
_entity_src_gen.pdbx_host_org_gene                 ? 
_entity_src_gen.pdbx_host_org_organ                ? 
_entity_src_gen.host_org_species                   ? 
_entity_src_gen.pdbx_host_org_tissue               ? 
_entity_src_gen.pdbx_host_org_tissue_fraction      ? 
_entity_src_gen.pdbx_host_org_strain               ? 
_entity_src_gen.pdbx_host_org_variant              ? 
_entity_src_gen.pdbx_host_org_cell_line            ? 
_entity_src_gen.pdbx_host_org_atcc                 ? 
_entity_src_gen.pdbx_host_org_culture_collection   ? 
_entity_src_gen.pdbx_host_org_cell                 ? 
_entity_src_gen.pdbx_host_org_organelle            ? 
_entity_src_gen.pdbx_host_org_cellular_location    ? 
_entity_src_gen.pdbx_host_org_vector_type          ? 
_entity_src_gen.pdbx_host_org_vector               ? 
_entity_src_gen.host_org_details                   ? 
_entity_src_gen.expression_system_id               ? 
_entity_src_gen.plasmid_name                       ? 
_entity_src_gen.plasmid_details                    ? 
_entity_src_gen.pdbx_description                   ? 
# 
loop_
_chem_comp.id 
_chem_comp.type 
_chem_comp.mon_nstd_flag 
_chem_comp.name 
_chem_comp.pdbx_synonyms 
_chem_comp.formula 
_chem_comp.formula_weight 
ALA 'L-peptide linking' y ALANINE         ? 'C3 H7 N O2'     89.093  
ARG 'L-peptide linking' y ARGININE        ? 'C6 H15 N4 O2 1' 175.209 
ASN 'L-peptide linking' y ASPARAGINE      ? 'C4 H8 N2 O3'    132.118 
ASP 'L-peptide linking' y 'ASPARTIC ACID' ? 'C4 H7 N O4'     133.103 
CL  non-polymer         . 'CHLORIDE ION'  ? 'Cl -1'          35.453  
CYS 'L-peptide linking' y CYSTEINE        ? 'C3 H7 N O2 S'   121.158 
GLN 'L-peptide linking' y GLUTAMINE       ? 'C5 H10 N2 O3'   146.144 
GLU 'L-peptide linking' y 'GLUTAMIC ACID' ? 'C5 H9 N O4'     147.129 
GLY 'peptide linking'   y GLYCINE         ? 'C2 H5 N O2'     75.067  
HIS 'L-peptide linking' y HISTIDINE       ? 'C6 H10 N3 O2 1' 156.162 
HOH non-polymer         . WATER           ? 'H2 O'           18.015  
ILE 'L-peptide linking' y ISOLEUCINE      ? 'C6 H13 N O2'    131.173 
LEU 'L-peptide linking' y LEUCINE         ? 'C6 H13 N O2'    131.173 
LYS 'L-peptide linking' y LYSINE          ? 'C6 H15 N2 O2 1' 147.195 
MET 'L-peptide linking' y METHIONINE      ? 'C5 H11 N O2 S'  149.211 
PHE 'L-peptide linking' y PHENYLALANINE   ? 'C9 H11 N O2'    165.189 
PRO 'L-peptide linking' y PROLINE         ? 'C5 H9 N O2'     115.130 
SER 'L-peptide linking' y SERINE          ? 'C3 H7 N O3'     105.093 
THR 'L-peptide linking' y THREONINE       ? 'C4 H9 N O3'     119.119 
TRP 'L-peptide linking' y TRYPTOPHAN      ? 'C11 H12 N2 O2'  204.225 
TYR 'L-peptide linking' y TYROSINE        ? 'C9 H11 N O3'    181.189 
VAL 'L-peptide linking' y VALINE          ? 'C5 H11 N O2'    117.146 
# 
loop_
_pdbx_poly_seq_scheme.asym_id 
_pdbx_poly_seq_scheme.entity_id 
_pdbx_poly_seq_scheme.seq_id 
_pdbx_poly_seq_scheme.mon_id 
_pdbx_poly_seq_scheme.ndb_seq_num 
_pdbx_poly_seq_scheme.pdb_seq_num 
_pdbx_poly_seq_scheme.auth_seq_num 
_pdbx_poly_seq_scheme.pdb_mon_id 
_pdbx_poly_seq_scheme.auth_mon_id 
_pdbx_poly_seq_scheme.pdb_strand_id 
_pdbx_poly_seq_scheme.pdb_ins_code 
_pdbx_poly_seq_scheme.hetero 
A 1 1   PRO 1   1   1   PRO PRO A . n 
A 1 2   ALA 2   2   2   ALA ALA A . n 
A 1 3   SER 3   3   3   SER SER A . n 
A 1 4   THR 4   4   4   THR THR A . n 
A 1 5   ASP 5   5   5   ASP ASP A . n 
A 1 6   ALA 6   6   6   ALA ALA A . n 
A 1 7   ALA 7   7   7   ALA ALA A . n 
A 1 8   ALA 8   8   8   ALA ALA A . n 
A 1 9   GLN 9   9   9   GLN GLN A . n 
A 1 10  GLU 10  10  10  GLU GLU A . n 
A 1 11  LEU 11  11  11  LEU LEU A . n 
A 1 12  LEU 12  12  12  LEU LEU A . n 
A 1 13  ARG 13  13  13  ARG ARG A . n 
A 1 14  ASP 14  14  14  ASP ASP A . n 
A 1 15  ALA 15  15  15  ALA ALA A . n 
A 1 16  PHE 16  16  16  PHE PHE A . n 
A 1 17  THR 17  17  17  THR THR A . n 
A 1 18  ARG 18  18  18  ARG ARG A . n 
A 1 19  LEU 19  19  19  LEU LEU A . n 
A 1 20  ILE 20  20  20  ILE ILE A . n 
A 1 21  GLU 21  21  21  GLU GLU A . n 
A 1 22  HIS 22  22  22  HIS HIS A . n 
A 1 23  VAL 23  23  23  VAL VAL A . n 
A 1 24  ASP 24  24  24  ASP ASP A . n 
A 1 25  GLU 25  25  25  GLU GLU A . n 
A 1 26  LEU 26  26  26  LEU LEU A . n 
A 1 27  THR 27  27  27  THR THR A . n 
A 1 28  ASP 28  28  28  ASP ASP A . n 
A 1 29  GLY 29  29  29  GLY GLY A . n 
A 1 30  LEU 30  30  30  LEU LEU A . n 
A 1 31  THR 31  31  31  THR THR A . n 
A 1 32  ASP 32  32  32  ASP ASP A . n 
A 1 33  GLN 33  33  33  GLN GLN A . n 
A 1 34  LEU 34  34  34  LEU LEU A . n 
A 1 35  ALA 35  35  35  ALA ALA A . n 
A 1 36  CYS 36  36  36  CYS CYS A . n 
A 1 37  TYR 37  37  37  TYR TYR A . n 
A 1 38  ARG 38  38  38  ARG ARG A . n 
A 1 39  PRO 39  39  39  PRO PRO A . n 
A 1 40  THR 40  40  40  THR THR A . n 
A 1 41  PRO 41  41  41  PRO PRO A . n 
A 1 42  SER 42  42  42  SER SER A . n 
A 1 43  ALA 43  43  43  ALA ALA A . n 
A 1 44  ASN 44  44  44  ASN ASN A . n 
A 1 45  SER 45  45  45  SER SER A . n 
A 1 46  ILE 46  46  46  ILE ILE A . n 
A 1 47  ALA 47  47  47  ALA ALA A . n 
A 1 48  TRP 48  48  48  TRP TRP A . n 
A 1 49  LEU 49  49  49  LEU LEU A . n 
A 1 50  LEU 50  50  50  LEU LEU A . n 
A 1 51  TRP 51  51  51  TRP TRP A . n 
A 1 52  HIS 52  52  52  HIS HIS A . n 
A 1 53  SER 53  53  53  SER SER A . n 
A 1 54  ALA 54  54  54  ALA ALA A . n 
A 1 55  ARG 55  55  55  ARG ARG A . n 
A 1 56  VAL 56  56  56  VAL VAL A . n 
A 1 57  GLN 57  57  57  GLN GLN A . n 
A 1 58  ASP 58  58  58  ASP ASP A . n 
A 1 59  ILE 59  59  59  ILE ILE A . n 
A 1 60  GLN 60  60  60  GLN GLN A . n 
A 1 61  VAL 61  61  61  VAL VAL A . n 
A 1 62  ALA 62  62  62  ALA ALA A . n 
A 1 63  HIS 63  63  63  HIS HIS A . n 
A 1 64  VAL 64  64  64  VAL VAL A . n 
A 1 65  ALA 65  65  65  ALA ALA A . n 
A 1 66  GLY 66  66  66  GLY GLY A . n 
A 1 67  VAL 67  67  67  VAL VAL A . n 
A 1 68  GLU 68  68  68  GLU GLU A . n 
A 1 69  GLU 69  69  69  GLU GLU A . n 
A 1 70  VAL 70  70  70  VAL VAL A . n 
A 1 71  TRP 71  71  71  TRP TRP A . n 
A 1 72  THR 72  72  72  THR THR A . n 
A 1 73  ARG 73  73  73  ARG ARG A . n 
A 1 74  ASP 74  74  74  ASP ASP A . n 
A 1 75  GLY 75  75  75  GLY GLY A . n 
A 1 76  TRP 76  76  76  TRP TRP A . n 
A 1 77  VAL 77  77  77  VAL VAL A . n 
A 1 78  ASP 78  78  78  ASP ASP A . n 
A 1 79  ARG 79  79  79  ARG ARG A . n 
A 1 80  PHE 80  80  80  PHE PHE A . n 
A 1 81  GLY 81  81  81  GLY GLY A . n 
A 1 82  LEU 82  82  82  LEU LEU A . n 
A 1 83  ASP 83  83  83  ASP ASP A . n 
A 1 84  LEU 84  84  84  LEU LEU A . n 
A 1 85  PRO 85  85  85  PRO PRO A . n 
A 1 86  ARG 86  86  86  ARG ARG A . n 
A 1 87  HIS 87  87  87  HIS HIS A . n 
A 1 88  ASP 88  88  88  ASP ASP A . n 
A 1 89  THR 89  89  89  THR THR A . n 
A 1 90  GLY 90  90  90  GLY GLY A . n 
A 1 91  TYR 91  91  91  TYR TYR A . n 
A 1 92  GLY 92  92  92  GLY GLY A . n 
A 1 93  HIS 93  93  93  HIS HIS A . n 
A 1 94  ARG 94  94  94  ARG ARG A . n 
A 1 95  PRO 95  95  95  PRO PRO A . n 
A 1 96  GLU 96  96  96  GLU GLU A . n 
A 1 97  ASP 97  97  97  ASP ASP A . n 
A 1 98  VAL 98  98  98  VAL VAL A . n 
A 1 99  ALA 99  99  99  ALA ALA A . n 
A 1 100 LYS 100 100 100 LYS LYS A . n 
A 1 101 VAL 101 101 101 VAL VAL A . n 
A 1 102 ARG 102 102 102 ARG ARG A . n 
A 1 103 ALA 103 103 103 ALA ALA A . n 
A 1 104 PRO 104 104 104 PRO PRO A . n 
A 1 105 ALA 105 105 105 ALA ALA A . n 
A 1 106 ASP 106 106 106 ASP ASP A . n 
A 1 107 LEU 107 107 107 LEU LEU A . n 
A 1 108 LEU 108 108 108 LEU LEU A . n 
A 1 109 SER 109 109 109 SER SER A . n 
A 1 110 GLY 110 110 110 GLY GLY A . n 
A 1 111 TYR 111 111 111 TYR TYR A . n 
A 1 112 TYR 112 112 112 TYR TYR A . n 
A 1 113 HIS 113 113 113 HIS HIS A . n 
A 1 114 ALA 114 114 114 ALA ALA A . n 
A 1 115 VAL 115 115 115 VAL VAL A . n 
A 1 116 HIS 116 116 116 HIS HIS A . n 
A 1 117 LYS 117 117 117 LYS LYS A . n 
A 1 118 LEU 118 118 118 LEU LEU A . n 
A 1 119 THR 119 119 119 THR THR A . n 
A 1 120 LEU 120 120 120 LEU LEU A . n 
A 1 121 GLU 121 121 121 GLU GLU A . n 
A 1 122 TYR 122 122 122 TYR TYR A . n 
A 1 123 ILE 123 123 123 ILE ILE A . n 
A 1 124 ALA 124 124 124 ALA ALA A . n 
A 1 125 GLY 125 125 125 GLY GLY A . n 
A 1 126 MET 126 126 126 MET MET A . n 
A 1 127 THR 127 127 127 THR THR A . n 
A 1 128 ALA 128 128 128 ALA ALA A . n 
A 1 129 ASP 129 129 129 ASP ASP A . n 
A 1 130 GLU 130 130 130 GLU GLU A . n 
A 1 131 LEU 131 131 131 LEU LEU A . n 
A 1 132 SER 132 132 132 SER SER A . n 
A 1 133 ARG 133 133 133 ARG ARG A . n 
A 1 134 VAL 134 134 134 VAL VAL A . n 
A 1 135 VAL 135 135 135 VAL VAL A . n 
A 1 136 ASP 136 136 136 ASP ASP A . n 
A 1 137 THR 137 137 137 THR THR A . n 
A 1 138 SER 138 138 138 SER SER A . n 
A 1 139 TRP 139 139 139 TRP TRP A . n 
A 1 140 ASN 140 140 140 ASN ASN A . n 
A 1 141 PRO 141 141 141 PRO PRO A . n 
A 1 142 PRO 142 142 142 PRO PRO A . n 
A 1 143 VAL 143 143 143 VAL VAL A . n 
A 1 144 THR 144 144 144 THR THR A . n 
A 1 145 VAL 145 145 145 VAL VAL A . n 
A 1 146 SER 146 146 146 SER SER A . n 
A 1 147 ALA 147 147 147 ALA ALA A . n 
A 1 148 ARG 148 148 148 ARG ARG A . n 
A 1 149 LEU 149 149 149 LEU LEU A . n 
A 1 150 VAL 150 150 150 VAL VAL A . n 
A 1 151 SER 151 151 151 SER SER A . n 
A 1 152 ILE 152 152 152 ILE ILE A . n 
A 1 153 VAL 153 153 153 VAL VAL A . n 
A 1 154 ASP 154 154 154 ASP ASP A . n 
A 1 155 ASP 155 155 155 ASP ASP A . n 
A 1 156 CYS 156 156 156 CYS CYS A . n 
A 1 157 ALA 157 157 157 ALA ALA A . n 
A 1 158 GLN 158 158 158 GLN GLN A . n 
A 1 159 HIS 159 159 159 HIS HIS A . n 
A 1 160 LEU 160 160 160 LEU LEU A . n 
A 1 161 GLY 161 161 161 GLY GLY A . n 
A 1 162 GLN 162 162 162 GLN GLN A . n 
A 1 163 ALA 163 163 163 ALA ALA A . n 
A 1 164 ALA 164 164 164 ALA ALA A . n 
A 1 165 TYR 165 165 165 TYR TYR A . n 
A 1 166 LEU 166 166 166 LEU LEU A . n 
A 1 167 ARG 167 167 167 ARG ARG A . n 
A 1 168 GLY 168 168 168 GLY GLY A . n 
A 1 169 ILE 169 169 169 ILE ILE A . n 
A 1 170 ALA 170 170 170 ALA ALA A . n 
# 
loop_
_pdbx_nonpoly_scheme.asym_id 
_pdbx_nonpoly_scheme.entity_id 
_pdbx_nonpoly_scheme.mon_id 
_pdbx_nonpoly_scheme.ndb_seq_num 
_pdbx_nonpoly_scheme.pdb_seq_num 
_pdbx_nonpoly_scheme.auth_seq_num 
_pdbx_nonpoly_scheme.pdb_mon_id 
_pdbx_nonpoly_scheme.auth_mon_id 
_pdbx_nonpoly_scheme.pdb_strand_id 
_pdbx_nonpoly_scheme.pdb_ins_code 
B 2 CL  1   201 1   CL  CL  A . 
C 3 HOH 1   301 100 HOH HOH A . 
C 3 HOH 2   302 132 HOH HOH A . 
C 3 HOH 3   303 154 HOH HOH A . 
C 3 HOH 4   304 129 HOH HOH A . 
C 3 HOH 5   305 97  HOH HOH A . 
C 3 HOH 6   306 57  HOH HOH A . 
C 3 HOH 7   307 94  HOH HOH A . 
C 3 HOH 8   308 75  HOH HOH A . 
C 3 HOH 9   309 173 HOH HOH A . 
C 3 HOH 10  310 81  HOH HOH A . 
C 3 HOH 11  311 235 HOH HOH A . 
C 3 HOH 12  312 116 HOH HOH A . 
C 3 HOH 13  313 23  HOH HOH A . 
C 3 HOH 14  314 74  HOH HOH A . 
C 3 HOH 15  315 125 HOH HOH A . 
C 3 HOH 16  316 133 HOH HOH A . 
C 3 HOH 17  317 189 HOH HOH A . 
C 3 HOH 18  318 73  HOH HOH A . 
C 3 HOH 19  319 85  HOH HOH A . 
C 3 HOH 20  320 123 HOH HOH A . 
C 3 HOH 21  321 38  HOH HOH A . 
C 3 HOH 22  322 144 HOH HOH A . 
C 3 HOH 23  323 55  HOH HOH A . 
C 3 HOH 24  324 92  HOH HOH A . 
C 3 HOH 25  325 175 HOH HOH A . 
C 3 HOH 26  326 90  HOH HOH A . 
C 3 HOH 27  327 3   HOH HOH A . 
C 3 HOH 28  328 15  HOH HOH A . 
C 3 HOH 29  329 88  HOH HOH A . 
C 3 HOH 30  330 78  HOH HOH A . 
C 3 HOH 31  331 6   HOH HOH A . 
C 3 HOH 32  332 174 HOH HOH A . 
C 3 HOH 33  333 70  HOH HOH A . 
C 3 HOH 34  334 56  HOH HOH A . 
C 3 HOH 35  335 95  HOH HOH A . 
C 3 HOH 36  336 198 HOH HOH A . 
C 3 HOH 37  337 105 HOH HOH A . 
C 3 HOH 38  338 139 HOH HOH A . 
C 3 HOH 39  339 12  HOH HOH A . 
C 3 HOH 40  340 107 HOH HOH A . 
C 3 HOH 41  341 63  HOH HOH A . 
C 3 HOH 42  342 39  HOH HOH A . 
C 3 HOH 43  343 203 HOH HOH A . 
C 3 HOH 44  344 80  HOH HOH A . 
C 3 HOH 45  345 52  HOH HOH A . 
C 3 HOH 46  346 35  HOH HOH A . 
C 3 HOH 47  347 195 HOH HOH A . 
C 3 HOH 48  348 181 HOH HOH A . 
C 3 HOH 49  349 112 HOH HOH A . 
C 3 HOH 50  350 7   HOH HOH A . 
C 3 HOH 51  351 59  HOH HOH A . 
C 3 HOH 52  352 5   HOH HOH A . 
C 3 HOH 53  353 4   HOH HOH A . 
C 3 HOH 54  354 20  HOH HOH A . 
C 3 HOH 55  355 36  HOH HOH A . 
C 3 HOH 56  356 86  HOH HOH A . 
C 3 HOH 57  357 104 HOH HOH A . 
C 3 HOH 58  358 47  HOH HOH A . 
C 3 HOH 59  359 131 HOH HOH A . 
C 3 HOH 60  360 49  HOH HOH A . 
C 3 HOH 61  361 46  HOH HOH A . 
C 3 HOH 62  362 134 HOH HOH A . 
C 3 HOH 63  363 40  HOH HOH A . 
C 3 HOH 64  364 8   HOH HOH A . 
C 3 HOH 65  365 11  HOH HOH A . 
C 3 HOH 66  366 215 HOH HOH A . 
C 3 HOH 67  367 84  HOH HOH A . 
C 3 HOH 68  368 10  HOH HOH A . 
C 3 HOH 69  369 2   HOH HOH A . 
C 3 HOH 70  370 221 HOH HOH A . 
C 3 HOH 71  371 60  HOH HOH A . 
C 3 HOH 72  372 108 HOH HOH A . 
C 3 HOH 73  373 156 HOH HOH A . 
C 3 HOH 74  374 109 HOH HOH A . 
C 3 HOH 75  375 66  HOH HOH A . 
C 3 HOH 76  376 126 HOH HOH A . 
C 3 HOH 77  377 176 HOH HOH A . 
C 3 HOH 78  378 202 HOH HOH A . 
C 3 HOH 79  379 91  HOH HOH A . 
C 3 HOH 80  380 127 HOH HOH A . 
C 3 HOH 81  381 135 HOH HOH A . 
C 3 HOH 82  382 16  HOH HOH A . 
C 3 HOH 83  383 19  HOH HOH A . 
C 3 HOH 84  384 42  HOH HOH A . 
C 3 HOH 85  385 13  HOH HOH A . 
C 3 HOH 86  386 30  HOH HOH A . 
C 3 HOH 87  387 146 HOH HOH A . 
C 3 HOH 88  388 222 HOH HOH A . 
C 3 HOH 89  389 103 HOH HOH A . 
C 3 HOH 90  390 21  HOH HOH A . 
C 3 HOH 91  391 83  HOH HOH A . 
C 3 HOH 92  392 22  HOH HOH A . 
C 3 HOH 93  393 65  HOH HOH A . 
C 3 HOH 94  394 34  HOH HOH A . 
C 3 HOH 95  395 106 HOH HOH A . 
C 3 HOH 96  396 102 HOH HOH A . 
C 3 HOH 97  397 138 HOH HOH A . 
C 3 HOH 98  398 9   HOH HOH A . 
C 3 HOH 99  399 41  HOH HOH A . 
C 3 HOH 100 400 31  HOH HOH A . 
C 3 HOH 101 401 51  HOH HOH A . 
C 3 HOH 102 402 87  HOH HOH A . 
C 3 HOH 103 403 29  HOH HOH A . 
C 3 HOH 104 404 72  HOH HOH A . 
C 3 HOH 105 405 208 HOH HOH A . 
C 3 HOH 106 406 79  HOH HOH A . 
C 3 HOH 107 407 140 HOH HOH A . 
C 3 HOH 108 408 141 HOH HOH A . 
C 3 HOH 109 409 182 HOH HOH A . 
C 3 HOH 110 410 58  HOH HOH A . 
C 3 HOH 111 411 17  HOH HOH A . 
C 3 HOH 112 412 64  HOH HOH A . 
C 3 HOH 113 413 25  HOH HOH A . 
C 3 HOH 114 414 33  HOH HOH A . 
C 3 HOH 115 415 184 HOH HOH A . 
C 3 HOH 116 416 110 HOH HOH A . 
C 3 HOH 117 417 165 HOH HOH A . 
C 3 HOH 118 418 18  HOH HOH A . 
C 3 HOH 119 419 101 HOH HOH A . 
C 3 HOH 120 420 44  HOH HOH A . 
C 3 HOH 121 421 212 HOH HOH A . 
C 3 HOH 122 422 28  HOH HOH A . 
C 3 HOH 123 423 50  HOH HOH A . 
C 3 HOH 124 424 27  HOH HOH A . 
C 3 HOH 125 425 157 HOH HOH A . 
C 3 HOH 126 426 213 HOH HOH A . 
C 3 HOH 127 427 210 HOH HOH A . 
C 3 HOH 128 428 111 HOH HOH A . 
C 3 HOH 129 429 228 HOH HOH A . 
C 3 HOH 130 430 48  HOH HOH A . 
C 3 HOH 131 431 229 HOH HOH A . 
C 3 HOH 132 432 37  HOH HOH A . 
C 3 HOH 133 433 67  HOH HOH A . 
C 3 HOH 134 434 230 HOH HOH A . 
C 3 HOH 135 435 187 HOH HOH A . 
C 3 HOH 136 436 122 HOH HOH A . 
C 3 HOH 137 437 163 HOH HOH A . 
C 3 HOH 138 438 142 HOH HOH A . 
C 3 HOH 139 439 205 HOH HOH A . 
C 3 HOH 140 440 171 HOH HOH A . 
C 3 HOH 141 441 69  HOH HOH A . 
C 3 HOH 142 442 168 HOH HOH A . 
C 3 HOH 143 443 224 HOH HOH A . 
C 3 HOH 144 444 93  HOH HOH A . 
C 3 HOH 145 445 219 HOH HOH A . 
C 3 HOH 146 446 200 HOH HOH A . 
C 3 HOH 147 447 217 HOH HOH A . 
C 3 HOH 148 448 145 HOH HOH A . 
C 3 HOH 149 449 71  HOH HOH A . 
C 3 HOH 150 450 82  HOH HOH A . 
C 3 HOH 151 451 186 HOH HOH A . 
C 3 HOH 152 452 209 HOH HOH A . 
C 3 HOH 153 453 206 HOH HOH A . 
C 3 HOH 154 454 24  HOH HOH A . 
C 3 HOH 155 455 196 HOH HOH A . 
C 3 HOH 156 456 190 HOH HOH A . 
C 3 HOH 157 457 155 HOH HOH A . 
C 3 HOH 158 458 120 HOH HOH A . 
C 3 HOH 159 459 199 HOH HOH A . 
C 3 HOH 160 460 225 HOH HOH A . 
C 3 HOH 161 461 180 HOH HOH A . 
C 3 HOH 162 462 220 HOH HOH A . 
C 3 HOH 163 463 99  HOH HOH A . 
C 3 HOH 164 464 234 HOH HOH A . 
C 3 HOH 165 465 188 HOH HOH A . 
C 3 HOH 166 466 183 HOH HOH A . 
C 3 HOH 167 467 201 HOH HOH A . 
C 3 HOH 168 468 124 HOH HOH A . 
C 3 HOH 169 469 113 HOH HOH A . 
C 3 HOH 170 470 14  HOH HOH A . 
C 3 HOH 171 471 178 HOH HOH A . 
C 3 HOH 172 472 130 HOH HOH A . 
C 3 HOH 173 473 223 HOH HOH A . 
C 3 HOH 174 474 143 HOH HOH A . 
C 3 HOH 175 475 115 HOH HOH A . 
C 3 HOH 176 476 148 HOH HOH A . 
C 3 HOH 177 477 179 HOH HOH A . 
C 3 HOH 178 478 114 HOH HOH A . 
C 3 HOH 179 479 160 HOH HOH A . 
C 3 HOH 180 480 128 HOH HOH A . 
C 3 HOH 181 481 162 HOH HOH A . 
C 3 HOH 182 482 77  HOH HOH A . 
C 3 HOH 183 483 61  HOH HOH A . 
C 3 HOH 184 484 147 HOH HOH A . 
C 3 HOH 185 485 227 HOH HOH A . 
C 3 HOH 186 486 226 HOH HOH A . 
C 3 HOH 187 487 193 HOH HOH A . 
C 3 HOH 188 488 167 HOH HOH A . 
C 3 HOH 189 489 166 HOH HOH A . 
C 3 HOH 190 490 161 HOH HOH A . 
C 3 HOH 191 491 233 HOH HOH A . 
C 3 HOH 192 492 76  HOH HOH A . 
C 3 HOH 193 493 169 HOH HOH A . 
C 3 HOH 194 494 45  HOH HOH A . 
C 3 HOH 195 495 232 HOH HOH A . 
C 3 HOH 196 496 149 HOH HOH A . 
C 3 HOH 197 497 151 HOH HOH A . 
C 3 HOH 198 498 216 HOH HOH A . 
C 3 HOH 199 499 98  HOH HOH A . 
C 3 HOH 200 500 62  HOH HOH A . 
C 3 HOH 201 501 117 HOH HOH A . 
C 3 HOH 202 502 172 HOH HOH A . 
C 3 HOH 203 503 204 HOH HOH A . 
C 3 HOH 204 504 118 HOH HOH A . 
C 3 HOH 205 505 152 HOH HOH A . 
C 3 HOH 206 506 185 HOH HOH A . 
C 3 HOH 207 507 177 HOH HOH A . 
C 3 HOH 208 508 170 HOH HOH A . 
C 3 HOH 209 509 194 HOH HOH A . 
C 3 HOH 210 510 158 HOH HOH A . 
C 3 HOH 211 511 136 HOH HOH A . 
C 3 HOH 212 512 164 HOH HOH A . 
C 3 HOH 213 513 96  HOH HOH A . 
# 
loop_
_pdbx_unobs_or_zero_occ_atoms.id 
_pdbx_unobs_or_zero_occ_atoms.PDB_model_num 
_pdbx_unobs_or_zero_occ_atoms.polymer_flag 
_pdbx_unobs_or_zero_occ_atoms.occupancy_flag 
_pdbx_unobs_or_zero_occ_atoms.auth_asym_id 
_pdbx_unobs_or_zero_occ_atoms.auth_comp_id 
_pdbx_unobs_or_zero_occ_atoms.auth_seq_id 
_pdbx_unobs_or_zero_occ_atoms.PDB_ins_code 
_pdbx_unobs_or_zero_occ_atoms.auth_atom_id 
_pdbx_unobs_or_zero_occ_atoms.label_alt_id 
_pdbx_unobs_or_zero_occ_atoms.label_asym_id 
_pdbx_unobs_or_zero_occ_atoms.label_comp_id 
_pdbx_unobs_or_zero_occ_atoms.label_seq_id 
_pdbx_unobs_or_zero_occ_atoms.label_atom_id 
1 1 Y 1 A THR 137 ? OG1 ? A THR 137 OG1 
2 1 Y 1 A THR 137 ? CG2 ? A THR 137 CG2 
# 
loop_
_software.citation_id 
_software.classification 
_software.compiler_name 
_software.compiler_version 
_software.contact_author 
_software.contact_author_email 
_software.date 
_software.description 
_software.dependencies 
_software.hardware 
_software.language 
_software.location 
_software.mods 
_software.name 
_software.os 
_software.os_version 
_software.type 
_software.version 
_software.pdbx_ordinal 
? refinement       ? ? ? ? ? ? ? ? ? ? ? PHENIX    ? ? ? 1.18.2-3874 1 
? 'data scaling'   ? ? ? ? ? ? ? ? ? ? ? SCALEPACK ? ? ? .           2 
? 'data reduction' ? ? ? ? ? ? ? ? ? ? ? HKL-2000  ? ? ? .           3 
? phasing          ? ? ? ? ? ? ? ? ? ? ? PHASER    ? ? ? .           4 
# 
_cell.angle_alpha                  90.00 
_cell.angle_alpha_esd              ? 
_cell.angle_beta                   90.00 
_cell.angle_beta_esd               ? 
_cell.angle_gamma                  90.00 
_cell.angle_gamma_esd              ? 
_cell.entry_id                     8FX9 
_cell.details                      ? 
_cell.formula_units_Z              ? 
_cell.length_a                     65.377 
_cell.length_a_esd                 ? 
_cell.length_b                     98.891 
_cell.length_b_esd                 ? 
_cell.length_c                     49.970 
_cell.length_c_esd                 ? 
_cell.volume                       ? 
_cell.volume_esd                   ? 
_cell.Z_PDB                        8 
_cell.reciprocal_angle_alpha       ? 
_cell.reciprocal_angle_beta        ? 
_cell.reciprocal_angle_gamma       ? 
_cell.reciprocal_angle_alpha_esd   ? 
_cell.reciprocal_angle_beta_esd    ? 
_cell.reciprocal_angle_gamma_esd   ? 
_cell.reciprocal_length_a          ? 
_cell.reciprocal_length_b          ? 
_cell.reciprocal_length_c          ? 
_cell.reciprocal_length_a_esd      ? 
_cell.reciprocal_length_b_esd      ? 
_cell.reciprocal_length_c_esd      ? 
_cell.pdbx_unique_axis             ? 
_cell.pdbx_esd_method              ? 
# 
_symmetry.entry_id                         8FX9 
_symmetry.cell_setting                     ? 
_symmetry.Int_Tables_number                20 
_symmetry.space_group_name_Hall            ? 
_symmetry.space_group_name_H-M             'C 2 2 21' 
_symmetry.pdbx_full_space_group_name_H-M   ? 
# 
_exptl.absorpt_coefficient_mu     ? 
_exptl.absorpt_correction_T_max   ? 
_exptl.absorpt_correction_T_min   ? 
_exptl.absorpt_correction_type    ? 
_exptl.absorpt_process_details    ? 
_exptl.entry_id                   8FX9 
_exptl.crystals_number            1 
_exptl.details                    ? 
_exptl.method                     'X-RAY DIFFRACTION' 
_exptl.method_details             ? 
# 
_exptl_crystal.colour                       ? 
_exptl_crystal.density_diffrn               ? 
_exptl_crystal.density_Matthews             2.15 
_exptl_crystal.density_method               ? 
_exptl_crystal.density_percent_sol          42.77 
_exptl_crystal.description                  ? 
_exptl_crystal.F_000                        ? 
_exptl_crystal.id                           1 
_exptl_crystal.preparation                  ? 
_exptl_crystal.size_max                     ? 
_exptl_crystal.size_mid                     ? 
_exptl_crystal.size_min                     ? 
_exptl_crystal.size_rad                     ? 
_exptl_crystal.colour_lustre                ? 
_exptl_crystal.colour_modifier              ? 
_exptl_crystal.colour_primary               ? 
_exptl_crystal.density_meas                 ? 
_exptl_crystal.density_meas_esd             ? 
_exptl_crystal.density_meas_gt              ? 
_exptl_crystal.density_meas_lt              ? 
_exptl_crystal.density_meas_temp            ? 
_exptl_crystal.density_meas_temp_esd        ? 
_exptl_crystal.density_meas_temp_gt         ? 
_exptl_crystal.density_meas_temp_lt         ? 
_exptl_crystal.pdbx_crystal_image_url       ? 
_exptl_crystal.pdbx_crystal_image_format    ? 
_exptl_crystal.pdbx_mosaicity               ? 
_exptl_crystal.pdbx_mosaicity_esd           ? 
_exptl_crystal.pdbx_mosaic_method           ? 
_exptl_crystal.pdbx_mosaic_block_size       ? 
_exptl_crystal.pdbx_mosaic_block_size_esd   ? 
# 
_exptl_crystal_grow.apparatus       ? 
_exptl_crystal_grow.atmosphere      ? 
_exptl_crystal_grow.crystal_id      1 
_exptl_crystal_grow.details         ? 
_exptl_crystal_grow.method          'VAPOR DIFFUSION, HANGING DROP' 
_exptl_crystal_grow.method_ref      ? 
_exptl_crystal_grow.pH              ? 
_exptl_crystal_grow.pressure        ? 
_exptl_crystal_grow.pressure_esd    ? 
_exptl_crystal_grow.seeding         ? 
_exptl_crystal_grow.seeding_ref     ? 
_exptl_crystal_grow.temp_details    ? 
_exptl_crystal_grow.temp_esd        ? 
_exptl_crystal_grow.time            ? 
_exptl_crystal_grow.pdbx_details    '0.1 M Tris pH 8.5, 0.2 M Magnesium chloride, 25% PEG 3350' 
_exptl_crystal_grow.pdbx_pH_range   ? 
_exptl_crystal_grow.temp            289 
# 
_diffrn.ambient_environment              ? 
_diffrn.ambient_temp                     100 
_diffrn.ambient_temp_details             ? 
_diffrn.ambient_temp_esd                 ? 
_diffrn.crystal_id                       1 
_diffrn.crystal_support                  ? 
_diffrn.crystal_treatment                ? 
_diffrn.details                          ? 
_diffrn.id                               1 
_diffrn.ambient_pressure                 ? 
_diffrn.ambient_pressure_esd             ? 
_diffrn.ambient_pressure_gt              ? 
_diffrn.ambient_pressure_lt              ? 
_diffrn.ambient_temp_gt                  ? 
_diffrn.ambient_temp_lt                  ? 
_diffrn.pdbx_serial_crystal_experiment   N 
# 
_diffrn_detector.details                      ? 
_diffrn_detector.detector                     CCD 
_diffrn_detector.diffrn_id                    1 
_diffrn_detector.type                         'RAYONIX MX-225' 
_diffrn_detector.area_resol_mean              ? 
_diffrn_detector.dtime                        ? 
_diffrn_detector.pdbx_frames_total            ? 
_diffrn_detector.pdbx_collection_time_total   ? 
_diffrn_detector.pdbx_collection_date         2014-10-10 
_diffrn_detector.pdbx_frequency               ? 
# 
_diffrn_radiation.collimation                      ? 
_diffrn_radiation.diffrn_id                        1 
_diffrn_radiation.filter_edge                      ? 
_diffrn_radiation.inhomogeneity                    ? 
_diffrn_radiation.monochromator                    ? 
_diffrn_radiation.polarisn_norm                    ? 
_diffrn_radiation.polarisn_ratio                   ? 
_diffrn_radiation.probe                            ? 
_diffrn_radiation.type                             ? 
_diffrn_radiation.xray_symbol                      ? 
_diffrn_radiation.wavelength_id                    1 
_diffrn_radiation.pdbx_monochromatic_or_laue_m_l   M 
_diffrn_radiation.pdbx_wavelength_list             ? 
_diffrn_radiation.pdbx_wavelength                  ? 
_diffrn_radiation.pdbx_diffrn_protocol             'SINGLE WAVELENGTH' 
_diffrn_radiation.pdbx_analyzer                    ? 
_diffrn_radiation.pdbx_scattering_type             x-ray 
# 
_diffrn_radiation_wavelength.id           1 
_diffrn_radiation_wavelength.wavelength   0.97872 
_diffrn_radiation_wavelength.wt           1.0 
# 
_diffrn_source.current                     ? 
_diffrn_source.details                     ? 
_diffrn_source.diffrn_id                   1 
_diffrn_source.power                       ? 
_diffrn_source.size                        ? 
_diffrn_source.source                      SYNCHROTRON 
_diffrn_source.target                      ? 
_diffrn_source.type                        'APS BEAMLINE 21-ID-F' 
_diffrn_source.voltage                     ? 
_diffrn_source.take-off_angle              ? 
_diffrn_source.pdbx_wavelength_list        0.97872 
_diffrn_source.pdbx_wavelength             ? 
_diffrn_source.pdbx_synchrotron_beamline   21-ID-F 
_diffrn_source.pdbx_synchrotron_site       APS 
# 
_reflns.B_iso_Wilson_estimate                          ? 
_reflns.entry_id                                       8FX9 
_reflns.data_reduction_details                         ? 
_reflns.data_reduction_method                          ? 
_reflns.d_resolution_high                              1.36 
_reflns.d_resolution_low                               50.00 
_reflns.details                                        ? 
_reflns.limit_h_max                                    ? 
_reflns.limit_h_min                                    ? 
_reflns.limit_k_max                                    ? 
_reflns.limit_k_min                                    ? 
_reflns.limit_l_max                                    ? 
_reflns.limit_l_min                                    ? 
_reflns.number_all                                     ? 
_reflns.number_obs                                     31576 
_reflns.observed_criterion                             ? 
_reflns.observed_criterion_F_max                       ? 
_reflns.observed_criterion_F_min                       ? 
_reflns.observed_criterion_I_max                       ? 
_reflns.observed_criterion_I_min                       ? 
_reflns.observed_criterion_sigma_F                     ? 
_reflns.observed_criterion_sigma_I                     ? 
_reflns.percent_possible_obs                           99.89 
_reflns.R_free_details                                 ? 
_reflns.Rmerge_F_all                                   ? 
_reflns.Rmerge_F_obs                                   ? 
_reflns.Friedel_coverage                               ? 
_reflns.number_gt                                      ? 
_reflns.threshold_expression                           ? 
_reflns.pdbx_redundancy                                12.3 
_reflns.pdbx_netI_over_av_sigmaI                       ? 
_reflns.pdbx_netI_over_sigmaI                          19.61 
_reflns.pdbx_res_netI_over_av_sigmaI_2                 ? 
_reflns.pdbx_res_netI_over_sigmaI_2                    ? 
_reflns.pdbx_chi_squared                               ? 
_reflns.pdbx_scaling_rejects                           ? 
_reflns.pdbx_d_res_high_opt                            ? 
_reflns.pdbx_d_res_low_opt                             ? 
_reflns.pdbx_d_res_opt_method                          ? 
_reflns.phase_calculation_details                      ? 
_reflns.pdbx_Rrim_I_all                                ? 
_reflns.pdbx_Rpim_I_all                                ? 
_reflns.pdbx_d_opt                                     ? 
_reflns.pdbx_number_measured_all                       ? 
_reflns.pdbx_diffrn_id                                 1 
_reflns.pdbx_ordinal                                   1 
_reflns.pdbx_CC_half                                   0.99 
_reflns.pdbx_CC_star                                   ? 
_reflns.pdbx_R_split                                   ? 
_reflns.pdbx_Rmerge_I_obs                              0.074 
_reflns.pdbx_Rmerge_I_all                              ? 
_reflns.pdbx_Rsym_value                                ? 
_reflns.pdbx_CC_split_method                           ? 
_reflns.pdbx_aniso_diffraction_limit_axis_1_ortho[1]   ? 
_reflns.pdbx_aniso_diffraction_limit_axis_1_ortho[2]   ? 
_reflns.pdbx_aniso_diffraction_limit_axis_1_ortho[3]   ? 
_reflns.pdbx_aniso_diffraction_limit_axis_2_ortho[1]   ? 
_reflns.pdbx_aniso_diffraction_limit_axis_2_ortho[2]   ? 
_reflns.pdbx_aniso_diffraction_limit_axis_2_ortho[3]   ? 
_reflns.pdbx_aniso_diffraction_limit_axis_3_ortho[1]   ? 
_reflns.pdbx_aniso_diffraction_limit_axis_3_ortho[2]   ? 
_reflns.pdbx_aniso_diffraction_limit_axis_3_ortho[3]   ? 
_reflns.pdbx_aniso_diffraction_limit_1                 ? 
_reflns.pdbx_aniso_diffraction_limit_2                 ? 
_reflns.pdbx_aniso_diffraction_limit_3                 ? 
_reflns.pdbx_aniso_B_tensor_eigenvector_1_ortho[1]     ? 
_reflns.pdbx_aniso_B_tensor_eigenvector_1_ortho[2]     ? 
_reflns.pdbx_aniso_B_tensor_eigenvector_1_ortho[3]     ? 
_reflns.pdbx_aniso_B_tensor_eigenvector_2_ortho[1]     ? 
_reflns.pdbx_aniso_B_tensor_eigenvector_2_ortho[2]     ? 
_reflns.pdbx_aniso_B_tensor_eigenvector_2_ortho[3]     ? 
_reflns.pdbx_aniso_B_tensor_eigenvector_3_ortho[1]     ? 
_reflns.pdbx_aniso_B_tensor_eigenvector_3_ortho[2]     ? 
_reflns.pdbx_aniso_B_tensor_eigenvector_3_ortho[3]     ? 
_reflns.pdbx_aniso_B_tensor_eigenvalue_1               ? 
_reflns.pdbx_aniso_B_tensor_eigenvalue_2               ? 
_reflns.pdbx_aniso_B_tensor_eigenvalue_3               ? 
_reflns.pdbx_orthogonalization_convention              ? 
_reflns.pdbx_percent_possible_ellipsoidal              ? 
_reflns.pdbx_percent_possible_spherical                ? 
_reflns.pdbx_percent_possible_ellipsoidal_anomalous    ? 
_reflns.pdbx_percent_possible_spherical_anomalous      ? 
_reflns.pdbx_redundancy_anomalous                      ? 
_reflns.pdbx_CC_half_anomalous                         ? 
_reflns.pdbx_absDiff_over_sigma_anomalous              ? 
_reflns.pdbx_percent_possible_anomalous                ? 
_reflns.pdbx_observed_signal_threshold                 ? 
_reflns.pdbx_signal_type                               ? 
_reflns.pdbx_signal_details                            ? 
_reflns.pdbx_signal_software_id                        ? 
# 
_reflns_shell.d_res_high                                    1.36 
_reflns_shell.d_res_low                                     1.41 
_reflns_shell.meanI_over_sigI_all                           ? 
_reflns_shell.meanI_over_sigI_obs                           ? 
_reflns_shell.number_measured_all                           ? 
_reflns_shell.number_measured_obs                           ? 
_reflns_shell.number_possible                               ? 
_reflns_shell.number_unique_all                             ? 
_reflns_shell.number_unique_obs                             2669 
_reflns_shell.percent_possible_obs                          ? 
_reflns_shell.Rmerge_F_all                                  ? 
_reflns_shell.Rmerge_F_obs                                  ? 
_reflns_shell.meanI_over_sigI_gt                            ? 
_reflns_shell.meanI_over_uI_all                             ? 
_reflns_shell.meanI_over_uI_gt                              ? 
_reflns_shell.number_measured_gt                            ? 
_reflns_shell.number_unique_gt                              ? 
_reflns_shell.percent_possible_gt                           ? 
_reflns_shell.Rmerge_F_gt                                   ? 
_reflns_shell.Rmerge_I_gt                                   ? 
_reflns_shell.pdbx_redundancy                               ? 
_reflns_shell.pdbx_chi_squared                              ? 
_reflns_shell.pdbx_netI_over_sigmaI_all                     ? 
_reflns_shell.pdbx_netI_over_sigmaI_obs                     ? 
_reflns_shell.pdbx_Rrim_I_all                               ? 
_reflns_shell.pdbx_Rpim_I_all                               ? 
_reflns_shell.pdbx_rejects                                  ? 
_reflns_shell.pdbx_ordinal                                  1 
_reflns_shell.pdbx_diffrn_id                                1 
_reflns_shell.pdbx_CC_half                                  0.94 
_reflns_shell.pdbx_CC_star                                  ? 
_reflns_shell.pdbx_R_split                                  ? 
_reflns_shell.percent_possible_all                          ? 
_reflns_shell.Rmerge_I_all                                  ? 
_reflns_shell.Rmerge_I_obs                                  0.49 
_reflns_shell.pdbx_Rsym_value                               ? 
_reflns_shell.pdbx_percent_possible_ellipsoidal             ? 
_reflns_shell.pdbx_percent_possible_spherical               ? 
_reflns_shell.pdbx_percent_possible_ellipsoidal_anomalous   ? 
_reflns_shell.pdbx_percent_possible_spherical_anomalous     ? 
_reflns_shell.pdbx_redundancy_anomalous                     ? 
_reflns_shell.pdbx_CC_half_anomalous                        ? 
_reflns_shell.pdbx_absDiff_over_sigma_anomalous             ? 
_reflns_shell.pdbx_percent_possible_anomalous               ? 
# 
_refine.aniso_B[1][1]                            ? 
_refine.aniso_B[1][2]                            ? 
_refine.aniso_B[1][3]                            ? 
_refine.aniso_B[2][2]                            ? 
_refine.aniso_B[2][3]                            ? 
_refine.aniso_B[3][3]                            ? 
_refine.B_iso_max                                ? 
_refine.B_iso_mean                               ? 
_refine.B_iso_min                                ? 
_refine.correlation_coeff_Fo_to_Fc               ? 
_refine.correlation_coeff_Fo_to_Fc_free          ? 
_refine.details                                  ? 
_refine.diff_density_max                         ? 
_refine.diff_density_max_esd                     ? 
_refine.diff_density_min                         ? 
_refine.diff_density_min_esd                     ? 
_refine.diff_density_rms                         ? 
_refine.diff_density_rms_esd                     ? 
_refine.entry_id                                 8FX9 
_refine.pdbx_refine_id                           'X-RAY DIFFRACTION' 
_refine.ls_abs_structure_details                 ? 
_refine.ls_abs_structure_Flack                   ? 
_refine.ls_abs_structure_Flack_esd               ? 
_refine.ls_abs_structure_Rogers                  ? 
_refine.ls_abs_structure_Rogers_esd              ? 
_refine.ls_d_res_high                            1.36 
_refine.ls_d_res_low                             29.43 
_refine.ls_extinction_coef                       ? 
_refine.ls_extinction_coef_esd                   ? 
_refine.ls_extinction_expression                 ? 
_refine.ls_extinction_method                     ? 
_refine.ls_goodness_of_fit_all                   ? 
_refine.ls_goodness_of_fit_all_esd               ? 
_refine.ls_goodness_of_fit_obs                   ? 
_refine.ls_goodness_of_fit_obs_esd               ? 
_refine.ls_hydrogen_treatment                    ? 
_refine.ls_matrix_type                           ? 
_refine.ls_number_constraints                    ? 
_refine.ls_number_parameters                     ? 
_refine.ls_number_reflns_all                     ? 
_refine.ls_number_reflns_obs                     31474 
_refine.ls_number_reflns_R_free                  1993 
_refine.ls_number_reflns_R_work                  ? 
_refine.ls_number_restraints                     ? 
_refine.ls_percent_reflns_obs                    89.38 
_refine.ls_percent_reflns_R_free                 6.33 
_refine.ls_R_factor_all                          ? 
_refine.ls_R_factor_obs                          0.1890 
_refine.ls_R_factor_R_free                       0.2157 
_refine.ls_R_factor_R_free_error                 ? 
_refine.ls_R_factor_R_free_error_details         ? 
_refine.ls_R_factor_R_work                       0.1872 
_refine.ls_R_Fsqd_factor_obs                     ? 
_refine.ls_R_I_factor_obs                        ? 
_refine.ls_redundancy_reflns_all                 ? 
_refine.ls_redundancy_reflns_obs                 ? 
_refine.ls_restrained_S_all                      ? 
_refine.ls_restrained_S_obs                      ? 
_refine.ls_shift_over_esd_max                    ? 
_refine.ls_shift_over_esd_mean                   ? 
_refine.ls_structure_factor_coef                 ? 
_refine.ls_weighting_details                     ? 
_refine.ls_weighting_scheme                      ? 
_refine.ls_wR_factor_all                         ? 
_refine.ls_wR_factor_obs                         ? 
_refine.ls_wR_factor_R_free                      ? 
_refine.ls_wR_factor_R_work                      ? 
_refine.occupancy_max                            ? 
_refine.occupancy_min                            ? 
_refine.solvent_model_details                    'FLAT BULK SOLVENT MODEL' 
_refine.solvent_model_param_bsol                 ? 
_refine.solvent_model_param_ksol                 ? 
_refine.pdbx_R_complete                          ? 
_refine.ls_R_factor_gt                           ? 
_refine.ls_goodness_of_fit_gt                    ? 
_refine.ls_goodness_of_fit_ref                   ? 
_refine.ls_shift_over_su_max                     ? 
_refine.ls_shift_over_su_max_lt                  ? 
_refine.ls_shift_over_su_mean                    ? 
_refine.ls_shift_over_su_mean_lt                 ? 
_refine.pdbx_ls_sigma_I                          ? 
_refine.pdbx_ls_sigma_F                          1.34 
_refine.pdbx_ls_sigma_Fsqd                       ? 
_refine.pdbx_data_cutoff_high_absF               ? 
_refine.pdbx_data_cutoff_high_rms_absF           ? 
_refine.pdbx_data_cutoff_low_absF                ? 
_refine.pdbx_isotropic_thermal_model             ? 
_refine.pdbx_ls_cross_valid_method               THROUGHOUT 
_refine.pdbx_method_to_determine_struct          'MOLECULAR REPLACEMENT' 
_refine.pdbx_starting_model                      ? 
_refine.pdbx_stereochemistry_target_values       ML 
_refine.pdbx_R_Free_selection_details            ? 
_refine.pdbx_stereochem_target_val_spec_case     ? 
_refine.pdbx_overall_ESU_R                       ? 
_refine.pdbx_overall_ESU_R_Free                  ? 
_refine.pdbx_solvent_vdw_probe_radii             1.10 
_refine.pdbx_solvent_ion_probe_radii             ? 
_refine.pdbx_solvent_shrinkage_radii             0.90 
_refine.pdbx_real_space_R                        ? 
_refine.pdbx_density_correlation                 ? 
_refine.pdbx_pd_number_of_powder_patterns        ? 
_refine.pdbx_pd_number_of_points                 ? 
_refine.pdbx_pd_meas_number_of_points            ? 
_refine.pdbx_pd_proc_ls_prof_R_factor            ? 
_refine.pdbx_pd_proc_ls_prof_wR_factor           ? 
_refine.pdbx_pd_Marquardt_correlation_coeff      ? 
_refine.pdbx_pd_Fsqrd_R_factor                   ? 
_refine.pdbx_pd_ls_matrix_band_width             ? 
_refine.pdbx_overall_phase_error                 21.45 
_refine.pdbx_overall_SU_R_free_Cruickshank_DPI   ? 
_refine.pdbx_overall_SU_R_free_Blow_DPI          ? 
_refine.pdbx_overall_SU_R_Blow_DPI               ? 
_refine.pdbx_TLS_residual_ADP_flag               ? 
_refine.pdbx_diffrn_id                           1 
_refine.overall_SU_B                             ? 
_refine.overall_SU_ML                            0.14 
_refine.overall_SU_R_Cruickshank_DPI             ? 
_refine.overall_SU_R_free                        ? 
_refine.overall_FOM_free_R_set                   ? 
_refine.overall_FOM_work_R_set                   ? 
_refine.pdbx_average_fsc_overall                 ? 
_refine.pdbx_average_fsc_work                    ? 
_refine.pdbx_average_fsc_free                    ? 
# 
_refine_hist.pdbx_refine_id                   'X-RAY DIFFRACTION' 
_refine_hist.cycle_id                         LAST 
_refine_hist.details                          ? 
_refine_hist.d_res_high                       1.36 
_refine_hist.d_res_low                        29.43 
_refine_hist.number_atoms_solvent             213 
_refine_hist.number_atoms_total               1537 
_refine_hist.number_reflns_all                ? 
_refine_hist.number_reflns_obs                ? 
_refine_hist.number_reflns_R_free             ? 
_refine_hist.number_reflns_R_work             ? 
_refine_hist.R_factor_all                     ? 
_refine_hist.R_factor_obs                     ? 
_refine_hist.R_factor_R_free                  ? 
_refine_hist.R_factor_R_work                  ? 
_refine_hist.pdbx_number_residues_total       ? 
_refine_hist.pdbx_B_iso_mean_ligand           ? 
_refine_hist.pdbx_B_iso_mean_solvent          ? 
_refine_hist.pdbx_number_atoms_protein        1323 
_refine_hist.pdbx_number_atoms_nucleic_acid   0 
_refine_hist.pdbx_number_atoms_ligand         1 
_refine_hist.pdbx_number_atoms_lipid          ? 
_refine_hist.pdbx_number_atoms_carb           ? 
_refine_hist.pdbx_pseudo_atom_details         ? 
# 
loop_
_refine_ls_restr.pdbx_refine_id 
_refine_ls_restr.criterion 
_refine_ls_restr.dev_ideal 
_refine_ls_restr.dev_ideal_target 
_refine_ls_restr.number 
_refine_ls_restr.rejects 
_refine_ls_restr.type 
_refine_ls_restr.weight 
_refine_ls_restr.pdbx_restraint_function 
'X-RAY DIFFRACTION' ? 0.006 ? 1405 ? f_bond_d           ? ? 
'X-RAY DIFFRACTION' ? 0.770 ? 1928 ? f_angle_d          ? ? 
'X-RAY DIFFRACTION' ? 3.840 ? 199  ? f_dihedral_angle_d ? ? 
'X-RAY DIFFRACTION' ? 0.064 ? 216  ? f_chiral_restr     ? ? 
'X-RAY DIFFRACTION' ? 0.008 ? 254  ? f_plane_restr      ? ? 
# 
loop_
_refine_ls_shell.pdbx_refine_id 
_refine_ls_shell.d_res_high 
_refine_ls_shell.d_res_low 
_refine_ls_shell.number_reflns_all 
_refine_ls_shell.number_reflns_obs 
_refine_ls_shell.number_reflns_R_free 
_refine_ls_shell.number_reflns_R_work 
_refine_ls_shell.percent_reflns_obs 
_refine_ls_shell.percent_reflns_R_free 
_refine_ls_shell.R_factor_all 
_refine_ls_shell.R_factor_obs 
_refine_ls_shell.R_factor_R_free_error 
_refine_ls_shell.R_factor_R_work 
_refine_ls_shell.redundancy_reflns_all 
_refine_ls_shell.redundancy_reflns_obs 
_refine_ls_shell.wR_factor_all 
_refine_ls_shell.wR_factor_obs 
_refine_ls_shell.wR_factor_R_free 
_refine_ls_shell.wR_factor_R_work 
_refine_ls_shell.pdbx_R_complete 
_refine_ls_shell.pdbx_total_number_of_bins_used 
_refine_ls_shell.pdbx_phase_error 
_refine_ls_shell.pdbx_fsc_work 
_refine_ls_shell.pdbx_fsc_free 
_refine_ls_shell.R_factor_R_free 
'X-RAY DIFFRACTION' 1.36 1.39  . . 115 1701 73.00  . . . . 0.2401 . . . . . . . . . . . 0.2918 
'X-RAY DIFFRACTION' 1.39 1.43  . . 136 2019 87.00  . . . . 0.2290 . . . . . . . . . . . 0.2720 
'X-RAY DIFFRACTION' 1.43 1.47  . . 150 2229 96.00  . . . . 0.2181 . . . . . . . . . . . 0.2371 
'X-RAY DIFFRACTION' 1.47 1.52  . . 158 2326 99.00  . . . . 0.1998 . . . . . . . . . . . 0.2413 
'X-RAY DIFFRACTION' 1.52 1.58  . . 156 2299 100.00 . . . . 0.1814 . . . . . . . . . . . 0.2235 
'X-RAY DIFFRACTION' 1.58 1.64  . . 155 2317 100.00 . . . . 0.1745 . . . . . . . . . . . 0.1754 
'X-RAY DIFFRACTION' 1.64 1.71  . . 160 2343 100.00 . . . . 0.1761 . . . . . . . . . . . 0.2077 
'X-RAY DIFFRACTION' 1.71 1.80  . . 158 2337 100.00 . . . . 0.1808 . . . . . . . . . . . 0.2161 
'X-RAY DIFFRACTION' 1.80 1.92  . . 120 1780 76.00  . . . . 0.2245 . . . . . . . . . . . 0.2740 
'X-RAY DIFFRACTION' 1.92 2.06  . . 130 1901 81.00  . . . . 0.2117 . . . . . . . . . . . 0.2414 
'X-RAY DIFFRACTION' 2.06 2.21  . . 113 1677 98.00  . . . . 0.1806 . . . . . . . . . . . 0.2006 
'X-RAY DIFFRACTION' 2.29 2.60  . . 144 2155 99.00  . . . . 0.1849 . . . . . . . . . . . 0.2072 
'X-RAY DIFFRACTION' 2.60 3.28  . . 162 2392 100.00 . . . . 0.1837 . . . . . . . . . . . 0.2269 
'X-RAY DIFFRACTION' 3.28 29.43 . . 136 2005 80.00  . . . . 0.1693 . . . . . . . . . . . 0.1866 
# 
_struct.entry_id                     8FX9 
_struct.title                        'Crystal strucutre of Mycobacterium tuberculosis Mycothiol-S-transferase enzyme' 
_struct.pdbx_model_details           ? 
_struct.pdbx_formula_weight          ? 
_struct.pdbx_formula_weight_method   ? 
_struct.pdbx_model_type_details      ? 
_struct.pdbx_CASP_flag               N 
# 
_struct_keywords.entry_id        8FX9 
_struct_keywords.text            'Mycothiol, DinB superfamily, Transferase, Apo, Metalloenzyme' 
_struct_keywords.pdbx_keywords   TRANSFERASE 
# 
loop_
_struct_asym.id 
_struct_asym.pdbx_blank_PDB_chainid_flag 
_struct_asym.pdbx_modified 
_struct_asym.entity_id 
_struct_asym.details 
A N N 1 ? 
B N N 2 ? 
C N N 3 ? 
# 
_struct_ref.id                         1 
_struct_ref.db_name                    UNP 
_struct_ref.db_code                    O53728_MYCTU 
_struct_ref.pdbx_db_accession          O53728 
_struct_ref.pdbx_db_isoform            ? 
_struct_ref.entity_id                  1 
_struct_ref.pdbx_seq_one_letter_code   
;ASTDAAAQELLRDAFTRLIEHVDELTDGLTDQLACYRPTPSANSIAWLLWHSARVQDIQVAHVAGVEEVWTRDGWVDRFG
LDLPRHDTGYGHRPEDVAKVRAPADLLSGYYHAVHKLTLEYIAGMTADELSRVVDTSWNPPVTVSARLVSIVDDCAQHLG
QAAYLRGIA
;
_struct_ref.pdbx_align_begin           2 
# 
_struct_ref_seq.align_id                      1 
_struct_ref_seq.ref_id                        1 
_struct_ref_seq.pdbx_PDB_id_code              8FX9 
_struct_ref_seq.pdbx_strand_id                A 
_struct_ref_seq.seq_align_beg                 2 
_struct_ref_seq.pdbx_seq_align_beg_ins_code   ? 
_struct_ref_seq.seq_align_end                 170 
_struct_ref_seq.pdbx_seq_align_end_ins_code   ? 
_struct_ref_seq.pdbx_db_accession             O53728 
_struct_ref_seq.db_align_beg                  2 
_struct_ref_seq.pdbx_db_align_beg_ins_code    ? 
_struct_ref_seq.db_align_end                  170 
_struct_ref_seq.pdbx_db_align_end_ins_code    ? 
_struct_ref_seq.pdbx_auth_seq_align_beg       2 
_struct_ref_seq.pdbx_auth_seq_align_end       170 
# 
_struct_ref_seq_dif.align_id                     1 
_struct_ref_seq_dif.pdbx_pdb_id_code             8FX9 
_struct_ref_seq_dif.mon_id                       PRO 
_struct_ref_seq_dif.pdbx_pdb_strand_id           A 
_struct_ref_seq_dif.seq_num                      1 
_struct_ref_seq_dif.pdbx_pdb_ins_code            ? 
_struct_ref_seq_dif.pdbx_seq_db_name             UNP 
_struct_ref_seq_dif.pdbx_seq_db_accession_code   O53728 
_struct_ref_seq_dif.db_mon_id                    ? 
_struct_ref_seq_dif.pdbx_seq_db_seq_num          ? 
_struct_ref_seq_dif.details                      'expression tag' 
_struct_ref_seq_dif.pdbx_auth_seq_num            1 
_struct_ref_seq_dif.pdbx_ordinal                 1 
# 
_pdbx_struct_assembly.id                   1 
_pdbx_struct_assembly.details              author_and_software_defined_assembly 
_pdbx_struct_assembly.method_details       PISA 
_pdbx_struct_assembly.oligomeric_details   dimeric 
_pdbx_struct_assembly.oligomeric_count     2 
# 
loop_
_pdbx_struct_assembly_prop.biol_id 
_pdbx_struct_assembly_prop.type 
_pdbx_struct_assembly_prop.value 
_pdbx_struct_assembly_prop.details 
1 'ABSA (A^2)' 2890  ? 
1 MORE         -39   ? 
1 'SSA (A^2)'  14970 ? 
# 
_pdbx_struct_assembly_gen.assembly_id       1 
_pdbx_struct_assembly_gen.oper_expression   1,2 
_pdbx_struct_assembly_gen.asym_id_list      A,B,C 
# 
_pdbx_struct_assembly_auth_evidence.id                     1 
_pdbx_struct_assembly_auth_evidence.assembly_id            1 
_pdbx_struct_assembly_auth_evidence.experimental_support   'gel filtration' 
_pdbx_struct_assembly_auth_evidence.details                ? 
# 
loop_
_pdbx_struct_oper_list.id 
_pdbx_struct_oper_list.type 
_pdbx_struct_oper_list.name 
_pdbx_struct_oper_list.symmetry_operation 
_pdbx_struct_oper_list.matrix[1][1] 
_pdbx_struct_oper_list.matrix[1][2] 
_pdbx_struct_oper_list.matrix[1][3] 
_pdbx_struct_oper_list.vector[1] 
_pdbx_struct_oper_list.matrix[2][1] 
_pdbx_struct_oper_list.matrix[2][2] 
_pdbx_struct_oper_list.matrix[2][3] 
_pdbx_struct_oper_list.vector[2] 
_pdbx_struct_oper_list.matrix[3][1] 
_pdbx_struct_oper_list.matrix[3][2] 
_pdbx_struct_oper_list.matrix[3][3] 
_pdbx_struct_oper_list.vector[3] 
1 'identity operation'         1_555 x,y,z         1.0000000000  0.0000000000  0.0000000000  0.0000000000   0.0000000000  1.0000000000 0.0000000000 0.0000000000   0.0000000000  0.0000000000 1.0000000000  0.0000000000  
2 'crystal symmetry operation' 3_654 -x+1,y,-z-1/2 -0.6324500019 -0.7610567104 -0.1442209367 -16.6918397372 -0.7610567104 0.5758599361 0.2986268869 -10.4322318230 -0.1442209367 0.2986268869 -0.9434099341 12.5115979067 
# 
loop_
_struct_conf.conf_type_id 
_struct_conf.id 
_struct_conf.pdbx_PDB_helix_id 
_struct_conf.beg_label_comp_id 
_struct_conf.beg_label_asym_id 
_struct_conf.beg_label_seq_id 
_struct_conf.pdbx_beg_PDB_ins_code 
_struct_conf.end_label_comp_id 
_struct_conf.end_label_asym_id 
_struct_conf.end_label_seq_id 
_struct_conf.pdbx_end_PDB_ins_code 
_struct_conf.beg_auth_comp_id 
_struct_conf.beg_auth_asym_id 
_struct_conf.beg_auth_seq_id 
_struct_conf.end_auth_comp_id 
_struct_conf.end_auth_asym_id 
_struct_conf.end_auth_seq_id 
_struct_conf.pdbx_PDB_helix_class 
_struct_conf.details 
_struct_conf.pdbx_PDB_helix_length 
HELX_P HELX_P1  AA1 ALA A 2   ? THR A 4   ? ALA A 2   THR A 4   5 ? 3  
HELX_P HELX_P2  AA2 ASP A 5   ? ASP A 28  ? ASP A 5   ASP A 28  1 ? 24 
HELX_P HELX_P3  AA3 THR A 31  ? TYR A 37  ? THR A 31  TYR A 37  1 ? 7  
HELX_P HELX_P4  AA4 SER A 45  ? GLY A 66  ? SER A 45  GLY A 66  1 ? 22 
HELX_P HELX_P5  AA5 GLU A 69  ? ASP A 74  ? GLU A 69  ASP A 74  1 ? 6  
HELX_P HELX_P6  AA6 GLY A 75  ? GLY A 81  ? GLY A 75  GLY A 81  1 ? 7  
HELX_P HELX_P7  AA7 ARG A 94  ? VAL A 101 ? ARG A 94  VAL A 101 5 ? 8  
HELX_P HELX_P8  AA8 PRO A 104 ? ALA A 124 ? PRO A 104 ALA A 124 1 ? 21 
HELX_P HELX_P9  AA9 THR A 127 ? ARG A 133 ? THR A 127 ARG A 133 1 ? 7  
HELX_P HELX_P10 AB1 VAL A 145 ? ALA A 170 ? VAL A 145 ALA A 170 1 ? 26 
# 
_struct_conf_type.id          HELX_P 
_struct_conf_type.criteria    ? 
_struct_conf_type.reference   ? 
# 
_struct_mon_prot_cis.pdbx_id                1 
_struct_mon_prot_cis.label_comp_id          ASN 
_struct_mon_prot_cis.label_seq_id           140 
_struct_mon_prot_cis.label_asym_id          A 
_struct_mon_prot_cis.label_alt_id           . 
_struct_mon_prot_cis.pdbx_PDB_ins_code      ? 
_struct_mon_prot_cis.auth_comp_id           ASN 
_struct_mon_prot_cis.auth_seq_id            140 
_struct_mon_prot_cis.auth_asym_id           A 
_struct_mon_prot_cis.pdbx_label_comp_id_2   PRO 
_struct_mon_prot_cis.pdbx_label_seq_id_2    141 
_struct_mon_prot_cis.pdbx_label_asym_id_2   A 
_struct_mon_prot_cis.pdbx_PDB_ins_code_2    ? 
_struct_mon_prot_cis.pdbx_auth_comp_id_2    PRO 
_struct_mon_prot_cis.pdbx_auth_seq_id_2     141 
_struct_mon_prot_cis.pdbx_auth_asym_id_2    A 
_struct_mon_prot_cis.pdbx_PDB_model_num     1 
_struct_mon_prot_cis.pdbx_omega_angle       1.68 
# 
_struct_sheet.id               AA1 
_struct_sheet.type             ? 
_struct_sheet.number_strands   2 
_struct_sheet.details          ? 
# 
_struct_sheet_order.sheet_id     AA1 
_struct_sheet_order.range_id_1   1 
_struct_sheet_order.range_id_2   2 
_struct_sheet_order.offset       ? 
_struct_sheet_order.sense        anti-parallel 
# 
loop_
_struct_sheet_range.sheet_id 
_struct_sheet_range.id 
_struct_sheet_range.beg_label_comp_id 
_struct_sheet_range.beg_label_asym_id 
_struct_sheet_range.beg_label_seq_id 
_struct_sheet_range.pdbx_beg_PDB_ins_code 
_struct_sheet_range.end_label_comp_id 
_struct_sheet_range.end_label_asym_id 
_struct_sheet_range.end_label_seq_id 
_struct_sheet_range.pdbx_end_PDB_ins_code 
_struct_sheet_range.beg_auth_comp_id 
_struct_sheet_range.beg_auth_asym_id 
_struct_sheet_range.beg_auth_seq_id 
_struct_sheet_range.end_auth_comp_id 
_struct_sheet_range.end_auth_asym_id 
_struct_sheet_range.end_auth_seq_id 
AA1 1 VAL A 134 ? ASP A 136 ? VAL A 134 ASP A 136 
AA1 2 VAL A 143 ? THR A 144 ? VAL A 143 THR A 144 
# 
_pdbx_struct_sheet_hbond.sheet_id                AA1 
_pdbx_struct_sheet_hbond.range_id_1              1 
_pdbx_struct_sheet_hbond.range_id_2              2 
_pdbx_struct_sheet_hbond.range_1_label_atom_id   N 
_pdbx_struct_sheet_hbond.range_1_label_comp_id   VAL 
_pdbx_struct_sheet_hbond.range_1_label_asym_id   A 
_pdbx_struct_sheet_hbond.range_1_label_seq_id    135 
_pdbx_struct_sheet_hbond.range_1_PDB_ins_code    ? 
_pdbx_struct_sheet_hbond.range_1_auth_atom_id    N 
_pdbx_struct_sheet_hbond.range_1_auth_comp_id    VAL 
_pdbx_struct_sheet_hbond.range_1_auth_asym_id    A 
_pdbx_struct_sheet_hbond.range_1_auth_seq_id     135 
_pdbx_struct_sheet_hbond.range_2_label_atom_id   O 
_pdbx_struct_sheet_hbond.range_2_label_comp_id   VAL 
_pdbx_struct_sheet_hbond.range_2_label_asym_id   A 
_pdbx_struct_sheet_hbond.range_2_label_seq_id    143 
_pdbx_struct_sheet_hbond.range_2_PDB_ins_code    ? 
_pdbx_struct_sheet_hbond.range_2_auth_atom_id    O 
_pdbx_struct_sheet_hbond.range_2_auth_comp_id    VAL 
_pdbx_struct_sheet_hbond.range_2_auth_asym_id    A 
_pdbx_struct_sheet_hbond.range_2_auth_seq_id     143 
# 
_pdbx_entry_details.entry_id                 8FX9 
_pdbx_entry_details.has_ligand_of_interest   Y 
_pdbx_entry_details.compound_details         ? 
_pdbx_entry_details.source_details           ? 
_pdbx_entry_details.nonpolymer_details       ? 
_pdbx_entry_details.sequence_details         ? 
# 
_pdbx_distant_solvent_atoms.id                                1 
_pdbx_distant_solvent_atoms.PDB_model_num                     1 
_pdbx_distant_solvent_atoms.auth_atom_id                      O 
_pdbx_distant_solvent_atoms.label_alt_id                      ? 
_pdbx_distant_solvent_atoms.auth_asym_id                      A 
_pdbx_distant_solvent_atoms.auth_comp_id                      HOH 
_pdbx_distant_solvent_atoms.auth_seq_id                       513 
_pdbx_distant_solvent_atoms.PDB_ins_code                      ? 
_pdbx_distant_solvent_atoms.neighbor_macromolecule_distance   6.00 
_pdbx_distant_solvent_atoms.neighbor_ligand_distance          . 
# 
loop_
_chem_comp_atom.comp_id 
_chem_comp_atom.atom_id 
_chem_comp_atom.type_symbol 
_chem_comp_atom.pdbx_aromatic_flag 
_chem_comp_atom.pdbx_stereo_config 
_chem_comp_atom.pdbx_ordinal 
ALA N    N  N N 1   
ALA CA   C  N S 2   
ALA C    C  N N 3   
ALA O    O  N N 4   
ALA CB   C  N N 5   
ALA OXT  O  N N 6   
ALA H    H  N N 7   
ALA H2   H  N N 8   
ALA HA   H  N N 9   
ALA HB1  H  N N 10  
ALA HB2  H  N N 11  
ALA HB3  H  N N 12  
ALA HXT  H  N N 13  
ARG N    N  N N 14  
ARG CA   C  N S 15  
ARG C    C  N N 16  
ARG O    O  N N 17  
ARG CB   C  N N 18  
ARG CG   C  N N 19  
ARG CD   C  N N 20  
ARG NE   N  N N 21  
ARG CZ   C  N N 22  
ARG NH1  N  N N 23  
ARG NH2  N  N N 24  
ARG OXT  O  N N 25  
ARG H    H  N N 26  
ARG H2   H  N N 27  
ARG HA   H  N N 28  
ARG HB2  H  N N 29  
ARG HB3  H  N N 30  
ARG HG2  H  N N 31  
ARG HG3  H  N N 32  
ARG HD2  H  N N 33  
ARG HD3  H  N N 34  
ARG HE   H  N N 35  
ARG HH11 H  N N 36  
ARG HH12 H  N N 37  
ARG HH21 H  N N 38  
ARG HH22 H  N N 39  
ARG HXT  H  N N 40  
ASN N    N  N N 41  
ASN CA   C  N S 42  
ASN C    C  N N 43  
ASN O    O  N N 44  
ASN CB   C  N N 45  
ASN CG   C  N N 46  
ASN OD1  O  N N 47  
ASN ND2  N  N N 48  
ASN OXT  O  N N 49  
ASN H    H  N N 50  
ASN H2   H  N N 51  
ASN HA   H  N N 52  
ASN HB2  H  N N 53  
ASN HB3  H  N N 54  
ASN HD21 H  N N 55  
ASN HD22 H  N N 56  
ASN HXT  H  N N 57  
ASP N    N  N N 58  
ASP CA   C  N S 59  
ASP C    C  N N 60  
ASP O    O  N N 61  
ASP CB   C  N N 62  
ASP CG   C  N N 63  
ASP OD1  O  N N 64  
ASP OD2  O  N N 65  
ASP OXT  O  N N 66  
ASP H    H  N N 67  
ASP H2   H  N N 68  
ASP HA   H  N N 69  
ASP HB2  H  N N 70  
ASP HB3  H  N N 71  
ASP HD2  H  N N 72  
ASP HXT  H  N N 73  
CL  CL   CL N N 74  
CYS N    N  N N 75  
CYS CA   C  N R 76  
CYS C    C  N N 77  
CYS O    O  N N 78  
CYS CB   C  N N 79  
CYS SG   S  N N 80  
CYS OXT  O  N N 81  
CYS H    H  N N 82  
CYS H2   H  N N 83  
CYS HA   H  N N 84  
CYS HB2  H  N N 85  
CYS HB3  H  N N 86  
CYS HG   H  N N 87  
CYS HXT  H  N N 88  
GLN N    N  N N 89  
GLN CA   C  N S 90  
GLN C    C  N N 91  
GLN O    O  N N 92  
GLN CB   C  N N 93  
GLN CG   C  N N 94  
GLN CD   C  N N 95  
GLN OE1  O  N N 96  
GLN NE2  N  N N 97  
GLN OXT  O  N N 98  
GLN H    H  N N 99  
GLN H2   H  N N 100 
GLN HA   H  N N 101 
GLN HB2  H  N N 102 
GLN HB3  H  N N 103 
GLN HG2  H  N N 104 
GLN HG3  H  N N 105 
GLN HE21 H  N N 106 
GLN HE22 H  N N 107 
GLN HXT  H  N N 108 
GLU N    N  N N 109 
GLU CA   C  N S 110 
GLU C    C  N N 111 
GLU O    O  N N 112 
GLU CB   C  N N 113 
GLU CG   C  N N 114 
GLU CD   C  N N 115 
GLU OE1  O  N N 116 
GLU OE2  O  N N 117 
GLU OXT  O  N N 118 
GLU H    H  N N 119 
GLU H2   H  N N 120 
GLU HA   H  N N 121 
GLU HB2  H  N N 122 
GLU HB3  H  N N 123 
GLU HG2  H  N N 124 
GLU HG3  H  N N 125 
GLU HE2  H  N N 126 
GLU HXT  H  N N 127 
GLY N    N  N N 128 
GLY CA   C  N N 129 
GLY C    C  N N 130 
GLY O    O  N N 131 
GLY OXT  O  N N 132 
GLY H    H  N N 133 
GLY H2   H  N N 134 
GLY HA2  H  N N 135 
GLY HA3  H  N N 136 
GLY HXT  H  N N 137 
HIS N    N  N N 138 
HIS CA   C  N S 139 
HIS C    C  N N 140 
HIS O    O  N N 141 
HIS CB   C  N N 142 
HIS CG   C  Y N 143 
HIS ND1  N  Y N 144 
HIS CD2  C  Y N 145 
HIS CE1  C  Y N 146 
HIS NE2  N  Y N 147 
HIS OXT  O  N N 148 
HIS H    H  N N 149 
HIS H2   H  N N 150 
HIS HA   H  N N 151 
HIS HB2  H  N N 152 
HIS HB3  H  N N 153 
HIS HD1  H  N N 154 
HIS HD2  H  N N 155 
HIS HE1  H  N N 156 
HIS HE2  H  N N 157 
HIS HXT  H  N N 158 
HOH O    O  N N 159 
HOH H1   H  N N 160 
HOH H2   H  N N 161 
ILE N    N  N N 162 
ILE CA   C  N S 163 
ILE C    C  N N 164 
ILE O    O  N N 165 
ILE CB   C  N S 166 
ILE CG1  C  N N 167 
ILE CG2  C  N N 168 
ILE CD1  C  N N 169 
ILE OXT  O  N N 170 
ILE H    H  N N 171 
ILE H2   H  N N 172 
ILE HA   H  N N 173 
ILE HB   H  N N 174 
ILE HG12 H  N N 175 
ILE HG13 H  N N 176 
ILE HG21 H  N N 177 
ILE HG22 H  N N 178 
ILE HG23 H  N N 179 
ILE HD11 H  N N 180 
ILE HD12 H  N N 181 
ILE HD13 H  N N 182 
ILE HXT  H  N N 183 
LEU N    N  N N 184 
LEU CA   C  N S 185 
LEU C    C  N N 186 
LEU O    O  N N 187 
LEU CB   C  N N 188 
LEU CG   C  N N 189 
LEU CD1  C  N N 190 
LEU CD2  C  N N 191 
LEU OXT  O  N N 192 
LEU H    H  N N 193 
LEU H2   H  N N 194 
LEU HA   H  N N 195 
LEU HB2  H  N N 196 
LEU HB3  H  N N 197 
LEU HG   H  N N 198 
LEU HD11 H  N N 199 
LEU HD12 H  N N 200 
LEU HD13 H  N N 201 
LEU HD21 H  N N 202 
LEU HD22 H  N N 203 
LEU HD23 H  N N 204 
LEU HXT  H  N N 205 
LYS N    N  N N 206 
LYS CA   C  N S 207 
LYS C    C  N N 208 
LYS O    O  N N 209 
LYS CB   C  N N 210 
LYS CG   C  N N 211 
LYS CD   C  N N 212 
LYS CE   C  N N 213 
LYS NZ   N  N N 214 
LYS OXT  O  N N 215 
LYS H    H  N N 216 
LYS H2   H  N N 217 
LYS HA   H  N N 218 
LYS HB2  H  N N 219 
LYS HB3  H  N N 220 
LYS HG2  H  N N 221 
LYS HG3  H  N N 222 
LYS HD2  H  N N 223 
LYS HD3  H  N N 224 
LYS HE2  H  N N 225 
LYS HE3  H  N N 226 
LYS HZ1  H  N N 227 
LYS HZ2  H  N N 228 
LYS HZ3  H  N N 229 
LYS HXT  H  N N 230 
MET N    N  N N 231 
MET CA   C  N S 232 
MET C    C  N N 233 
MET O    O  N N 234 
MET CB   C  N N 235 
MET CG   C  N N 236 
MET SD   S  N N 237 
MET CE   C  N N 238 
MET OXT  O  N N 239 
MET H    H  N N 240 
MET H2   H  N N 241 
MET HA   H  N N 242 
MET HB2  H  N N 243 
MET HB3  H  N N 244 
MET HG2  H  N N 245 
MET HG3  H  N N 246 
MET HE1  H  N N 247 
MET HE2  H  N N 248 
MET HE3  H  N N 249 
MET HXT  H  N N 250 
PHE N    N  N N 251 
PHE CA   C  N S 252 
PHE C    C  N N 253 
PHE O    O  N N 254 
PHE CB   C  N N 255 
PHE CG   C  Y N 256 
PHE CD1  C  Y N 257 
PHE CD2  C  Y N 258 
PHE CE1  C  Y N 259 
PHE CE2  C  Y N 260 
PHE CZ   C  Y N 261 
PHE OXT  O  N N 262 
PHE H    H  N N 263 
PHE H2   H  N N 264 
PHE HA   H  N N 265 
PHE HB2  H  N N 266 
PHE HB3  H  N N 267 
PHE HD1  H  N N 268 
PHE HD2  H  N N 269 
PHE HE1  H  N N 270 
PHE HE2  H  N N 271 
PHE HZ   H  N N 272 
PHE HXT  H  N N 273 
PRO N    N  N N 274 
PRO CA   C  N S 275 
PRO C    C  N N 276 
PRO O    O  N N 277 
PRO CB   C  N N 278 
PRO CG   C  N N 279 
PRO CD   C  N N 280 
PRO OXT  O  N N 281 
PRO H    H  N N 282 
PRO HA   H  N N 283 
PRO HB2  H  N N 284 
PRO HB3  H  N N 285 
PRO HG2  H  N N 286 
PRO HG3  H  N N 287 
PRO HD2  H  N N 288 
PRO HD3  H  N N 289 
PRO HXT  H  N N 290 
SER N    N  N N 291 
SER CA   C  N S 292 
SER C    C  N N 293 
SER O    O  N N 294 
SER CB   C  N N 295 
SER OG   O  N N 296 
SER OXT  O  N N 297 
SER H    H  N N 298 
SER H2   H  N N 299 
SER HA   H  N N 300 
SER HB2  H  N N 301 
SER HB3  H  N N 302 
SER HG   H  N N 303 
SER HXT  H  N N 304 
THR N    N  N N 305 
THR CA   C  N S 306 
THR C    C  N N 307 
THR O    O  N N 308 
THR CB   C  N R 309 
THR OG1  O  N N 310 
THR CG2  C  N N 311 
THR OXT  O  N N 312 
THR H    H  N N 313 
THR H2   H  N N 314 
THR HA   H  N N 315 
THR HB   H  N N 316 
THR HG1  H  N N 317 
THR HG21 H  N N 318 
THR HG22 H  N N 319 
THR HG23 H  N N 320 
THR HXT  H  N N 321 
TRP N    N  N N 322 
TRP CA   C  N S 323 
TRP C    C  N N 324 
TRP O    O  N N 325 
TRP CB   C  N N 326 
TRP CG   C  Y N 327 
TRP CD1  C  Y N 328 
TRP CD2  C  Y N 329 
TRP NE1  N  Y N 330 
TRP CE2  C  Y N 331 
TRP CE3  C  Y N 332 
TRP CZ2  C  Y N 333 
TRP CZ3  C  Y N 334 
TRP CH2  C  Y N 335 
TRP OXT  O  N N 336 
TRP H    H  N N 337 
TRP H2   H  N N 338 
TRP HA   H  N N 339 
TRP HB2  H  N N 340 
TRP HB3  H  N N 341 
TRP HD1  H  N N 342 
TRP HE1  H  N N 343 
TRP HE3  H  N N 344 
TRP HZ2  H  N N 345 
TRP HZ3  H  N N 346 
TRP HH2  H  N N 347 
TRP HXT  H  N N 348 
TYR N    N  N N 349 
TYR CA   C  N S 350 
TYR C    C  N N 351 
TYR O    O  N N 352 
TYR CB   C  N N 353 
TYR CG   C  Y N 354 
TYR CD1  C  Y N 355 
TYR CD2  C  Y N 356 
TYR CE1  C  Y N 357 
TYR CE2  C  Y N 358 
TYR CZ   C  Y N 359 
TYR OH   O  N N 360 
TYR OXT  O  N N 361 
TYR H    H  N N 362 
TYR H2   H  N N 363 
TYR HA   H  N N 364 
TYR HB2  H  N N 365 
TYR HB3  H  N N 366 
TYR HD1  H  N N 367 
TYR HD2  H  N N 368 
TYR HE1  H  N N 369 
TYR HE2  H  N N 370 
TYR HH   H  N N 371 
TYR HXT  H  N N 372 
VAL N    N  N N 373 
VAL CA   C  N S 374 
VAL C    C  N N 375 
VAL O    O  N N 376 
VAL CB   C  N N 377 
VAL CG1  C  N N 378 
VAL CG2  C  N N 379 
VAL OXT  O  N N 380 
VAL H    H  N N 381 
VAL H2   H  N N 382 
VAL HA   H  N N 383 
VAL HB   H  N N 384 
VAL HG11 H  N N 385 
VAL HG12 H  N N 386 
VAL HG13 H  N N 387 
VAL HG21 H  N N 388 
VAL HG22 H  N N 389 
VAL HG23 H  N N 390 
VAL HXT  H  N N 391 
# 
loop_
_chem_comp_bond.comp_id 
_chem_comp_bond.atom_id_1 
_chem_comp_bond.atom_id_2 
_chem_comp_bond.value_order 
_chem_comp_bond.pdbx_aromatic_flag 
_chem_comp_bond.pdbx_stereo_config 
_chem_comp_bond.pdbx_ordinal 
ALA N   CA   sing N N 1   
ALA N   H    sing N N 2   
ALA N   H2   sing N N 3   
ALA CA  C    sing N N 4   
ALA CA  CB   sing N N 5   
ALA CA  HA   sing N N 6   
ALA C   O    doub N N 7   
ALA C   OXT  sing N N 8   
ALA CB  HB1  sing N N 9   
ALA CB  HB2  sing N N 10  
ALA CB  HB3  sing N N 11  
ALA OXT HXT  sing N N 12  
ARG N   CA   sing N N 13  
ARG N   H    sing N N 14  
ARG N   H2   sing N N 15  
ARG CA  C    sing N N 16  
ARG CA  CB   sing N N 17  
ARG CA  HA   sing N N 18  
ARG C   O    doub N N 19  
ARG C   OXT  sing N N 20  
ARG CB  CG   sing N N 21  
ARG CB  HB2  sing N N 22  
ARG CB  HB3  sing N N 23  
ARG CG  CD   sing N N 24  
ARG CG  HG2  sing N N 25  
ARG CG  HG3  sing N N 26  
ARG CD  NE   sing N N 27  
ARG CD  HD2  sing N N 28  
ARG CD  HD3  sing N N 29  
ARG NE  CZ   sing N N 30  
ARG NE  HE   sing N N 31  
ARG CZ  NH1  sing N N 32  
ARG CZ  NH2  doub N N 33  
ARG NH1 HH11 sing N N 34  
ARG NH1 HH12 sing N N 35  
ARG NH2 HH21 sing N N 36  
ARG NH2 HH22 sing N N 37  
ARG OXT HXT  sing N N 38  
ASN N   CA   sing N N 39  
ASN N   H    sing N N 40  
ASN N   H2   sing N N 41  
ASN CA  C    sing N N 42  
ASN CA  CB   sing N N 43  
ASN CA  HA   sing N N 44  
ASN C   O    doub N N 45  
ASN C   OXT  sing N N 46  
ASN CB  CG   sing N N 47  
ASN CB  HB2  sing N N 48  
ASN CB  HB3  sing N N 49  
ASN CG  OD1  doub N N 50  
ASN CG  ND2  sing N N 51  
ASN ND2 HD21 sing N N 52  
ASN ND2 HD22 sing N N 53  
ASN OXT HXT  sing N N 54  
ASP N   CA   sing N N 55  
ASP N   H    sing N N 56  
ASP N   H2   sing N N 57  
ASP CA  C    sing N N 58  
ASP CA  CB   sing N N 59  
ASP CA  HA   sing N N 60  
ASP C   O    doub N N 61  
ASP C   OXT  sing N N 62  
ASP CB  CG   sing N N 63  
ASP CB  HB2  sing N N 64  
ASP CB  HB3  sing N N 65  
ASP CG  OD1  doub N N 66  
ASP CG  OD2  sing N N 67  
ASP OD2 HD2  sing N N 68  
ASP OXT HXT  sing N N 69  
CYS N   CA   sing N N 70  
CYS N   H    sing N N 71  
CYS N   H2   sing N N 72  
CYS CA  C    sing N N 73  
CYS CA  CB   sing N N 74  
CYS CA  HA   sing N N 75  
CYS C   O    doub N N 76  
CYS C   OXT  sing N N 77  
CYS CB  SG   sing N N 78  
CYS CB  HB2  sing N N 79  
CYS CB  HB3  sing N N 80  
CYS SG  HG   sing N N 81  
CYS OXT HXT  sing N N 82  
GLN N   CA   sing N N 83  
GLN N   H    sing N N 84  
GLN N   H2   sing N N 85  
GLN CA  C    sing N N 86  
GLN CA  CB   sing N N 87  
GLN CA  HA   sing N N 88  
GLN C   O    doub N N 89  
GLN C   OXT  sing N N 90  
GLN CB  CG   sing N N 91  
GLN CB  HB2  sing N N 92  
GLN CB  HB3  sing N N 93  
GLN CG  CD   sing N N 94  
GLN CG  HG2  sing N N 95  
GLN CG  HG3  sing N N 96  
GLN CD  OE1  doub N N 97  
GLN CD  NE2  sing N N 98  
GLN NE2 HE21 sing N N 99  
GLN NE2 HE22 sing N N 100 
GLN OXT HXT  sing N N 101 
GLU N   CA   sing N N 102 
GLU N   H    sing N N 103 
GLU N   H2   sing N N 104 
GLU CA  C    sing N N 105 
GLU CA  CB   sing N N 106 
GLU CA  HA   sing N N 107 
GLU C   O    doub N N 108 
GLU C   OXT  sing N N 109 
GLU CB  CG   sing N N 110 
GLU CB  HB2  sing N N 111 
GLU CB  HB3  sing N N 112 
GLU CG  CD   sing N N 113 
GLU CG  HG2  sing N N 114 
GLU CG  HG3  sing N N 115 
GLU CD  OE1  doub N N 116 
GLU CD  OE2  sing N N 117 
GLU OE2 HE2  sing N N 118 
GLU OXT HXT  sing N N 119 
GLY N   CA   sing N N 120 
GLY N   H    sing N N 121 
GLY N   H2   sing N N 122 
GLY CA  C    sing N N 123 
GLY CA  HA2  sing N N 124 
GLY CA  HA3  sing N N 125 
GLY C   O    doub N N 126 
GLY C   OXT  sing N N 127 
GLY OXT HXT  sing N N 128 
HIS N   CA   sing N N 129 
HIS N   H    sing N N 130 
HIS N   H2   sing N N 131 
HIS CA  C    sing N N 132 
HIS CA  CB   sing N N 133 
HIS CA  HA   sing N N 134 
HIS C   O    doub N N 135 
HIS C   OXT  sing N N 136 
HIS CB  CG   sing N N 137 
HIS CB  HB2  sing N N 138 
HIS CB  HB3  sing N N 139 
HIS CG  ND1  sing Y N 140 
HIS CG  CD2  doub Y N 141 
HIS ND1 CE1  doub Y N 142 
HIS ND1 HD1  sing N N 143 
HIS CD2 NE2  sing Y N 144 
HIS CD2 HD2  sing N N 145 
HIS CE1 NE2  sing Y N 146 
HIS CE1 HE1  sing N N 147 
HIS NE2 HE2  sing N N 148 
HIS OXT HXT  sing N N 149 
HOH O   H1   sing N N 150 
HOH O   H2   sing N N 151 
ILE N   CA   sing N N 152 
ILE N   H    sing N N 153 
ILE N   H2   sing N N 154 
ILE CA  C    sing N N 155 
ILE CA  CB   sing N N 156 
ILE CA  HA   sing N N 157 
ILE C   O    doub N N 158 
ILE C   OXT  sing N N 159 
ILE CB  CG1  sing N N 160 
ILE CB  CG2  sing N N 161 
ILE CB  HB   sing N N 162 
ILE CG1 CD1  sing N N 163 
ILE CG1 HG12 sing N N 164 
ILE CG1 HG13 sing N N 165 
ILE CG2 HG21 sing N N 166 
ILE CG2 HG22 sing N N 167 
ILE CG2 HG23 sing N N 168 
ILE CD1 HD11 sing N N 169 
ILE CD1 HD12 sing N N 170 
ILE CD1 HD13 sing N N 171 
ILE OXT HXT  sing N N 172 
LEU N   CA   sing N N 173 
LEU N   H    sing N N 174 
LEU N   H2   sing N N 175 
LEU CA  C    sing N N 176 
LEU CA  CB   sing N N 177 
LEU CA  HA   sing N N 178 
LEU C   O    doub N N 179 
LEU C   OXT  sing N N 180 
LEU CB  CG   sing N N 181 
LEU CB  HB2  sing N N 182 
LEU CB  HB3  sing N N 183 
LEU CG  CD1  sing N N 184 
LEU CG  CD2  sing N N 185 
LEU CG  HG   sing N N 186 
LEU CD1 HD11 sing N N 187 
LEU CD1 HD12 sing N N 188 
LEU CD1 HD13 sing N N 189 
LEU CD2 HD21 sing N N 190 
LEU CD2 HD22 sing N N 191 
LEU CD2 HD23 sing N N 192 
LEU OXT HXT  sing N N 193 
LYS N   CA   sing N N 194 
LYS N   H    sing N N 195 
LYS N   H2   sing N N 196 
LYS CA  C    sing N N 197 
LYS CA  CB   sing N N 198 
LYS CA  HA   sing N N 199 
LYS C   O    doub N N 200 
LYS C   OXT  sing N N 201 
LYS CB  CG   sing N N 202 
LYS CB  HB2  sing N N 203 
LYS CB  HB3  sing N N 204 
LYS CG  CD   sing N N 205 
LYS CG  HG2  sing N N 206 
LYS CG  HG3  sing N N 207 
LYS CD  CE   sing N N 208 
LYS CD  HD2  sing N N 209 
LYS CD  HD3  sing N N 210 
LYS CE  NZ   sing N N 211 
LYS CE  HE2  sing N N 212 
LYS CE  HE3  sing N N 213 
LYS NZ  HZ1  sing N N 214 
LYS NZ  HZ2  sing N N 215 
LYS NZ  HZ3  sing N N 216 
LYS OXT HXT  sing N N 217 
MET N   CA   sing N N 218 
MET N   H    sing N N 219 
MET N   H2   sing N N 220 
MET CA  C    sing N N 221 
MET CA  CB   sing N N 222 
MET CA  HA   sing N N 223 
MET C   O    doub N N 224 
MET C   OXT  sing N N 225 
MET CB  CG   sing N N 226 
MET CB  HB2  sing N N 227 
MET CB  HB3  sing N N 228 
MET CG  SD   sing N N 229 
MET CG  HG2  sing N N 230 
MET CG  HG3  sing N N 231 
MET SD  CE   sing N N 232 
MET CE  HE1  sing N N 233 
MET CE  HE2  sing N N 234 
MET CE  HE3  sing N N 235 
MET OXT HXT  sing N N 236 
PHE N   CA   sing N N 237 
PHE N   H    sing N N 238 
PHE N   H2   sing N N 239 
PHE CA  C    sing N N 240 
PHE CA  CB   sing N N 241 
PHE CA  HA   sing N N 242 
PHE C   O    doub N N 243 
PHE C   OXT  sing N N 244 
PHE CB  CG   sing N N 245 
PHE CB  HB2  sing N N 246 
PHE CB  HB3  sing N N 247 
PHE CG  CD1  doub Y N 248 
PHE CG  CD2  sing Y N 249 
PHE CD1 CE1  sing Y N 250 
PHE CD1 HD1  sing N N 251 
PHE CD2 CE2  doub Y N 252 
PHE CD2 HD2  sing N N 253 
PHE CE1 CZ   doub Y N 254 
PHE CE1 HE1  sing N N 255 
PHE CE2 CZ   sing Y N 256 
PHE CE2 HE2  sing N N 257 
PHE CZ  HZ   sing N N 258 
PHE OXT HXT  sing N N 259 
PRO N   CA   sing N N 260 
PRO N   CD   sing N N 261 
PRO N   H    sing N N 262 
PRO CA  C    sing N N 263 
PRO CA  CB   sing N N 264 
PRO CA  HA   sing N N 265 
PRO C   O    doub N N 266 
PRO C   OXT  sing N N 267 
PRO CB  CG   sing N N 268 
PRO CB  HB2  sing N N 269 
PRO CB  HB3  sing N N 270 
PRO CG  CD   sing N N 271 
PRO CG  HG2  sing N N 272 
PRO CG  HG3  sing N N 273 
PRO CD  HD2  sing N N 274 
PRO CD  HD3  sing N N 275 
PRO OXT HXT  sing N N 276 
SER N   CA   sing N N 277 
SER N   H    sing N N 278 
SER N   H2   sing N N 279 
SER CA  C    sing N N 280 
SER CA  CB   sing N N 281 
SER CA  HA   sing N N 282 
SER C   O    doub N N 283 
SER C   OXT  sing N N 284 
SER CB  OG   sing N N 285 
SER CB  HB2  sing N N 286 
SER CB  HB3  sing N N 287 
SER OG  HG   sing N N 288 
SER OXT HXT  sing N N 289 
THR N   CA   sing N N 290 
THR N   H    sing N N 291 
THR N   H2   sing N N 292 
THR CA  C    sing N N 293 
THR CA  CB   sing N N 294 
THR CA  HA   sing N N 295 
THR C   O    doub N N 296 
THR C   OXT  sing N N 297 
THR CB  OG1  sing N N 298 
THR CB  CG2  sing N N 299 
THR CB  HB   sing N N 300 
THR OG1 HG1  sing N N 301 
THR CG2 HG21 sing N N 302 
THR CG2 HG22 sing N N 303 
THR CG2 HG23 sing N N 304 
THR OXT HXT  sing N N 305 
TRP N   CA   sing N N 306 
TRP N   H    sing N N 307 
TRP N   H2   sing N N 308 
TRP CA  C    sing N N 309 
TRP CA  CB   sing N N 310 
TRP CA  HA   sing N N 311 
TRP C   O    doub N N 312 
TRP C   OXT  sing N N 313 
TRP CB  CG   sing N N 314 
TRP CB  HB2  sing N N 315 
TRP CB  HB3  sing N N 316 
TRP CG  CD1  doub Y N 317 
TRP CG  CD2  sing Y N 318 
TRP CD1 NE1  sing Y N 319 
TRP CD1 HD1  sing N N 320 
TRP CD2 CE2  doub Y N 321 
TRP CD2 CE3  sing Y N 322 
TRP NE1 CE2  sing Y N 323 
TRP NE1 HE1  sing N N 324 
TRP CE2 CZ2  sing Y N 325 
TRP CE3 CZ3  doub Y N 326 
TRP CE3 HE3  sing N N 327 
TRP CZ2 CH2  doub Y N 328 
TRP CZ2 HZ2  sing N N 329 
TRP CZ3 CH2  sing Y N 330 
TRP CZ3 HZ3  sing N N 331 
TRP CH2 HH2  sing N N 332 
TRP OXT HXT  sing N N 333 
TYR N   CA   sing N N 334 
TYR N   H    sing N N 335 
TYR N   H2   sing N N 336 
TYR CA  C    sing N N 337 
TYR CA  CB   sing N N 338 
TYR CA  HA   sing N N 339 
TYR C   O    doub N N 340 
TYR C   OXT  sing N N 341 
TYR CB  CG   sing N N 342 
TYR CB  HB2  sing N N 343 
TYR CB  HB3  sing N N 344 
TYR CG  CD1  doub Y N 345 
TYR CG  CD2  sing Y N 346 
TYR CD1 CE1  sing Y N 347 
TYR CD1 HD1  sing N N 348 
TYR CD2 CE2  doub Y N 349 
TYR CD2 HD2  sing N N 350 
TYR CE1 CZ   doub Y N 351 
TYR CE1 HE1  sing N N 352 
TYR CE2 CZ   sing Y N 353 
TYR CE2 HE2  sing N N 354 
TYR CZ  OH   sing N N 355 
TYR OH  HH   sing N N 356 
TYR OXT HXT  sing N N 357 
VAL N   CA   sing N N 358 
VAL N   H    sing N N 359 
VAL N   H2   sing N N 360 
VAL CA  C    sing N N 361 
VAL CA  CB   sing N N 362 
VAL CA  HA   sing N N 363 
VAL C   O    doub N N 364 
VAL C   OXT  sing N N 365 
VAL CB  CG1  sing N N 366 
VAL CB  CG2  sing N N 367 
VAL CB  HB   sing N N 368 
VAL CG1 HG11 sing N N 369 
VAL CG1 HG12 sing N N 370 
VAL CG1 HG13 sing N N 371 
VAL CG2 HG21 sing N N 372 
VAL CG2 HG22 sing N N 373 
VAL CG2 HG23 sing N N 374 
VAL OXT HXT  sing N N 375 
# 
_pdbx_audit_support.funding_organization   
'National Institutes of Health/National Institute Of Allergy and Infectious Diseases (NIH/NIAID)' 
_pdbx_audit_support.country                'United States' 
_pdbx_audit_support.grant_number           R21AI151924 
_pdbx_audit_support.ordinal                1 
# 
_pdbx_entity_instance_feature.ordinal        1 
_pdbx_entity_instance_feature.comp_id        CL 
_pdbx_entity_instance_feature.asym_id        ? 
_pdbx_entity_instance_feature.seq_num        ? 
_pdbx_entity_instance_feature.auth_comp_id   CL 
_pdbx_entity_instance_feature.auth_asym_id   ? 
_pdbx_entity_instance_feature.auth_seq_num   ? 
_pdbx_entity_instance_feature.feature_type   'SUBJECT OF INVESTIGATION' 
_pdbx_entity_instance_feature.details        ? 
# 
_pdbx_initial_refinement_model.id               1 
_pdbx_initial_refinement_model.entity_id_list   ? 
_pdbx_initial_refinement_model.type             'experimental model' 
_pdbx_initial_refinement_model.source_name      PDB 
_pdbx_initial_refinement_model.accession_code   3CEX 
_pdbx_initial_refinement_model.details          ? 
# 
_atom_sites.entry_id                    8FX9 
_atom_sites.Cartn_transf_matrix[1][1]   ? 
_atom_sites.Cartn_transf_matrix[1][2]   ? 
_atom_sites.Cartn_transf_matrix[1][3]   ? 
_atom_sites.Cartn_transf_matrix[2][1]   ? 
_atom_sites.Cartn_transf_matrix[2][2]   ? 
_atom_sites.Cartn_transf_matrix[2][3]   ? 
_atom_sites.Cartn_transf_matrix[3][1]   ? 
_atom_sites.Cartn_transf_matrix[3][2]   ? 
_atom_sites.Cartn_transf_matrix[3][3]   ? 
_atom_sites.Cartn_transf_vector[1]      ? 
_atom_sites.Cartn_transf_vector[2]      ? 
_atom_sites.Cartn_transf_vector[3]      ? 
_atom_sites.fract_transf_matrix[1][1]   -0.01372202 
_atom_sites.fract_transf_matrix[1][2]   -0.00673443 
_atom_sites.fract_transf_matrix[1][3]   0.00056686 
_atom_sites.fract_transf_matrix[2][1]   -0.00433491 
_atom_sites.fract_transf_matrix[2][2]   0.00897596 
_atom_sites.fract_transf_matrix[2][3]   0.00170095 
_atom_sites.fract_transf_matrix[3][1]   -0.00214038 
_atom_sites.fract_transf_matrix[3][2]   0.00270192 
_atom_sites.fract_transf_matrix[3][3]   -0.01971290 
_atom_sites.fract_transf_vector[1]      0.346807 
_atom_sites.fract_transf_vector[2]      0.166024 
_atom_sites.fract_transf_vector[3]      -0.130450 
_atom_sites.solution_primary            ? 
_atom_sites.solution_secondary          ? 
_atom_sites.solution_hydrogens          ? 
_atom_sites.special_details             ? 
# 
loop_
_atom_type.symbol 
C  
CL 
N  
O  
S  
# 
loop_
_atom_site.group_PDB 
_atom_site.id 
_atom_site.type_symbol 
_atom_site.label_atom_id 
_atom_site.label_alt_id 
_atom_site.label_comp_id 
_atom_site.label_asym_id 
_atom_site.label_entity_id 
_atom_site.label_seq_id 
_atom_site.pdbx_PDB_ins_code 
_atom_site.Cartn_x 
_atom_site.Cartn_y 
_atom_site.Cartn_z 
_atom_site.occupancy 
_atom_site.B_iso_or_equiv 
_atom_site.pdbx_formal_charge 
_atom_site.auth_seq_id 
_atom_site.auth_comp_id 
_atom_site.auth_asym_id 
_atom_site.auth_atom_id 
_atom_site.pdbx_PDB_model_num 
ATOM   1    N  N   . PRO A 1 1   ? 11.705  -25.191 -2.719  1.00 17.60 ? 1   PRO A N   1 
ATOM   2    C  CA  . PRO A 1 1   ? 10.309  -25.122 -3.164  1.00 19.34 ? 1   PRO A CA  1 
ATOM   3    C  C   . PRO A 1 1   ? 9.715   -26.509 -3.366  1.00 20.98 ? 1   PRO A C   1 
ATOM   4    O  O   . PRO A 1 1   ? 10.417  -27.473 -3.675  1.00 21.46 ? 1   PRO A O   1 
ATOM   5    C  CB  . PRO A 1 1   ? 10.398  -24.359 -4.492  1.00 16.36 ? 1   PRO A CB  1 
ATOM   6    C  CG  . PRO A 1 1   ? 11.857  -24.383 -4.875  1.00 20.65 ? 1   PRO A CG  1 
ATOM   7    C  CD  . PRO A 1 1   ? 12.606  -24.416 -3.584  1.00 21.55 ? 1   PRO A CD  1 
ATOM   8    N  N   . ALA A 1 2   ? 8.403   -26.603 -3.158  1.00 16.64 ? 2   ALA A N   1 
ATOM   9    C  CA  . ALA A 1 2   ? 7.686   -27.855 -3.320  1.00 15.28 ? 2   ALA A CA  1 
ATOM   10   C  C   . ALA A 1 2   ? 6.275   -27.545 -3.794  1.00 16.15 ? 2   ALA A C   1 
ATOM   11   O  O   . ALA A 1 2   ? 5.787   -26.419 -3.651  1.00 17.71 ? 2   ALA A O   1 
ATOM   12   C  CB  . ALA A 1 2   ? 7.651   -28.649 -2.012  1.00 16.88 ? 2   ALA A CB  1 
ATOM   13   N  N   . SER A 1 3   ? 5.615   -28.563 -4.354  1.00 16.23 ? 3   SER A N   1 
ATOM   14   C  CA  . SER A 1 3   ? 4.263   -28.360 -4.862  1.00 16.30 ? 3   SER A CA  1 
ATOM   15   C  C   . SER A 1 3   ? 3.268   -28.003 -3.757  1.00 16.90 ? 3   SER A C   1 
ATOM   16   O  O   . SER A 1 3   ? 2.272   -27.319 -4.021  1.00 17.73 ? 3   SER A O   1 
ATOM   17   C  CB  . SER A 1 3   ? 3.821   -29.588 -5.652  1.00 18.02 ? 3   SER A CB  1 
ATOM   18   O  OG  . SER A 1 3   ? 4.567   -29.669 -6.854  1.00 20.78 ? 3   SER A OG  1 
ATOM   19   N  N   . THR A 1 4   ? 3.525   -28.424 -2.516  1.00 16.83 ? 4   THR A N   1 
ATOM   20   C  CA  . THR A 1 4   ? 2.653   -28.069 -1.402  1.00 17.64 ? 4   THR A CA  1 
ATOM   21   C  C   . THR A 1 4   ? 2.758   -26.596 -1.000  1.00 16.75 ? 4   THR A C   1 
ATOM   22   O  O   . THR A 1 4   ? 2.010   -26.165 -0.110  1.00 17.61 ? 4   THR A O   1 
ATOM   23   C  CB  . THR A 1 4   ? 2.932   -28.972 -0.203  1.00 18.66 ? 4   THR A CB  1 
ATOM   24   O  OG1 . THR A 1 4   ? 4.344   -29.092 -0.013  1.00 17.57 ? 4   THR A OG1 1 
ATOM   25   C  CG2 . THR A 1 4   ? 2.348   -30.358 -0.430  1.00 18.49 ? 4   THR A CG2 1 
ATOM   26   N  N   . ASP A 1 5   ? 3.664   -25.824 -1.613  1.00 14.51 ? 5   ASP A N   1 
ATOM   27   C  CA  . ASP A 1 5   ? 3.705   -24.388 -1.374  1.00 13.81 ? 5   ASP A CA  1 
ATOM   28   C  C   . ASP A 1 5   ? 2.531   -23.667 -2.017  1.00 14.23 ? 5   ASP A C   1 
ATOM   29   O  O   . ASP A 1 5   ? 2.269   -22.509 -1.680  1.00 15.02 ? 5   ASP A O   1 
ATOM   30   C  CB  . ASP A 1 5   ? 4.999   -23.789 -1.917  1.00 15.99 ? 5   ASP A CB  1 
ATOM   31   C  CG  . ASP A 1 5   ? 6.212   -24.221 -1.132  1.00 17.38 ? 5   ASP A CG  1 
ATOM   32   O  OD1 . ASP A 1 5   ? 6.085   -24.492 0.088   1.00 18.80 ? 5   ASP A OD1 1 
ATOM   33   O  OD2 . ASP A 1 5   ? 7.305   -24.271 -1.737  1.00 23.08 ? 5   ASP A OD2 1 
ATOM   34   N  N   . ALA A 1 6   ? 1.827   -24.319 -2.942  1.00 15.80 ? 6   ALA A N   1 
ATOM   35   C  CA  . ALA A 1 6   ? 0.798   -23.627 -3.709  1.00 14.12 ? 6   ALA A CA  1 
ATOM   36   C  C   . ALA A 1 6   ? -0.315  -23.080 -2.825  1.00 14.01 ? 6   ALA A C   1 
ATOM   37   O  O   . ALA A 1 6   ? -0.859  -22.010 -3.117  1.00 13.91 ? 6   ALA A O   1 
ATOM   38   C  CB  . ALA A 1 6   ? 0.243   -24.555 -4.790  1.00 16.84 ? 6   ALA A CB  1 
ATOM   39   N  N   . ALA A 1 7   ? -0.660  -23.773 -1.736  1.00 13.83 ? 7   ALA A N   1 
ATOM   40   C  CA  . ALA A 1 7   ? -1.780  -23.330 -0.904  1.00 12.79 ? 7   ALA A CA  1 
ATOM   41   C  C   . ALA A 1 7   ? -1.512  -21.962 -0.298  1.00 13.17 ? 7   ALA A C   1 
ATOM   42   O  O   . ALA A 1 7   ? -2.371  -21.070 -0.350  1.00 13.90 ? 7   ALA A O   1 
ATOM   43   C  CB  . ALA A 1 7   ? -2.085  -24.357 0.192   1.00 18.75 ? 7   ALA A CB  1 
ATOM   44   N  N   . ALA A 1 8   ? -0.331  -21.780 0.299   1.00 13.69 ? 8   ALA A N   1 
ATOM   45   C  CA  . ALA A 1 8   ? -0.001  -20.488 0.888   1.00 14.49 ? 8   ALA A CA  1 
ATOM   46   C  C   . ALA A 1 8   ? 0.206   -19.431 -0.188  1.00 11.17 ? 8   ALA A C   1 
ATOM   47   O  O   . ALA A 1 8   ? -0.142  -18.262 0.014   1.00 11.84 ? 8   ALA A O   1 
ATOM   48   C  CB  . ALA A 1 8   ? 1.246   -20.615 1.757   1.00 15.31 ? 8   ALA A CB  1 
ATOM   49   N  N   . GLN A 1 9   ? 0.766   -19.817 -1.342  1.00 11.94 ? 9   GLN A N   1 
ATOM   50   C  CA  . GLN A 1 9   ? 0.861   -18.886 -2.461  1.00 12.96 ? 9   GLN A CA  1 
ATOM   51   C  C   . GLN A 1 9   ? -0.518  -18.375 -2.862  1.00 12.86 ? 9   GLN A C   1 
ATOM   52   O  O   . GLN A 1 9   ? -0.690  -17.176 -3.120  1.00 12.66 ? 9   GLN A O   1 
ATOM   53   C  CB  . GLN A 1 9   ? 1.571   -19.552 -3.647  1.00 14.14 ? 9   GLN A CB  1 
ATOM   54   C  CG  . GLN A 1 9   ? 3.084   -19.727 -3.433  1.00 13.44 ? 9   GLN A CG  1 
ATOM   55   C  CD  . GLN A 1 9   ? 3.683   -20.778 -4.346  1.00 14.19 ? 9   GLN A CD  1 
ATOM   56   O  OE1 . GLN A 1 9   ? 3.001   -21.328 -5.208  1.00 15.76 ? 9   GLN A OE1 1 
ATOM   57   N  NE2 . GLN A 1 9   ? 4.962   -21.080 -4.141  1.00 15.62 ? 9   GLN A NE2 1 
ATOM   58   N  N   . GLU A 1 10  ? -1.523  -19.259 -2.874  1.00 12.03 ? 10  GLU A N   1 
ATOM   59   C  CA  . GLU A 1 10  ? -2.861  -18.842 -3.277  1.00 13.64 ? 10  GLU A CA  1 
ATOM   60   C  C   . GLU A 1 10  ? -3.514  -17.949 -2.225  1.00 13.35 ? 10  GLU A C   1 
ATOM   61   O  O   . GLU A 1 10  ? -4.171  -16.962 -2.571  1.00 11.95 ? 10  GLU A O   1 
ATOM   62   C  CB  . GLU A 1 10  ? -3.721  -20.064 -3.614  1.00 15.41 ? 10  GLU A CB  1 
ATOM   63   C  CG  . GLU A 1 10  ? -5.229  -19.778 -3.776  1.00 16.07 ? 10  GLU A CG  1 
ATOM   64   C  CD  . GLU A 1 10  ? -5.550  -18.727 -4.818  1.00 29.83 ? 10  GLU A CD  1 
ATOM   65   O  OE1 . GLU A 1 10  ? -4.775  -18.574 -5.790  1.00 33.35 ? 10  GLU A OE1 1 
ATOM   66   O  OE2 . GLU A 1 10  ? -6.589  -18.046 -4.663  1.00 29.39 ? 10  GLU A OE2 1 
ATOM   67   N  N   . LEU A 1 11  ? -3.344  -18.273 -0.938  1.00 11.59 ? 11  LEU A N   1 
ATOM   68   C  CA  . LEU A 1 11  ? -3.882  -17.420 0.119   1.00 12.69 ? 11  LEU A CA  1 
ATOM   69   C  C   . LEU A 1 11  ? -3.313  -16.014 0.012   1.00 11.45 ? 11  LEU A C   1 
ATOM   70   O  O   . LEU A 1 11  ? -4.049  -15.027 0.115   1.00 12.06 ? 11  LEU A O   1 
ATOM   71   C  CB  . LEU A 1 11  ? -3.543  -18.003 1.495   1.00 14.54 ? 11  LEU A CB  1 
ATOM   72   C  CG  . LEU A 1 11  ? -4.490  -19.064 2.042   1.00 15.74 ? 11  LEU A CG  1 
ATOM   73   C  CD1 . LEU A 1 11  ? -3.923  -19.673 3.313   1.00 18.48 ? 11  LEU A CD1 1 
ATOM   74   C  CD2 . LEU A 1 11  ? -5.852  -18.464 2.320   1.00 14.18 ? 11  LEU A CD2 1 
ATOM   75   N  N   . LEU A 1 12  ? -2.001  -15.908 -0.207  1.00 10.98 ? 12  LEU A N   1 
ATOM   76   C  CA  . LEU A 1 12  ? -1.349  -14.605 -0.316  1.00 11.07 ? 12  LEU A CA  1 
ATOM   77   C  C   . LEU A 1 12  ? -1.796  -13.864 -1.574  1.00 11.81 ? 12  LEU A C   1 
ATOM   78   O  O   . LEU A 1 12  ? -2.132  -12.674 -1.518  1.00 11.92 ? 12  LEU A O   1 
ATOM   79   C  CB  . LEU A 1 12  ? 0.167   -14.802 -0.301  1.00 11.74 ? 12  LEU A CB  1 
ATOM   80   C  CG  . LEU A 1 12  ? 0.761   -15.198 1.048   1.00 14.87 ? 12  LEU A CG  1 
ATOM   81   C  CD1 . LEU A 1 12  ? 2.205   -15.631 0.883   1.00 13.35 ? 12  LEU A CD1 1 
ATOM   82   C  CD2 . LEU A 1 12  ? 0.660   -14.061 2.062   1.00 12.47 ? 12  LEU A CD2 1 
ATOM   83   N  N   . ARG A 1 13  ? -1.814  -14.553 -2.719  1.00 10.94 ? 13  ARG A N   1 
ATOM   84   C  CA  . ARG A 1 13  ? -2.262  -13.900 -3.948  1.00 11.73 ? 13  ARG A CA  1 
ATOM   85   C  C   . ARG A 1 13  ? -3.686  -13.383 -3.808  1.00 11.81 ? 13  ARG A C   1 
ATOM   86   O  O   . ARG A 1 13  ? -3.986  -12.249 -4.201  1.00 12.89 ? 13  ARG A O   1 
ATOM   87   C  CB  . ARG A 1 13  ? -2.150  -14.865 -5.126  1.00 13.36 ? 13  ARG A CB  1 
ATOM   88   C  CG  . ARG A 1 13  ? -2.620  -14.264 -6.436  1.00 15.92 ? 13  ARG A CG  1 
ATOM   89   C  CD  . ARG A 1 13  ? -2.632  -15.240 -7.613  1.00 19.22 ? 13  ARG A CD  1 
ATOM   90   N  NE  . ARG A 1 13  ? -2.641  -16.636 -7.201  1.00 26.73 ? 13  ARG A NE  1 
ATOM   91   C  CZ  . ARG A 1 13  ? -1.564  -17.407 -7.160  1.00 28.23 ? 13  ARG A CZ  1 
ATOM   92   N  NH1 . ARG A 1 13  ? -0.365  -16.944 -7.482  1.00 30.29 ? 13  ARG A NH1 1 
ATOM   93   N  NH2 . ARG A 1 13  ? -1.689  -18.668 -6.765  1.00 21.88 ? 13  ARG A NH2 1 
ATOM   94   N  N   . ASP A 1 14  ? -4.574  -14.191 -3.234  1.00 10.49 ? 14  ASP A N   1 
ATOM   95   C  CA  . ASP A 1 14  ? -5.958  -13.753 -3.090  1.00 12.52 ? 14  ASP A CA  1 
ATOM   96   C  C   . ASP A 1 14  ? -6.070  -12.559 -2.142  1.00 12.51 ? 14  ASP A C   1 
ATOM   97   O  O   . ASP A 1 14  ? -6.792  -11.597 -2.433  1.00 12.04 ? 14  ASP A O   1 
ATOM   98   C  CB  . ASP A 1 14  ? -6.805  -14.925 -2.620  1.00 12.90 ? 14  ASP A CB  1 
ATOM   99   C  CG  . ASP A 1 14  ? -8.282  -14.700 -2.848  1.00 16.87 ? 14  ASP A CG  1 
ATOM   100  O  OD1 . ASP A 1 14  ? -8.652  -13.818 -3.654  1.00 21.41 ? 14  ASP A OD1 1 
ATOM   101  O  OD2 . ASP A 1 14  ? -9.072  -15.414 -2.208  1.00 20.84 ? 14  ASP A OD2 1 
ATOM   102  N  N   . ALA A 1 15  ? -5.368  -12.598 -1.003  1.00 9.48  ? 15  ALA A N   1 
ATOM   103  C  CA  . ALA A 1 15  ? -5.459  -11.490 -0.054  1.00 9.98  ? 15  ALA A CA  1 
ATOM   104  C  C   . ALA A 1 15  ? -4.952  -10.187 -0.666  1.00 11.20 ? 15  ALA A C   1 
ATOM   105  O  O   . ALA A 1 15  ? -5.583  -9.128  -0.528  1.00 11.44 ? 15  ALA A O   1 
ATOM   106  C  CB  . ALA A 1 15  ? -4.682  -11.819 1.227   1.00 10.44 ? 15  ALA A CB  1 
ATOM   107  N  N   . PHE A 1 16  ? -3.820  -10.240 -1.355  1.00 11.37 ? 16  PHE A N   1 
ATOM   108  C  CA  . PHE A 1 16  ? -3.304  -9.022  -1.968  1.00 12.44 ? 16  PHE A CA  1 
ATOM   109  C  C   . PHE A 1 16  ? -4.175  -8.556  -3.122  1.00 11.03 ? 16  PHE A C   1 
ATOM   110  O  O   . PHE A 1 16  ? -4.324  -7.343  -3.334  1.00 11.81 ? 16  PHE A O   1 
ATOM   111  C  CB  . PHE A 1 16  ? -1.853  -9.222  -2.383  1.00 11.23 ? 16  PHE A CB  1 
ATOM   112  C  CG  . PHE A 1 16  ? -0.877  -9.006  -1.254  1.00 10.06 ? 16  PHE A CG  1 
ATOM   113  C  CD1 . PHE A 1 16  ? -0.633  -7.737  -0.778  1.00 11.44 ? 16  PHE A CD1 1 
ATOM   114  C  CD2 . PHE A 1 16  ? -0.218  -10.072 -0.661  1.00 11.23 ? 16  PHE A CD2 1 
ATOM   115  C  CE1 . PHE A 1 16  ? 0.265   -7.523  0.267   1.00 11.41 ? 16  PHE A CE1 1 
ATOM   116  C  CE2 . PHE A 1 16  ? 0.678   -9.866  0.366   1.00 10.33 ? 16  PHE A CE2 1 
ATOM   117  C  CZ  . PHE A 1 16  ? 0.932   -8.584  0.818   1.00 11.34 ? 16  PHE A CZ  1 
ATOM   118  N  N   . THR A 1 17  ? -4.799  -9.493  -3.849  1.00 11.85 ? 17  THR A N   1 
ATOM   119  C  CA  . THR A 1 17  ? -5.670  -9.108  -4.951  1.00 13.00 ? 17  THR A CA  1 
ATOM   120  C  C   . THR A 1 17  ? -6.909  -8.369  -4.452  1.00 13.09 ? 17  THR A C   1 
ATOM   121  O  O   . THR A 1 17  ? -7.409  -7.476  -5.144  1.00 12.74 ? 17  THR A O   1 
ATOM   122  C  CB  . THR A 1 17  ? -6.034  -10.337 -5.785  1.00 12.08 ? 17  THR A CB  1 
ATOM   123  O  OG1 . THR A 1 17  ? -4.845  -10.868 -6.374  1.00 13.99 ? 17  THR A OG1 1 
ATOM   124  C  CG2 . THR A 1 17  ? -7.023  -9.987  -6.890  1.00 13.63 ? 17  THR A CG2 1 
ATOM   125  N  N   . ARG A 1 18  ? -7.407  -8.685  -3.248  1.00 12.44 ? 18  ARG A N   1 
ATOM   126  C  CA  . ARG A 1 18  ? -8.565  -7.939  -2.756  1.00 11.54 ? 18  ARG A CA  1 
ATOM   127  C  C   . ARG A 1 18  ? -8.229  -6.473  -2.558  1.00 12.73 ? 18  ARG A C   1 
ATOM   128  O  O   . ARG A 1 18  ? -9.073  -5.603  -2.804  1.00 12.21 ? 18  ARG A O   1 
ATOM   129  C  CB  . ARG A 1 18  ? -9.085  -8.513  -1.447  1.00 14.27 ? 18  ARG A CB  1 
ATOM   130  C  CG  . ARG A 1 18  ? -9.313  -9.974  -1.454  1.00 13.82 ? 18  ARG A CG  1 
ATOM   131  C  CD  . ARG A 1 18  ? -10.118 -10.434 -2.632  1.00 18.09 ? 18  ARG A CD  1 
ATOM   132  N  NE  . ARG A 1 18  ? -10.344 -11.863 -2.498  1.00 16.75 ? 18  ARG A NE  1 
ATOM   133  C  CZ  . ARG A 1 18  ? -11.374 -12.393 -1.854  1.00 17.84 ? 18  ARG A CZ  1 
ATOM   134  N  NH1 . ARG A 1 18  ? -12.325 -11.635 -1.330  1.00 19.24 ? 18  ARG A NH1 1 
ATOM   135  N  NH2 . ARG A 1 18  ? -11.448 -13.709 -1.733  1.00 15.75 ? 18  ARG A NH2 1 
ATOM   136  N  N   . LEU A 1 19  ? -6.996  -6.183  -2.129  1.00 10.18 ? 19  LEU A N   1 
ATOM   137  C  CA  . LEU A 1 19  ? -6.575  -4.799  -1.948  1.00 12.13 ? 19  LEU A CA  1 
ATOM   138  C  C   . LEU A 1 19  ? -6.626  -4.039  -3.261  1.00 10.69 ? 19  LEU A C   1 
ATOM   139  O  O   . LEU A 1 19  ? -7.168  -2.929  -3.328  1.00 12.09 ? 19  LEU A O   1 
ATOM   140  C  CB  . LEU A 1 19  ? -5.160  -4.733  -1.379  1.00 11.60 ? 19  LEU A CB  1 
ATOM   141  C  CG  . LEU A 1 19  ? -4.916  -5.436  -0.050  1.00 11.73 ? 19  LEU A CG  1 
ATOM   142  C  CD1 . LEU A 1 19  ? -3.461  -5.260  0.335   1.00 11.34 ? 19  LEU A CD1 1 
ATOM   143  C  CD2 . LEU A 1 19  ? -5.852  -4.866  1.010   1.00 13.20 ? 19  LEU A CD2 1 
ATOM   144  N  N   . ILE A 1 20  ? -6.066  -4.623  -4.328  1.00 9.79  ? 20  ILE A N   1 
ATOM   145  C  CA  . ILE A 1 20  ? -6.059  -3.893  -5.591  1.00 11.57 ? 20  ILE A CA  1 
ATOM   146  C  C   . ILE A 1 20  ? -7.478  -3.743  -6.138  1.00 11.05 ? 20  ILE A C   1 
ATOM   147  O  O   . ILE A 1 20  ? -7.791  -2.741  -6.798  1.00 11.38 ? 20  ILE A O   1 
ATOM   148  C  CB  . ILE A 1 20  ? -5.060  -4.495  -6.602  1.00 12.08 ? 20  ILE A CB  1 
ATOM   149  C  CG1 . ILE A 1 20  ? -4.709  -3.469  -7.687  1.00 11.40 ? 20  ILE A CG1 1 
ATOM   150  C  CG2 . ILE A 1 20  ? -5.619  -5.749  -7.247  1.00 12.47 ? 20  ILE A CG2 1 
ATOM   151  C  CD1 . ILE A 1 20  ? -4.035  -2.213  -7.144  1.00 17.75 ? 20  ILE A CD1 1 
ATOM   152  N  N   . GLU A 1 21  ? -8.359  -4.715  -5.869  1.00 10.53 ? 21  GLU A N   1 
ATOM   153  C  CA  . GLU A 1 21  ? -9.757  -4.571  -6.258  1.00 12.01 ? 21  GLU A CA  1 
ATOM   154  C  C   . GLU A 1 21  ? -10.395 -3.375  -5.552  1.00 12.80 ? 21  GLU A C   1 
ATOM   155  O  O   . GLU A 1 21  ? -11.155 -2.615  -6.164  1.00 12.08 ? 21  GLU A O   1 
ATOM   156  C  CB  . GLU A 1 21  ? -10.528 -5.854  -5.931  1.00 13.71 ? 21  GLU A CB  1 
ATOM   157  C  CG  . GLU A 1 21  ? -10.429 -6.934  -6.985  1.00 17.21 ? 21  GLU A CG  1 
ATOM   158  C  CD  . GLU A 1 21  ? -10.837 -8.306  -6.458  1.00 17.34 ? 21  GLU A CD  1 
ATOM   159  O  OE1 . GLU A 1 21  ? -11.389 -8.381  -5.343  1.00 19.66 ? 21  GLU A OE1 1 
ATOM   160  O  OE2 . GLU A 1 21  ? -10.636 -9.306  -7.184  1.00 24.61 ? 21  GLU A OE2 1 
ATOM   161  N  N   . HIS A 1 22  ? -10.085 -3.176  -4.268  1.00 11.32 ? 22  HIS A N   1 
ATOM   162  C  CA  . HIS A 1 22  ? -10.604 -2.004  -3.566  1.00 11.19 ? 22  HIS A CA  1 
ATOM   163  C  C   . HIS A 1 22  ? -10.064 -0.718  -4.176  1.00 12.60 ? 22  HIS A C   1 
ATOM   164  O  O   . HIS A 1 22  ? -10.785 0.278   -4.274  1.00 12.32 ? 22  HIS A O   1 
ATOM   165  C  CB  . HIS A 1 22  ? -10.241 -2.080  -2.081  1.00 12.39 ? 22  HIS A CB  1 
ATOM   166  C  CG  . HIS A 1 22  ? -10.941 -3.172  -1.344  1.00 14.73 ? 22  HIS A CG  1 
ATOM   167  N  ND1 . HIS A 1 22  ? -12.287 -3.420  -1.501  1.00 20.20 ? 22  HIS A ND1 1 
ATOM   168  C  CD2 . HIS A 1 22  ? -10.494 -4.073  -0.437  1.00 24.98 ? 22  HIS A CD2 1 
ATOM   169  C  CE1 . HIS A 1 22  ? -12.643 -4.424  -0.719  1.00 20.58 ? 22  HIS A CE1 1 
ATOM   170  N  NE2 . HIS A 1 22  ? -11.570 -4.846  -0.071  1.00 19.57 ? 22  HIS A NE2 1 
ATOM   171  N  N   . VAL A 1 23  ? -8.789  -0.713  -4.569  1.00 9.67  ? 23  VAL A N   1 
ATOM   172  C  CA  . VAL A 1 23  ? -8.216  0.459   -5.216  1.00 10.54 ? 23  VAL A CA  1 
ATOM   173  C  C   . VAL A 1 23  ? -8.981  0.793   -6.497  1.00 9.80  ? 23  VAL A C   1 
ATOM   174  O  O   . VAL A 1 23  ? -9.301  1.963   -6.749  1.00 10.97 ? 23  VAL A O   1 
ATOM   175  C  CB  . VAL A 1 23  ? -6.712  0.244   -5.466  1.00 9.95  ? 23  VAL A CB  1 
ATOM   176  C  CG1 . VAL A 1 23  ? -6.120  1.353   -6.333  1.00 12.45 ? 23  VAL A CG1 1 
ATOM   177  C  CG2 . VAL A 1 23  ? -5.966  0.129   -4.125  1.00 11.34 ? 23  VAL A CG2 1 
ATOM   178  N  N   . ASP A 1 24  ? -9.310  -0.221  -7.314  1.00 10.50 ? 24  ASP A N   1 
ATOM   179  C  CA  . ASP A 1 24  ? -10.078 0.043   -8.529  1.00 11.31 ? 24  ASP A CA  1 
ATOM   180  C  C   . ASP A 1 24  ? -11.429 0.662   -8.194  1.00 12.91 ? 24  ASP A C   1 
ATOM   181  O  O   . ASP A 1 24  ? -11.865 1.611   -8.854  1.00 14.32 ? 24  ASP A O   1 
ATOM   182  C  CB  . ASP A 1 24  ? -10.286 -1.243  -9.329  1.00 13.12 ? 24  ASP A CB  1 
ATOM   183  C  CG  . ASP A 1 24  ? -9.035  -1.711  -10.030 1.00 16.24 ? 24  ASP A CG  1 
ATOM   184  O  OD1 . ASP A 1 24  ? -8.118  -0.901  -10.228 1.00 18.48 ? 24  ASP A OD1 1 
ATOM   185  O  OD2 . ASP A 1 24  ? -8.990  -2.902  -10.393 1.00 21.44 ? 24  ASP A OD2 1 
ATOM   186  N  N   . GLU A 1 25  ? -12.097 0.138   -7.168  1.00 11.11 ? 25  GLU A N   1 
ATOM   187  C  CA  . GLU A 1 25  ? -13.391 0.674   -6.749  1.00 13.98 ? 25  GLU A CA  1 
ATOM   188  C  C   . GLU A 1 25  ? -13.260 2.115   -6.279  1.00 13.15 ? 25  GLU A C   1 
ATOM   189  O  O   . GLU A 1 25  ? -14.048 2.986   -6.664  1.00 14.17 ? 25  GLU A O   1 
ATOM   190  C  CB  . GLU A 1 25  ? -13.962 -0.181  -5.614  1.00 16.29 ? 25  GLU A CB  1 
ATOM   191  C  CG  . GLU A 1 25  ? -14.248 -1.644  -5.945  1.00 27.87 ? 25  GLU A CG  1 
ATOM   192  C  CD  . GLU A 1 25  ? -14.355 -2.536  -4.708  1.00 35.55 ? 25  GLU A CD  1 
ATOM   193  O  OE1 . GLU A 1 25  ? -14.614 -3.747  -4.880  1.00 41.02 ? 25  GLU A OE1 1 
ATOM   194  O  OE2 . GLU A 1 25  ? -14.166 -2.045  -3.568  1.00 30.06 ? 25  GLU A OE2 1 
ATOM   195  N  N   . LEU A 1 26  ? -12.290 2.375   -5.404  1.00 10.34 ? 26  LEU A N   1 
ATOM   196  C  CA  . LEU A 1 26  ? -12.153 3.687   -4.786  1.00 11.72 ? 26  LEU A CA  1 
ATOM   197  C  C   . LEU A 1 26  ? -11.767 4.757   -5.794  1.00 11.15 ? 26  LEU A C   1 
ATOM   198  O  O   . LEU A 1 26  ? -12.162 5.923   -5.640  1.00 12.66 ? 26  LEU A O   1 
ATOM   199  C  CB  . LEU A 1 26  ? -11.065 3.634   -3.720  1.00 11.21 ? 26  LEU A CB  1 
ATOM   200  C  CG  . LEU A 1 26  ? -11.435 2.872   -2.462  1.00 12.75 ? 26  LEU A CG  1 
ATOM   201  C  CD1 . LEU A 1 26  ? -10.176 2.558   -1.689  1.00 15.67 ? 26  LEU A CD1 1 
ATOM   202  C  CD2 . LEU A 1 26  ? -12.375 3.720   -1.631  1.00 19.02 ? 26  LEU A CD2 1 
ATOM   203  N  N   . THR A 1 27  ? -10.980 4.402   -6.808  1.00 9.83  ? 27  THR A N   1 
ATOM   204  C  CA  . THR A 1 27  ? -10.507 5.413   -7.739  1.00 11.75 ? 27  THR A CA  1 
ATOM   205  C  C   . THR A 1 27  ? -11.480 5.665   -8.877  1.00 12.02 ? 27  THR A C   1 
ATOM   206  O  O   . THR A 1 27  ? -11.381 6.709   -9.532  1.00 15.50 ? 27  THR A O   1 
ATOM   207  C  CB  . THR A 1 27  ? -9.104  5.083   -8.270  1.00 11.13 ? 27  THR A CB  1 
ATOM   208  O  OG1 . THR A 1 27  ? -9.064  3.763   -8.825  1.00 12.88 ? 27  THR A OG1 1 
ATOM   209  C  CG2 . THR A 1 27  ? -8.082  5.202   -7.129  1.00 12.45 ? 27  THR A CG2 1 
ATOM   210  N  N   . ASP A 1 28  ? -12.418 4.752   -9.121  1.00 13.09 ? 28  ASP A N   1 
ATOM   211  C  CA  . ASP A 1 28  ? -13.367 4.927   -10.217 1.00 13.54 ? 28  ASP A CA  1 
ATOM   212  C  C   . ASP A 1 28  ? -14.263 6.127   -9.915  1.00 13.56 ? 28  ASP A C   1 
ATOM   213  O  O   . ASP A 1 28  ? -14.970 6.145   -8.897  1.00 16.06 ? 28  ASP A O   1 
ATOM   214  C  CB  . ASP A 1 28  ? -14.216 3.668   -10.369 1.00 14.79 ? 28  ASP A CB  1 
ATOM   215  C  CG  . ASP A 1 28  ? -14.951 3.617   -11.696 1.00 26.57 ? 28  ASP A CG  1 
ATOM   216  O  OD1 . ASP A 1 28  ? -14.734 4.521   -12.526 1.00 27.68 ? 28  ASP A OD1 1 
ATOM   217  O  OD2 . ASP A 1 28  ? -15.771 2.695   -11.893 1.00 38.52 ? 28  ASP A OD2 1 
ATOM   218  N  N   . GLY A 1 29  ? -14.209 7.137   -10.785 1.00 16.84 ? 29  GLY A N   1 
ATOM   219  C  CA  . GLY A 1 29  ? -15.008 8.333   -10.593 1.00 17.10 ? 29  GLY A CA  1 
ATOM   220  C  C   . GLY A 1 29  ? -14.575 9.209   -9.439  1.00 18.66 ? 29  GLY A C   1 
ATOM   221  O  O   . GLY A 1 29  ? -15.335 10.088  -9.022  1.00 24.58 ? 29  GLY A O   1 
ATOM   222  N  N   . LEU A 1 30  ? -13.371 8.993   -8.907  1.00 14.55 ? 30  LEU A N   1 
ATOM   223  C  CA  . LEU A 1 30  ? -12.869 9.789   -7.797  1.00 13.89 ? 30  LEU A CA  1 
ATOM   224  C  C   . LEU A 1 30  ? -12.372 11.125  -8.329  1.00 15.03 ? 30  LEU A C   1 
ATOM   225  O  O   . LEU A 1 30  ? -11.409 11.167  -9.097  1.00 16.27 ? 30  LEU A O   1 
ATOM   226  C  CB  . LEU A 1 30  ? -11.738 9.034   -7.103  1.00 13.13 ? 30  LEU A CB  1 
ATOM   227  C  CG  . LEU A 1 30  ? -11.201 9.709   -5.846  1.00 14.39 ? 30  LEU A CG  1 
ATOM   228  C  CD1 . LEU A 1 30  ? -12.224 9.664   -4.735  1.00 16.27 ? 30  LEU A CD1 1 
ATOM   229  C  CD2 . LEU A 1 30  ? -9.893  9.049   -5.419  1.00 14.95 ? 30  LEU A CD2 1 
ATOM   230  N  N   . THR A 1 31  ? -13.028 12.208  -7.929  1.00 13.73 ? 31  THR A N   1 
ATOM   231  C  CA  . THR A 1 31  ? -12.595 13.543  -8.307  1.00 15.96 ? 31  THR A CA  1 
ATOM   232  C  C   . THR A 1 31  ? -11.589 14.079  -7.303  1.00 15.62 ? 31  THR A C   1 
ATOM   233  O  O   . THR A 1 31  ? -11.408 13.541  -6.210  1.00 15.41 ? 31  THR A O   1 
ATOM   234  C  CB  . THR A 1 31  ? -13.779 14.505  -8.315  1.00 14.91 ? 31  THR A CB  1 
ATOM   235  O  OG1 . THR A 1 31  ? -14.320 14.595  -6.990  1.00 16.93 ? 31  THR A OG1 1 
ATOM   236  C  CG2 . THR A 1 31  ? -14.862 14.044  -9.291  1.00 22.31 ? 31  THR A CG2 1 
ATOM   237  N  N   A ASP A 1 32  ? -10.958 15.204  -7.645  0.53 20.17 ? 32  ASP A N   1 
ATOM   238  N  N   B ASP A 1 32  ? -10.954 15.202  -7.648  0.47 20.19 ? 32  ASP A N   1 
ATOM   239  C  CA  A ASP A 1 32  ? -9.945  15.812  -6.742  0.53 20.07 ? 32  ASP A CA  1 
ATOM   240  C  CA  B ASP A 1 32  ? -9.946  15.813  -6.739  0.47 20.08 ? 32  ASP A CA  1 
ATOM   241  C  C   A ASP A 1 32  ? -10.613 16.313  -5.468  0.53 20.30 ? 32  ASP A C   1 
ATOM   242  C  C   B ASP A 1 32  ? -10.620 16.299  -5.465  0.47 20.31 ? 32  ASP A C   1 
ATOM   243  O  O   A ASP A 1 32  ? -10.074 16.089  -4.384  0.53 19.66 ? 32  ASP A O   1 
ATOM   244  O  O   B ASP A 1 32  ? -10.075 16.088  -4.379  0.47 19.68 ? 32  ASP A O   1 
ATOM   245  C  CB  A ASP A 1 32  ? -9.208  16.944  -7.456  0.53 23.27 ? 32  ASP A CB  1 
ATOM   246  C  CB  B ASP A 1 32  ? -9.222  16.969  -7.426  0.47 23.25 ? 32  ASP A CB  1 
ATOM   247  C  CG  A ASP A 1 32  ? -7.997  17.435  -6.684  0.53 26.21 ? 32  ASP A CG  1 
ATOM   248  C  CG  B ASP A 1 32  ? -8.819  16.652  -8.851  0.47 19.50 ? 32  ASP A CG  1 
ATOM   249  O  OD1 A ASP A 1 32  ? -7.099  16.615  -6.422  0.53 26.29 ? 32  ASP A OD1 1 
ATOM   250  O  OD1 B ASP A 1 32  ? -8.482  15.485  -9.117  0.47 28.47 ? 32  ASP A OD1 1 
ATOM   251  O  OD2 A ASP A 1 32  ? -7.969  18.629  -6.345  0.53 31.28 ? 32  ASP A OD2 1 
ATOM   252  O  OD2 B ASP A 1 32  ? -8.855  17.575  -9.684  0.47 32.82 ? 32  ASP A OD2 1 
ATOM   253  N  N   . GLN A 1 33  ? -11.806 16.893  -5.605  1.00 17.81 ? 33  GLN A N   1 
ATOM   254  C  CA  . GLN A 1 33  ? -12.538 17.407  -4.430  1.00 22.95 ? 33  GLN A CA  1 
ATOM   255  C  C   . GLN A 1 33  ? -12.880 16.260  -3.466  1.00 25.38 ? 33  GLN A C   1 
ATOM   256  O  O   . GLN A 1 33  ? -12.742 16.428  -2.267  1.00 24.41 ? 33  GLN A O   1 
ATOM   257  C  CB  . GLN A 1 33  ? -13.778 18.162  -4.918  1.00 30.09 ? 33  GLN A CB  1 
ATOM   258  C  CG  . GLN A 1 33  ? -14.613 18.721  -3.786  1.00 36.12 ? 33  GLN A CG  1 
ATOM   259  C  CD  . GLN A 1 33  ? -13.846 19.834  -3.120  1.00 44.21 ? 33  GLN A CD  1 
ATOM   260  O  OE1 . GLN A 1 33  ? -13.135 20.595  -3.775  1.00 52.08 ? 33  GLN A OE1 1 
ATOM   261  N  NE2 . GLN A 1 33  ? -13.980 19.931  -1.808  1.00 46.57 ? 33  GLN A NE2 1 
ATOM   262  N  N   . LEU A 1 34  ? -13.316 15.126  -3.988  1.00 19.51 ? 34  LEU A N   1 
ATOM   263  C  CA  . LEU A 1 34  ? -13.626 14.007  -3.091  1.00 20.92 ? 34  LEU A CA  1 
ATOM   264  C  C   . LEU A 1 34  ? -12.325 13.458  -2.504  1.00 16.40 ? 34  LEU A C   1 
ATOM   265  O  O   . LEU A 1 34  ? -12.337 13.093  -1.343  1.00 17.47 ? 34  LEU A O   1 
ATOM   266  C  CB  . LEU A 1 34  ? -14.339 12.928  -3.897  1.00 20.39 ? 34  LEU A CB  1 
ATOM   267  C  CG  . LEU A 1 34  ? -15.756 13.245  -4.362  1.00 25.05 ? 34  LEU A CG  1 
ATOM   268  C  CD1 . LEU A 1 34  ? -16.223 12.202  -5.368  1.00 25.29 ? 34  LEU A CD1 1 
ATOM   269  C  CD2 . LEU A 1 34  ? -16.700 13.294  -3.177  1.00 28.23 ? 34  LEU A CD2 1 
ATOM   270  N  N   . ALA A 1 35  ? -11.286 13.399  -3.319  1.00 14.52 ? 35  ALA A N   1 
ATOM   271  C  CA  . ALA A 1 35  ? -10.049 12.784  -2.856  1.00 14.44 ? 35  ALA A CA  1 
ATOM   272  C  C   . ALA A 1 35  ? -9.416  13.563  -1.712  1.00 17.77 ? 35  ALA A C   1 
ATOM   273  O  O   . ALA A 1 35  ? -8.732  12.968  -0.872  1.00 15.58 ? 35  ALA A O   1 
ATOM   274  C  CB  . ALA A 1 35  ? -9.074  12.657  -4.021  1.00 14.89 ? 35  ALA A CB  1 
ATOM   275  N  N   A CYS A 1 36  ? -9.650  14.874  -1.643  0.54 15.34 ? 36  CYS A N   1 
ATOM   276  N  N   B CYS A 1 36  ? -9.635  14.878  -1.646  0.46 15.34 ? 36  CYS A N   1 
ATOM   277  C  CA  A CYS A 1 36  ? -9.039  15.723  -0.628  0.54 16.00 ? 36  CYS A CA  1 
ATOM   278  C  CA  B CYS A 1 36  ? -9.014  15.704  -0.616  0.46 16.01 ? 36  CYS A CA  1 
ATOM   279  C  C   A CYS A 1 36  ? -9.920  15.971  0.583   0.54 16.35 ? 36  CYS A C   1 
ATOM   280  C  C   B CYS A 1 36  ? -9.937  16.029  0.556   0.46 16.33 ? 36  CYS A C   1 
ATOM   281  O  O   A CYS A 1 36  ? -9.448  16.575  1.553   0.54 16.78 ? 36  CYS A O   1 
ATOM   282  O  O   B CYS A 1 36  ? -9.512  16.731  1.479   0.46 17.63 ? 36  CYS A O   1 
ATOM   283  C  CB  A CYS A 1 36  ? -8.649  17.068  -1.231  0.54 20.32 ? 36  CYS A CB  1 
ATOM   284  C  CB  B CYS A 1 36  ? -8.434  16.992  -1.214  0.46 20.67 ? 36  CYS A CB  1 
ATOM   285  S  SG  A CYS A 1 36  ? -7.532  16.878  -2.592  0.54 24.33 ? 36  CYS A SG  1 
ATOM   286  S  SG  B CYS A 1 36  ? -9.639  18.218  -1.786  0.46 20.60 ? 36  CYS A SG  1 
ATOM   287  N  N   . TYR A 1 37  ? -11.196 15.670  0.600   1.00 15.40 ? 37  TYR A N   1 
ATOM   288  C  CA  . TYR A 1 37  ? -12.093 15.799  1.742   1.00 14.89 ? 37  TYR A CA  1 
ATOM   289  C  C   . TYR A 1 37  ? -11.446 15.264  3.016   1.00 16.81 ? 37  TYR A C   1 
ATOM   290  O  O   . TYR A 1 37  ? -10.811 14.205  3.014   1.00 15.72 ? 37  TYR A O   1 
ATOM   291  C  CB  . TYR A 1 37  ? -13.387 15.037  1.448   1.00 16.30 ? 37  TYR A CB  1 
ATOM   292  C  CG  . TYR A 1 37  ? -14.396 14.993  2.579   1.00 16.34 ? 37  TYR A CG  1 
ATOM   293  C  CD1 . TYR A 1 37  ? -15.191 16.096  2.868   1.00 26.76 ? 37  TYR A CD1 1 
ATOM   294  C  CD2 . TYR A 1 37  ? -14.574 13.837  3.332   1.00 19.76 ? 37  TYR A CD2 1 
ATOM   295  C  CE1 . TYR A 1 37  ? -16.124 16.060  3.889   1.00 29.45 ? 37  TYR A CE1 1 
ATOM   296  C  CE2 . TYR A 1 37  ? -15.513 13.788  4.358   1.00 23.12 ? 37  TYR A CE2 1 
ATOM   297  C  CZ  . TYR A 1 37  ? -16.279 14.906  4.629   1.00 24.44 ? 37  TYR A CZ  1 
ATOM   298  O  OH  . TYR A 1 37  ? -17.211 14.867  5.644   1.00 33.69 ? 37  TYR A OH  1 
ATOM   299  N  N   . ARG A 1 38  ? -11.623 16.068  4.030   1.00 15.86 ? 38  ARG A N   1 
ATOM   300  C  CA  . ARG A 1 38  ? -11.258 15.689  5.395   1.00 14.58 ? 38  ARG A CA  1 
ATOM   301  C  C   . ARG A 1 38  ? -12.466 15.947  6.287   1.00 16.47 ? 38  ARG A C   1 
ATOM   302  O  O   . ARG A 1 38  ? -12.931 17.102  6.372   1.00 17.63 ? 38  ARG A O   1 
ATOM   303  C  CB  . ARG A 1 38  ? -10.050 16.503  5.869   1.00 20.05 ? 38  ARG A CB  1 
ATOM   304  C  CG  . ARG A 1 38  ? -8.901  16.561  4.868   1.00 19.53 ? 38  ARG A CG  1 
ATOM   305  C  CD  . ARG A 1 38  ? -7.698  17.357  5.392   1.00 16.63 ? 38  ARG A CD  1 
ATOM   306  N  NE  . ARG A 1 38  ? -7.026  16.670  6.494   1.00 15.11 ? 38  ARG A NE  1 
ATOM   307  C  CZ  . ARG A 1 38  ? -5.845  17.022  6.993   1.00 13.42 ? 38  ARG A CZ  1 
ATOM   308  N  NH1 . ARG A 1 38  ? -5.166  18.055  6.513   1.00 17.49 ? 38  ARG A NH1 1 
ATOM   309  N  NH2 . ARG A 1 38  ? -5.317  16.305  7.983   1.00 16.19 ? 38  ARG A NH2 1 
ATOM   310  N  N   . PRO A 1 39  ? -13.017 14.927  6.955   1.00 15.74 ? 39  PRO A N   1 
ATOM   311  C  CA  . PRO A 1 39  ? -14.243 15.151  7.742   1.00 18.36 ? 39  PRO A CA  1 
ATOM   312  C  C   . PRO A 1 39  ? -14.040 16.059  8.937   1.00 22.75 ? 39  PRO A C   1 
ATOM   313  O  O   . PRO A 1 39  ? -14.996 16.709  9.380   1.00 19.58 ? 39  PRO A O   1 
ATOM   314  C  CB  . PRO A 1 39  ? -14.668 13.734  8.157   1.00 21.32 ? 39  PRO A CB  1 
ATOM   315  C  CG  . PRO A 1 39  ? -13.403 12.921  8.071   1.00 17.10 ? 39  PRO A CG  1 
ATOM   316  C  CD  . PRO A 1 39  ? -12.617 13.508  6.943   1.00 17.25 ? 39  PRO A CD  1 
ATOM   317  N  N   . THR A 1 40  ? -12.829 16.106  9.475   1.00 19.84 ? 40  THR A N   1 
ATOM   318  C  CA  . THR A 1 40  ? -12.407 17.046  10.502  1.00 16.95 ? 40  THR A CA  1 
ATOM   319  C  C   . THR A 1 40  ? -11.031 17.539  10.090  1.00 20.06 ? 40  THR A C   1 
ATOM   320  O  O   . THR A 1 40  ? -10.363 16.904  9.268   1.00 18.17 ? 40  THR A O   1 
ATOM   321  C  CB  . THR A 1 40  ? -12.338 16.379  11.885  1.00 20.19 ? 40  THR A CB  1 
ATOM   322  O  OG1 . THR A 1 40  ? -11.297 15.396  11.897  1.00 20.59 ? 40  THR A OG1 1 
ATOM   323  C  CG2 . THR A 1 40  ? -13.677 15.723  12.255  1.00 21.84 ? 40  THR A CG2 1 
ATOM   324  N  N   . PRO A 1 41  ? -10.585 18.685  10.611  1.00 17.38 ? 41  PRO A N   1 
ATOM   325  C  CA  . PRO A 1 41  ? -9.380  19.312  10.038  1.00 20.00 ? 41  PRO A CA  1 
ATOM   326  C  C   . PRO A 1 41  ? -8.115  18.472  10.145  1.00 16.71 ? 41  PRO A C   1 
ATOM   327  O  O   . PRO A 1 41  ? -7.200  18.671  9.340   1.00 19.57 ? 41  PRO A O   1 
ATOM   328  C  CB  . PRO A 1 41  ? -9.258  20.641  10.799  1.00 23.51 ? 41  PRO A CB  1 
ATOM   329  C  CG  . PRO A 1 41  ? -10.663 20.934  11.254  1.00 25.10 ? 41  PRO A CG  1 
ATOM   330  C  CD  . PRO A 1 41  ? -11.296 19.592  11.532  1.00 21.02 ? 41  PRO A CD  1 
ATOM   331  N  N   . SER A 1 42  ? -8.034  17.535  11.087  1.00 16.95 ? 42  SER A N   1 
ATOM   332  C  CA  . SER A 1 42  ? -6.830  16.736  11.276  1.00 17.73 ? 42  SER A CA  1 
ATOM   333  C  C   . SER A 1 42  ? -6.928  15.357  10.637  1.00 15.99 ? 42  SER A C   1 
ATOM   334  O  O   . SER A 1 42  ? -5.941  14.618  10.642  1.00 12.90 ? 42  SER A O   1 
ATOM   335  C  CB  . SER A 1 42  ? -6.519  16.608  12.775  1.00 12.62 ? 42  SER A CB  1 
ATOM   336  O  OG  . SER A 1 42  ? -7.531  15.864  13.436  1.00 18.08 ? 42  SER A OG  1 
ATOM   337  N  N   . ALA A 1 43  ? -8.075  15.012  10.050  1.00 18.05 ? 43  ALA A N   1 
ATOM   338  C  CA  . ALA A 1 43  ? -8.363  13.651  9.612   1.00 17.54 ? 43  ALA A CA  1 
ATOM   339  C  C   . ALA A 1 43  ? -7.690  13.323  8.282   1.00 15.74 ? 43  ALA A C   1 
ATOM   340  O  O   . ALA A 1 43  ? -7.412  14.202  7.459   1.00 15.71 ? 43  ALA A O   1 
ATOM   341  C  CB  . ALA A 1 43  ? -9.877  13.455  9.474   1.00 15.03 ? 43  ALA A CB  1 
ATOM   342  N  N   . ASN A 1 44  ? -7.427  12.036  8.074   1.00 14.10 ? 44  ASN A N   1 
ATOM   343  C  CA  . ASN A 1 44  ? -6.850  11.607  6.811   1.00 14.68 ? 44  ASN A CA  1 
ATOM   344  C  C   . ASN A 1 44  ? -7.892  11.615  5.703   1.00 16.72 ? 44  ASN A C   1 
ATOM   345  O  O   . ASN A 1 44  ? -9.074  11.326  5.920   1.00 14.14 ? 44  ASN A O   1 
ATOM   346  C  CB  . ASN A 1 44  ? -6.268  10.204  6.936   1.00 13.44 ? 44  ASN A CB  1 
ATOM   347  C  CG  . ASN A 1 44  ? -5.030  10.175  7.785   1.00 12.00 ? 44  ASN A CG  1 
ATOM   348  O  OD1 . ASN A 1 44  ? -4.215  11.116  7.763   1.00 13.14 ? 44  ASN A OD1 1 
ATOM   349  N  ND2 . ASN A 1 44  ? -4.871  9.103   8.547   1.00 12.94 ? 44  ASN A ND2 1 
ATOM   350  N  N   . SER A 1 45  ? -7.424  11.904  4.502   1.00 13.76 ? 45  SER A N   1 
ATOM   351  C  CA  . SER A 1 45  ? -8.254  11.980  3.308   1.00 11.53 ? 45  SER A CA  1 
ATOM   352  C  C   . SER A 1 45  ? -8.110  10.716  2.479   1.00 13.97 ? 45  SER A C   1 
ATOM   353  O  O   . SER A 1 45  ? -7.205  9.904   2.679   1.00 13.16 ? 45  SER A O   1 
ATOM   354  C  CB  . SER A 1 45  ? -7.767  13.143  2.462   1.00 12.52 ? 45  SER A CB  1 
ATOM   355  O  OG  . SER A 1 45  ? -6.462  12.857  1.957   1.00 14.24 ? 45  SER A OG  1 
ATOM   356  N  N   . ILE A 1 46  ? -8.991  10.590  1.478   1.00 12.54 ? 46  ILE A N   1 
ATOM   357  C  CA  . ILE A 1 46  ? -8.950  9.433   0.592   1.00 13.99 ? 46  ILE A CA  1 
ATOM   358  C  C   . ILE A 1 46  ? -7.626  9.379   -0.160  1.00 9.68  ? 46  ILE A C   1 
ATOM   359  O  O   . ILE A 1 46  ? -6.998  8.318   -0.273  1.00 10.68 ? 46  ILE A O   1 
ATOM   360  C  CB  . ILE A 1 46  ? -10.153 9.467   -0.364  1.00 11.43 ? 46  ILE A CB  1 
ATOM   361  C  CG1 . ILE A 1 46  ? -11.441 9.171   0.398   1.00 12.16 ? 46  ILE A CG1 1 
ATOM   362  C  CG2 . ILE A 1 46  ? -9.976  8.470   -1.508  1.00 13.48 ? 46  ILE A CG2 1 
ATOM   363  C  CD1 . ILE A 1 46  ? -12.699 9.507   -0.398  1.00 13.46 ? 46  ILE A CD1 1 
ATOM   364  N  N   . ALA A 1 47  ? -7.205  10.514  -0.735  1.00 10.39 ? 47  ALA A N   1 
ATOM   365  C  CA  . ALA A 1 47  ? -5.960  10.523  -1.499  1.00 9.28  ? 47  ALA A CA  1 
ATOM   366  C  C   . ALA A 1 47  ? -4.786  10.107  -0.633  1.00 10.54 ? 47  ALA A C   1 
ATOM   367  O  O   . ALA A 1 47  ? -3.931  9.322   -1.065  1.00 10.49 ? 47  ALA A O   1 
ATOM   368  C  CB  . ALA A 1 47  ? -5.690  11.917  -2.055  1.00 13.15 ? 47  ALA A CB  1 
ATOM   369  N  N   . TRP A 1 48  ? -4.744  10.604  0.602   1.00 9.95  ? 48  TRP A N   1 
ATOM   370  C  CA  . TRP A 1 48  ? -3.652  10.229  1.492   1.00 10.07 ? 48  TRP A CA  1 
ATOM   371  C  C   . TRP A 1 48  ? -3.699  8.745   1.822   1.00 10.07 ? 48  TRP A C   1 
ATOM   372  O  O   . TRP A 1 48  ? -2.662  8.066   1.832   1.00 10.24 ? 48  TRP A O   1 
ATOM   373  C  CB  . TRP A 1 48  ? -3.672  11.079  2.762   1.00 11.99 ? 48  TRP A CB  1 
ATOM   374  C  CG  . TRP A 1 48  ? -2.440  10.905  3.612   1.00 9.29  ? 48  TRP A CG  1 
ATOM   375  C  CD1 . TRP A 1 48  ? -1.284  11.633  3.520   1.00 10.50 ? 48  TRP A CD1 1 
ATOM   376  C  CD2 . TRP A 1 48  ? -2.221  9.924   4.642   1.00 9.84  ? 48  TRP A CD2 1 
ATOM   377  N  NE1 . TRP A 1 48  ? -0.370  11.173  4.438   1.00 10.44 ? 48  TRP A NE1 1 
ATOM   378  C  CE2 . TRP A 1 48  ? -0.921  10.133  5.138   1.00 10.36 ? 48  TRP A CE2 1 
ATOM   379  C  CE3 . TRP A 1 48  ? -3.002  8.901   5.202   1.00 11.08 ? 48  TRP A CE3 1 
ATOM   380  C  CZ2 . TRP A 1 48  ? -0.378  9.350   6.154   1.00 10.65 ? 48  TRP A CZ2 1 
ATOM   381  C  CZ3 . TRP A 1 48  ? -2.461  8.125   6.218   1.00 10.45 ? 48  TRP A CZ3 1 
ATOM   382  C  CH2 . TRP A 1 48  ? -1.157  8.354   6.682   1.00 10.65 ? 48  TRP A CH2 1 
ATOM   383  N  N   . LEU A 1 49  ? -4.893  8.217   2.091   1.00 9.46  ? 49  LEU A N   1 
ATOM   384  C  CA  . LEU A 1 49  ? -5.002  6.815   2.453   1.00 8.96  ? 49  LEU A CA  1 
ATOM   385  C  C   . LEU A 1 49  ? -4.618  5.903   1.299   1.00 9.90  ? 49  LEU A C   1 
ATOM   386  O  O   . LEU A 1 49  ? -3.964  4.874   1.516   1.00 9.77  ? 49  LEU A O   1 
ATOM   387  C  CB  . LEU A 1 49  ? -6.410  6.508   2.970   1.00 9.74  ? 49  LEU A CB  1 
ATOM   388  C  CG  . LEU A 1 49  ? -6.751  7.112   4.336   1.00 10.14 ? 49  LEU A CG  1 
ATOM   389  C  CD1 . LEU A 1 49  ? -8.276  7.128   4.539   1.00 11.58 ? 49  LEU A CD1 1 
ATOM   390  C  CD2 . LEU A 1 49  ? -6.087  6.324   5.440   1.00 9.48  ? 49  LEU A CD2 1 
ATOM   391  N  N   . LEU A 1 50  ? -5.005  6.260   0.068   1.00 8.95  ? 50  LEU A N   1 
ATOM   392  C  CA  . LEU A 1 50  ? -4.633  5.459   -1.096  1.00 9.69  ? 50  LEU A CA  1 
ATOM   393  C  C   . LEU A 1 50  ? -3.129  5.515   -1.328  1.00 8.62  ? 50  LEU A C   1 
ATOM   394  O  O   . LEU A 1 50  ? -2.488  4.490   -1.592  1.00 10.05 ? 50  LEU A O   1 
ATOM   395  C  CB  . LEU A 1 50  ? -5.362  5.980   -2.341  1.00 10.20 ? 50  LEU A CB  1 
ATOM   396  C  CG  . LEU A 1 50  ? -6.815  5.527   -2.534  1.00 9.70  ? 50  LEU A CG  1 
ATOM   397  C  CD1 . LEU A 1 50  ? -7.531  6.437   -3.539  1.00 13.77 ? 50  LEU A CD1 1 
ATOM   398  C  CD2 . LEU A 1 50  ? -6.799  4.090   -3.022  1.00 13.15 ? 50  LEU A CD2 1 
ATOM   399  N  N   . TRP A 1 51  ? -2.550  6.709   -1.231  1.00 8.54  ? 51  TRP A N   1 
ATOM   400  C  CA  . TRP A 1 51  ? -1.121  6.859   -1.460  1.00 8.30  ? 51  TRP A CA  1 
ATOM   401  C  C   . TRP A 1 51  ? -0.318  6.182   -0.358  1.00 8.41  ? 51  TRP A C   1 
ATOM   402  O  O   . TRP A 1 51  ? 0.627   5.437   -0.643  1.00 9.26  ? 51  TRP A O   1 
ATOM   403  C  CB  . TRP A 1 51  ? -0.775  8.346   -1.545  1.00 8.90  ? 51  TRP A CB  1 
ATOM   404  C  CG  . TRP A 1 51  ? 0.683   8.647   -1.638  1.00 8.33  ? 51  TRP A CG  1 
ATOM   405  C  CD1 . TRP A 1 51  ? 1.475   8.594   -2.753  1.00 9.89  ? 51  TRP A CD1 1 
ATOM   406  C  CD2 . TRP A 1 51  ? 1.529   9.062   -0.558  1.00 8.92  ? 51  TRP A CD2 1 
ATOM   407  N  NE1 . TRP A 1 51  ? 2.764   8.967   -2.433  1.00 9.87  ? 51  TRP A NE1 1 
ATOM   408  C  CE2 . TRP A 1 51  ? 2.823   9.247   -1.091  1.00 9.95  ? 51  TRP A CE2 1 
ATOM   409  C  CE3 . TRP A 1 51  ? 1.323   9.295   0.806   1.00 10.20 ? 51  TRP A CE3 1 
ATOM   410  C  CZ2 . TRP A 1 51  ? 3.905   9.652   -0.307  1.00 11.58 ? 51  TRP A CZ2 1 
ATOM   411  C  CZ3 . TRP A 1 51  ? 2.408   9.696   1.582   1.00 10.15 ? 51  TRP A CZ3 1 
ATOM   412  C  CH2 . TRP A 1 51  ? 3.676   9.873   1.019   1.00 12.02 ? 51  TRP A CH2 1 
ATOM   413  N  N   . HIS A 1 52  ? -0.686  6.423   0.905   1.00 10.26 ? 52  HIS A N   1 
ATOM   414  C  CA  . HIS A 1 52  ? 0.035   5.823   2.026   1.00 9.40  ? 52  HIS A CA  1 
ATOM   415  C  C   . HIS A 1 52  ? -0.040  4.302   1.981   1.00 9.17  ? 52  HIS A C   1 
ATOM   416  O  O   . HIS A 1 52  ? 0.962   3.618   2.209   1.00 9.93  ? 52  HIS A O   1 
ATOM   417  C  CB  . HIS A 1 52  ? -0.512  6.390   3.341   1.00 9.53  ? 52  HIS A CB  1 
ATOM   418  C  CG  . HIS A 1 52  ? 0.063   5.772   4.581   1.00 9.07  ? 52  HIS A CG  1 
ATOM   419  N  ND1 . HIS A 1 52  ? 1.401   5.850   4.896   1.00 9.68  ? 52  HIS A ND1 1 
ATOM   420  C  CD2 . HIS A 1 52  ? -0.529  5.111   5.606   1.00 11.70 ? 52  HIS A CD2 1 
ATOM   421  C  CE1 . HIS A 1 52  ? 1.613   5.239   6.052   1.00 10.68 ? 52  HIS A CE1 1 
ATOM   422  N  NE2 . HIS A 1 52  ? 0.461   4.772   6.495   1.00 11.52 ? 52  HIS A NE2 1 
ATOM   423  N  N   . SER A 1 53  ? -1.214  3.756   1.697   1.00 9.08  ? 53  SER A N   1 
ATOM   424  C  CA  A SER A 1 53  ? -1.330  2.305   1.594   0.64 9.48  ? 53  SER A CA  1 
ATOM   425  C  CA  B SER A 1 53  ? -1.343  2.307   1.588   0.36 9.54  ? 53  SER A CA  1 
ATOM   426  C  C   . SER A 1 53  ? -0.384  1.758   0.538   1.00 8.77  ? 53  SER A C   1 
ATOM   427  O  O   . SER A 1 53  ? 0.305   0.759   0.766   1.00 9.67  ? 53  SER A O   1 
ATOM   428  C  CB  A SER A 1 53  ? -2.761  1.921   1.254   0.64 11.26 ? 53  SER A CB  1 
ATOM   429  C  CB  B SER A 1 53  ? -2.791  1.951   1.247   0.36 11.24 ? 53  SER A CB  1 
ATOM   430  O  OG  A SER A 1 53  ? -3.603  2.236   2.328   0.64 11.35 ? 53  SER A OG  1 
ATOM   431  O  OG  B SER A 1 53  ? -3.014  0.553   1.279   0.36 10.45 ? 53  SER A OG  1 
ATOM   432  N  N   . ALA A 1 54  ? -0.338  2.400   -0.638  1.00 8.18  ? 54  ALA A N   1 
ATOM   433  C  CA  . ALA A 1 54  ? 0.558   1.937   -1.697  1.00 7.55  ? 54  ALA A CA  1 
ATOM   434  C  C   . ALA A 1 54  ? 2.015   2.067   -1.284  1.00 8.92  ? 54  ALA A C   1 
ATOM   435  O  O   . ALA A 1 54  ? 2.811   1.145   -1.498  1.00 8.79  ? 54  ALA A O   1 
ATOM   436  C  CB  . ALA A 1 54  ? 0.281   2.696   -2.995  1.00 9.41  ? 54  ALA A CB  1 
ATOM   437  N  N   . ARG A 1 55  ? 2.378   3.194   -0.670  1.00 8.97  ? 55  ARG A N   1 
ATOM   438  C  CA  . ARG A 1 55  ? 3.762   3.390   -0.230  1.00 8.41  ? 55  ARG A CA  1 
ATOM   439  C  C   . ARG A 1 55  ? 4.176   2.354   0.804   1.00 9.83  ? 55  ARG A C   1 
ATOM   440  O  O   . ARG A 1 55  ? 5.296   1.832   0.753   1.00 10.07 ? 55  ARG A O   1 
ATOM   441  C  CB  . ARG A 1 55  ? 3.957   4.787   0.364   1.00 9.64  ? 55  ARG A CB  1 
ATOM   442  C  CG  . ARG A 1 55  ? 3.827   5.990   -0.607  1.00 10.62 ? 55  ARG A CG  1 
ATOM   443  C  CD  . ARG A 1 55  ? 4.970   6.053   -1.637  1.00 8.68  ? 55  ARG A CD  1 
ATOM   444  N  NE  . ARG A 1 55  ? 6.264   6.263   -0.997  1.00 9.26  ? 55  ARG A NE  1 
ATOM   445  C  CZ  . ARG A 1 55  ? 7.260   5.393   -1.018  1.00 10.47 ? 55  ARG A CZ  1 
ATOM   446  N  NH1 . ARG A 1 55  ? 7.154   4.235   -1.635  1.00 9.70  ? 55  ARG A NH1 1 
ATOM   447  N  NH2 . ARG A 1 55  ? 8.402   5.696   -0.403  1.00 11.77 ? 55  ARG A NH2 1 
ATOM   448  N  N   . VAL A 1 56  ? 3.301   2.075   1.768   1.00 9.92  ? 56  VAL A N   1 
ATOM   449  C  CA  . VAL A 1 56  ? 3.615   1.108   2.816   1.00 9.19  ? 56  VAL A CA  1 
ATOM   450  C  C   . VAL A 1 56  ? 3.802   -0.270  2.213   1.00 8.74  ? 56  VAL A C   1 
ATOM   451  O  O   . VAL A 1 56  ? 4.751   -0.989  2.540   1.00 10.86 ? 56  VAL A O   1 
ATOM   452  C  CB  . VAL A 1 56  ? 2.500   1.093   3.879   1.00 15.83 ? 56  VAL A CB  1 
ATOM   453  C  CG1 . VAL A 1 56  ? 2.568   -0.203  4.730   1.00 18.79 ? 56  VAL A CG1 1 
ATOM   454  C  CG2 . VAL A 1 56  ? 2.566   2.328   4.726   1.00 14.69 ? 56  VAL A CG2 1 
ATOM   455  N  N   . GLN A 1 57  ? 2.900   -0.663  1.319   1.00 9.94  ? 57  GLN A N   1 
ATOM   456  C  CA  . GLN A 1 57  ? 3.062   -1.961  0.689   1.00 9.67  ? 57  GLN A CA  1 
ATOM   457  C  C   . GLN A 1 57  ? 4.348   -2.001  -0.129  1.00 9.31  ? 57  GLN A C   1 
ATOM   458  O  O   . GLN A 1 57  ? 5.079   -2.993  -0.091  1.00 10.76 ? 57  GLN A O   1 
ATOM   459  C  CB  . GLN A 1 57  ? 1.825   -2.299  -0.136  1.00 10.66 ? 57  GLN A CB  1 
ATOM   460  C  CG  . GLN A 1 57  ? 1.831   -3.701  -0.739  1.00 9.97  ? 57  GLN A CG  1 
ATOM   461  C  CD  . GLN A 1 57  ? 0.513   -4.041  -1.397  1.00 11.13 ? 57  GLN A CD  1 
ATOM   462  O  OE1 . GLN A 1 57  ? -0.547  -3.591  -0.945  1.00 13.22 ? 57  GLN A OE1 1 
ATOM   463  N  NE2 . GLN A 1 57  ? 0.561   -4.822  -2.475  1.00 10.03 ? 57  GLN A NE2 1 
ATOM   464  N  N   . ASP A 1 58  ? 4.663   -0.910  -0.842  1.00 9.37  ? 58  ASP A N   1 
ATOM   465  C  CA  . ASP A 1 58  ? 5.868   -0.866  -1.665  1.00 9.10  ? 58  ASP A CA  1 
ATOM   466  C  C   . ASP A 1 58  ? 7.119   -1.026  -0.807  1.00 10.38 ? 58  ASP A C   1 
ATOM   467  O  O   . ASP A 1 58  ? 7.949   -1.910  -1.053  1.00 11.64 ? 58  ASP A O   1 
ATOM   468  C  CB  . ASP A 1 58  ? 5.869   0.472   -2.405  1.00 10.44 ? 58  ASP A CB  1 
ATOM   469  C  CG  . ASP A 1 58  ? 6.821   0.517   -3.589  1.00 11.03 ? 58  ASP A CG  1 
ATOM   470  O  OD1 . ASP A 1 58  ? 7.419   -0.510  -3.968  1.00 10.85 ? 58  ASP A OD1 1 
ATOM   471  O  OD2 . ASP A 1 58  ? 6.924   1.612   -4.187  1.00 11.52 ? 58  ASP A OD2 1 
ATOM   472  N  N   . ILE A 1 59  ? 7.255   -0.204  0.233   1.00 9.30  ? 59  ILE A N   1 
ATOM   473  C  CA  . ILE A 1 59  ? 8.480   -0.259  1.034   1.00 12.18 ? 59  ILE A CA  1 
ATOM   474  C  C   . ILE A 1 59  ? 8.593   -1.589  1.779   1.00 12.36 ? 59  ILE A C   1 
ATOM   475  O  O   . ILE A 1 59  ? 9.687   -2.150  1.901   1.00 12.77 ? 59  ILE A O   1 
ATOM   476  C  CB  . ILE A 1 59  ? 8.613   0.964   1.968   1.00 11.81 ? 59  ILE A CB  1 
ATOM   477  C  CG1 . ILE A 1 59  ? 10.049  1.090   2.466   1.00 16.11 ? 59  ILE A CG1 1 
ATOM   478  C  CG2 . ILE A 1 59  ? 7.687   0.882   3.175   1.00 13.23 ? 59  ILE A CG2 1 
ATOM   479  C  CD1 . ILE A 1 59  ? 10.302  2.377   3.216   1.00 18.21 ? 59  ILE A CD1 1 
ATOM   480  N  N   . GLN A 1 60  ? 7.479   -2.117  2.275   1.00 10.73 ? 60  GLN A N   1 
ATOM   481  C  CA  . GLN A 1 60  ? 7.565   -3.321  3.093   1.00 11.95 ? 60  GLN A CA  1 
ATOM   482  C  C   . GLN A 1 60  ? 7.774   -4.563  2.246   1.00 12.98 ? 60  GLN A C   1 
ATOM   483  O  O   . GLN A 1 60  ? 8.555   -5.442  2.627   1.00 16.16 ? 60  GLN A O   1 
ATOM   484  C  CB  . GLN A 1 60  ? 6.329   -3.449  3.976   1.00 12.34 ? 60  GLN A CB  1 
ATOM   485  C  CG  . GLN A 1 60  ? 6.164   -2.373  5.056   1.00 15.39 ? 60  GLN A CG  1 
ATOM   486  C  CD  . GLN A 1 60  ? 7.391   -2.161  5.940   1.00 26.66 ? 60  GLN A CD  1 
ATOM   487  O  OE1 . GLN A 1 60  ? 8.311   -2.981  5.975   1.00 30.14 ? 60  GLN A OE1 1 
ATOM   488  N  NE2 . GLN A 1 60  ? 7.401   -1.048  6.664   1.00 41.32 ? 60  GLN A NE2 1 
ATOM   489  N  N   . VAL A 1 61  ? 7.098   -4.657  1.101   1.00 11.58 ? 61  VAL A N   1 
ATOM   490  C  CA  . VAL A 1 61  ? 7.334   -5.784  0.200   1.00 12.97 ? 61  VAL A CA  1 
ATOM   491  C  C   . VAL A 1 61  ? 8.730   -5.701  -0.400  1.00 15.12 ? 61  VAL A C   1 
ATOM   492  O  O   . VAL A 1 61  ? 9.442   -6.708  -0.491  1.00 14.48 ? 61  VAL A O   1 
ATOM   493  C  CB  . VAL A 1 61  ? 6.244   -5.867  -0.886  1.00 13.18 ? 61  VAL A CB  1 
ATOM   494  C  CG1 . VAL A 1 61  ? 6.661   -6.840  -1.995  1.00 15.57 ? 61  VAL A CG1 1 
ATOM   495  C  CG2 . VAL A 1 61  ? 4.929   -6.272  -0.270  1.00 14.59 ? 61  VAL A CG2 1 
ATOM   496  N  N   . ALA A 1 62  ? 9.158   -4.505  -0.800  1.00 14.14 ? 62  ALA A N   1 
ATOM   497  C  CA  . ALA A 1 62  ? 10.497  -4.386  -1.356  1.00 13.39 ? 62  ALA A CA  1 
ATOM   498  C  C   . ALA A 1 62  ? 11.550  -4.806  -0.341  1.00 16.46 ? 62  ALA A C   1 
ATOM   499  O  O   . ALA A 1 62  ? 12.565  -5.411  -0.710  1.00 16.14 ? 62  ALA A O   1 
ATOM   500  C  CB  . ALA A 1 62  ? 10.742  -2.964  -1.872  1.00 14.70 ? 62  ALA A CB  1 
ATOM   501  N  N   . HIS A 1 63  ? 11.313  -4.531  0.936   1.00 13.88 ? 63  HIS A N   1 
ATOM   502  C  CA  . HIS A 1 63  ? 12.278  -4.927  1.958   1.00 14.30 ? 63  HIS A CA  1 
ATOM   503  C  C   . HIS A 1 63  ? 12.370  -6.443  2.094   1.00 17.29 ? 63  HIS A C   1 
ATOM   504  O  O   . HIS A 1 63  ? 13.472  -7.004  2.110   1.00 19.40 ? 63  HIS A O   1 
ATOM   505  C  CB  . HIS A 1 63  ? 11.933  -4.290  3.300   1.00 15.90 ? 63  HIS A CB  1 
ATOM   506  C  CG  . HIS A 1 63  ? 12.874  -4.677  4.396   1.00 20.88 ? 63  HIS A CG  1 
ATOM   507  N  ND1 . HIS A 1 63  ? 12.524  -5.548  5.404   1.00 24.24 ? 63  HIS A ND1 1 
ATOM   508  C  CD2 . HIS A 1 63  ? 14.165  -4.338  4.618   1.00 22.34 ? 63  HIS A CD2 1 
ATOM   509  C  CE1 . HIS A 1 63  ? 13.555  -5.715  6.213   1.00 23.22 ? 63  HIS A CE1 1 
ATOM   510  N  NE2 . HIS A 1 63  ? 14.561  -4.987  5.762   1.00 28.06 ? 63  HIS A NE2 1 
ATOM   511  N  N   . VAL A 1 64  ? 11.230  -7.126  2.222   1.00 14.95 ? 64  VAL A N   1 
ATOM   512  C  CA  . VAL A 1 64  ? 11.283  -8.580  2.357   1.00 16.55 ? 64  VAL A CA  1 
ATOM   513  C  C   . VAL A 1 64  ? 11.787  -9.231  1.080   1.00 18.62 ? 64  VAL A C   1 
ATOM   514  O  O   . VAL A 1 64  ? 12.486  -10.253 1.124   1.00 19.21 ? 64  VAL A O   1 
ATOM   515  C  CB  . VAL A 1 64  ? 9.928   -9.153  2.809   1.00 16.94 ? 64  VAL A CB  1 
ATOM   516  C  CG1 . VAL A 1 64  ? 9.568   -8.661  4.193   1.00 24.09 ? 64  VAL A CG1 1 
ATOM   517  C  CG2 . VAL A 1 64  ? 8.844   -8.797  1.818   1.00 20.82 ? 64  VAL A CG2 1 
ATOM   518  N  N   . ALA A 1 65  ? 11.462  -8.656  -0.072  1.00 14.91 ? 65  ALA A N   1 
ATOM   519  C  CA  . ALA A 1 65  ? 11.898  -9.210  -1.343  1.00 14.70 ? 65  ALA A CA  1 
ATOM   520  C  C   . ALA A 1 65  ? 13.335  -8.849  -1.684  1.00 14.78 ? 65  ALA A C   1 
ATOM   521  O  O   . ALA A 1 65  ? 13.913  -9.463  -2.587  1.00 18.38 ? 65  ALA A O   1 
ATOM   522  C  CB  . ALA A 1 65  ? 10.969  -8.737  -2.460  1.00 14.83 ? 65  ALA A CB  1 
ATOM   523  N  N   . GLY A 1 66  ? 13.915  -7.864  -1.007  1.00 16.94 ? 66  GLY A N   1 
ATOM   524  C  CA  . GLY A 1 66  ? 15.263  -7.434  -1.332  1.00 16.57 ? 66  GLY A CA  1 
ATOM   525  C  C   . GLY A 1 66  ? 15.383  -6.739  -2.672  1.00 19.13 ? 66  GLY A C   1 
ATOM   526  O  O   . GLY A 1 66  ? 16.374  -6.943  -3.384  1.00 21.69 ? 66  GLY A O   1 
ATOM   527  N  N   . VAL A 1 67  ? 14.407  -5.902  -3.031  1.00 16.42 ? 67  VAL A N   1 
ATOM   528  C  CA  . VAL A 1 67  ? 14.401  -5.203  -4.310  1.00 18.64 ? 67  VAL A CA  1 
ATOM   529  C  C   . VAL A 1 67  ? 14.155  -3.712  -4.074  1.00 14.39 ? 67  VAL A C   1 
ATOM   530  O  O   . VAL A 1 67  ? 13.874  -3.272  -2.964  1.00 15.60 ? 67  VAL A O   1 
ATOM   531  C  CB  . VAL A 1 67  ? 13.374  -5.793  -5.308  1.00 15.84 ? 67  VAL A CB  1 
ATOM   532  C  CG1 . VAL A 1 67  ? 13.654  -7.269  -5.583  1.00 18.40 ? 67  VAL A CG1 1 
ATOM   533  C  CG2 . VAL A 1 67  ? 11.939  -5.600  -4.811  1.00 14.88 ? 67  VAL A CG2 1 
ATOM   534  N  N   . GLU A 1 68  ? 14.257  -2.930  -5.146  1.00 14.62 ? 68  GLU A N   1 
ATOM   535  C  CA  . GLU A 1 68  ? 13.974  -1.502  -5.057  1.00 14.25 ? 68  GLU A CA  1 
ATOM   536  C  C   . GLU A 1 68  ? 12.467  -1.237  -5.069  1.00 14.60 ? 68  GLU A C   1 
ATOM   537  O  O   . GLU A 1 68  ? 11.716  -1.901  -5.786  1.00 15.76 ? 68  GLU A O   1 
ATOM   538  C  CB  . GLU A 1 68  ? 14.633  -0.768  -6.228  1.00 15.73 ? 68  GLU A CB  1 
ATOM   539  C  CG  . GLU A 1 68  ? 14.543  0.728   -6.107  1.00 14.78 ? 68  GLU A CG  1 
ATOM   540  C  CD  . GLU A 1 68  ? 15.066  1.449   -7.331  1.00 15.32 ? 68  GLU A CD  1 
ATOM   541  O  OE1 . GLU A 1 68  ? 15.528  0.779   -8.289  1.00 19.54 ? 68  GLU A OE1 1 
ATOM   542  O  OE2 . GLU A 1 68  ? 14.984  2.693   -7.340  1.00 17.63 ? 68  GLU A OE2 1 
ATOM   543  N  N   . GLU A 1 69  ? 12.032  -0.254  -4.274  1.00 12.08 ? 69  GLU A N   1 
ATOM   544  C  CA  . GLU A 1 69  ? 10.642  0.205   -4.346  1.00 11.06 ? 69  GLU A CA  1 
ATOM   545  C  C   . GLU A 1 69  ? 10.298  0.668   -5.754  1.00 10.80 ? 69  GLU A C   1 
ATOM   546  O  O   . GLU A 1 69  ? 11.116  1.303   -6.434  1.00 11.41 ? 69  GLU A O   1 
ATOM   547  C  CB  . GLU A 1 69  ? 10.421  1.393   -3.417  1.00 12.61 ? 69  GLU A CB  1 
ATOM   548  C  CG  . GLU A 1 69  ? 10.555  1.096   -1.929  1.00 12.59 ? 69  GLU A CG  1 
ATOM   549  C  CD  . GLU A 1 69  ? 10.511  2.350   -1.084  1.00 19.20 ? 69  GLU A CD  1 
ATOM   550  O  OE1 . GLU A 1 69  ? 9.661   3.221   -1.339  1.00 20.99 ? 69  GLU A OE1 1 
ATOM   551  O  OE2 . GLU A 1 69  ? 11.337  2.485   -0.156  1.00 21.52 ? 69  GLU A OE2 1 
ATOM   552  N  N   . VAL A 1 70  ? 9.065   0.386   -6.185  1.00 11.16 ? 70  VAL A N   1 
ATOM   553  C  CA  . VAL A 1 70  ? 8.645   0.840   -7.509  1.00 10.62 ? 70  VAL A CA  1 
ATOM   554  C  C   . VAL A 1 70  ? 8.516   2.357   -7.542  1.00 10.76 ? 70  VAL A C   1 
ATOM   555  O  O   . VAL A 1 70  ? 8.695   2.976   -8.598  1.00 9.81  ? 70  VAL A O   1 
ATOM   556  C  CB  . VAL A 1 70  ? 7.370   0.119   -7.999  1.00 19.96 ? 70  VAL A CB  1 
ATOM   557  C  CG1 . VAL A 1 70  ? 7.525   -1.398  -7.940  1.00 19.88 ? 70  VAL A CG1 1 
ATOM   558  C  CG2 . VAL A 1 70  ? 6.189   0.547   -7.216  1.00 23.85 ? 70  VAL A CG2 1 
ATOM   559  N  N   . TRP A 1 71  ? 8.242   2.974   -6.387  1.00 10.29 ? 71  TRP A N   1 
ATOM   560  C  CA  . TRP A 1 71  ? 8.162   4.428   -6.273  1.00 9.85  ? 71  TRP A CA  1 
ATOM   561  C  C   . TRP A 1 71  ? 9.345   5.112   -6.957  1.00 10.12 ? 71  TRP A C   1 
ATOM   562  O  O   . TRP A 1 71  ? 9.168   6.072   -7.710  1.00 11.84 ? 71  TRP A O   1 
ATOM   563  C  CB  . TRP A 1 71  ? 8.122   4.775   -4.785  1.00 10.92 ? 71  TRP A CB  1 
ATOM   564  C  CG  . TRP A 1 71  ? 7.908   6.197   -4.380  1.00 8.96  ? 71  TRP A CG  1 
ATOM   565  C  CD1 . TRP A 1 71  ? 8.747   6.935   -3.595  1.00 9.14  ? 71  TRP A CD1 1 
ATOM   566  C  CD2 . TRP A 1 71  ? 6.778   7.037   -4.657  1.00 8.97  ? 71  TRP A CD2 1 
ATOM   567  N  NE1 . TRP A 1 71  ? 8.214   8.178   -3.371  1.00 8.91  ? 71  TRP A NE1 1 
ATOM   568  C  CE2 . TRP A 1 71  ? 7.004   8.265   -4.012  1.00 8.25  ? 71  TRP A CE2 1 
ATOM   569  C  CE3 . TRP A 1 71  ? 5.587   6.870   -5.378  1.00 8.08  ? 71  TRP A CE3 1 
ATOM   570  C  CZ2 . TRP A 1 71  ? 6.093   9.325   -4.072  1.00 9.32  ? 71  TRP A CZ2 1 
ATOM   571  C  CZ3 . TRP A 1 71  ? 4.686   7.936   -5.438  1.00 7.88  ? 71  TRP A CZ3 1 
ATOM   572  C  CH2 . TRP A 1 71  ? 4.947   9.144   -4.801  1.00 9.39  ? 71  TRP A CH2 1 
ATOM   573  N  N   . THR A 1 72  ? 10.566  4.642   -6.687  1.00 11.05 ? 72  THR A N   1 
ATOM   574  C  CA  . THR A 1 72  ? 11.741  5.201   -7.353  1.00 12.01 ? 72  THR A CA  1 
ATOM   575  C  C   . THR A 1 72  ? 12.147  4.426   -8.599  1.00 14.17 ? 72  THR A C   1 
ATOM   576  O  O   . THR A 1 72  ? 12.595  5.035   -9.575  1.00 13.88 ? 72  THR A O   1 
ATOM   577  C  CB  . THR A 1 72  ? 12.926  5.272   -6.386  1.00 13.77 ? 72  THR A CB  1 
ATOM   578  O  OG1 . THR A 1 72  ? 13.178  3.977   -5.829  1.00 14.04 ? 72  THR A OG1 1 
ATOM   579  C  CG2 . THR A 1 72  ? 12.629  6.244   -5.278  1.00 13.91 ? 72  THR A CG2 1 
ATOM   580  N  N   . ARG A 1 73  ? 12.004  3.100   -8.603  1.00 10.85 ? 73  ARG A N   1 
ATOM   581  C  CA  . ARG A 1 73  ? 12.488  2.310   -9.729  1.00 11.98 ? 73  ARG A CA  1 
ATOM   582  C  C   . ARG A 1 73  ? 11.926  2.825   -11.043 1.00 11.95 ? 73  ARG A C   1 
ATOM   583  O  O   . ARG A 1 73  ? 12.653  2.987   -12.031 1.00 12.37 ? 73  ARG A O   1 
ATOM   584  C  CB  . ARG A 1 73  ? 12.129  0.838   -9.533  1.00 13.42 ? 73  ARG A CB  1 
ATOM   585  C  CG  . ARG A 1 73  ? 12.722  -0.088  -10.586 1.00 14.55 ? 73  ARG A CG  1 
ATOM   586  C  CD  . ARG A 1 73  ? 12.071  -1.464  -10.532 1.00 16.15 ? 73  ARG A CD  1 
ATOM   587  N  NE  . ARG A 1 73  ? 10.718  -1.413  -11.072 1.00 15.46 ? 73  ARG A NE  1 
ATOM   588  C  CZ  . ARG A 1 73  ? 9.764   -2.307  -10.837 1.00 16.00 ? 73  ARG A CZ  1 
ATOM   589  N  NH1 . ARG A 1 73  ? 9.961   -3.338  -10.032 1.00 16.75 ? 73  ARG A NH1 1 
ATOM   590  N  NH2 . ARG A 1 73  ? 8.585   -2.166  -11.437 1.00 14.13 ? 73  ARG A NH2 1 
ATOM   591  N  N   . ASP A 1 74  ? 10.629  3.109   -11.073 1.00 11.58 ? 74  ASP A N   1 
ATOM   592  C  CA  . ASP A 1 74  ? 9.969   3.534   -12.298 1.00 11.65 ? 74  ASP A CA  1 
ATOM   593  C  C   . ASP A 1 74  ? 9.569   5.008   -12.274 1.00 10.72 ? 74  ASP A C   1 
ATOM   594  O  O   . ASP A 1 74  ? 8.743   5.441   -13.092 1.00 12.61 ? 74  ASP A O   1 
ATOM   595  C  CB  . ASP A 1 74  ? 8.775   2.623   -12.597 1.00 13.40 ? 74  ASP A CB  1 
ATOM   596  C  CG  . ASP A 1 74  ? 9.184   1.159   -12.813 1.00 14.49 ? 74  ASP A CG  1 
ATOM   597  O  OD1 . ASP A 1 74  ? 10.382  0.860   -12.946 1.00 17.61 ? 74  ASP A OD1 1 
ATOM   598  O  OD2 . ASP A 1 74  ? 8.291   0.288   -12.833 1.00 20.20 ? 74  ASP A OD2 1 
ATOM   599  N  N   . GLY A 1 75  ? 10.157  5.796   -11.380 1.00 11.77 ? 75  GLY A N   1 
ATOM   600  C  CA  . GLY A 1 75  ? 9.952   7.229   -11.409 1.00 11.40 ? 75  GLY A CA  1 
ATOM   601  C  C   . GLY A 1 75  ? 8.584   7.708   -11.001 1.00 10.45 ? 75  GLY A C   1 
ATOM   602  O  O   . GLY A 1 75  ? 8.235   8.864   -11.285 1.00 10.92 ? 75  GLY A O   1 
ATOM   603  N  N   . TRP A 1 76  ? 7.803   6.866   -10.304 1.00 9.88  ? 76  TRP A N   1 
ATOM   604  C  CA  . TRP A 1 76  ? 6.488   7.295   -9.848  1.00 10.16 ? 76  TRP A CA  1 
ATOM   605  C  C   . TRP A 1 76  ? 6.589   8.528   -8.972  1.00 9.83  ? 76  TRP A C   1 
ATOM   606  O  O   . TRP A 1 76  ? 5.739   9.418   -9.047  1.00 10.85 ? 76  TRP A O   1 
ATOM   607  C  CB  . TRP A 1 76  ? 5.772   6.166   -9.111  1.00 10.56 ? 76  TRP A CB  1 
ATOM   608  C  CG  . TRP A 1 76  ? 5.305   5.075   -9.995  1.00 8.80  ? 76  TRP A CG  1 
ATOM   609  C  CD1 . TRP A 1 76  ? 5.920   3.883   -10.221 1.00 10.66 ? 76  TRP A CD1 1 
ATOM   610  C  CD2 . TRP A 1 76  ? 4.126   5.078   -10.803 1.00 9.25  ? 76  TRP A CD2 1 
ATOM   611  N  NE1 . TRP A 1 76  ? 5.187   3.131   -11.101 1.00 11.43 ? 76  TRP A NE1 1 
ATOM   612  C  CE2 . TRP A 1 76  ? 4.075   3.837   -11.458 1.00 8.29  ? 76  TRP A CE2 1 
ATOM   613  C  CE3 . TRP A 1 76  ? 3.078   5.980   -10.984 1.00 11.20 ? 76  TRP A CE3 1 
ATOM   614  C  CZ2 . TRP A 1 76  ? 3.039   3.484   -12.313 1.00 11.38 ? 76  TRP A CZ2 1 
ATOM   615  C  CZ3 . TRP A 1 76  ? 2.051   5.621   -11.853 1.00 11.20 ? 76  TRP A CZ3 1 
ATOM   616  C  CH2 . TRP A 1 76  ? 2.045   4.390   -12.488 1.00 12.40 ? 76  TRP A CH2 1 
ATOM   617  N  N   . VAL A 1 77  ? 7.638   8.604   -8.144  1.00 11.24 ? 77  VAL A N   1 
ATOM   618  C  CA  . VAL A 1 77  ? 7.811   9.769   -7.284  1.00 10.58 ? 77  VAL A CA  1 
ATOM   619  C  C   . VAL A 1 77  ? 7.845   11.051  -8.108  1.00 10.41 ? 77  VAL A C   1 
ATOM   620  O  O   . VAL A 1 77  ? 7.259   12.067  -7.724  1.00 12.13 ? 77  VAL A O   1 
ATOM   621  C  CB  . VAL A 1 77  ? 9.060   9.596   -6.394  1.00 11.83 ? 77  VAL A CB  1 
ATOM   622  C  CG1 . VAL A 1 77  ? 10.326  9.404   -7.239  1.00 10.56 ? 77  VAL A CG1 1 
ATOM   623  C  CG2 . VAL A 1 77  ? 9.211   10.763  -5.419  1.00 10.73 ? 77  VAL A CG2 1 
ATOM   624  N  N   . ASP A 1 78  ? 8.471   11.010  -9.287  1.00 10.07 ? 78  ASP A N   1 
ATOM   625  C  CA  . ASP A 1 78  ? 8.555   12.210  -10.113 1.00 13.27 ? 78  ASP A CA  1 
ATOM   626  C  C   . ASP A 1 78  ? 7.265   12.487  -10.861 1.00 10.93 ? 78  ASP A C   1 
ATOM   627  O  O   . ASP A 1 78  ? 6.913   13.654  -11.060 1.00 13.99 ? 78  ASP A O   1 
ATOM   628  C  CB  . ASP A 1 78  ? 9.747   12.104  -11.055 1.00 13.46 ? 78  ASP A CB  1 
ATOM   629  C  CG  . ASP A 1 78  ? 11.016  11.895  -10.292 1.00 16.21 ? 78  ASP A CG  1 
ATOM   630  O  OD1 . ASP A 1 78  ? 11.362  12.817  -9.532  1.00 20.60 ? 78  ASP A OD1 1 
ATOM   631  O  OD2 . ASP A 1 78  ? 11.599  10.800  -10.391 1.00 19.13 ? 78  ASP A OD2 1 
ATOM   632  N  N   . ARG A 1 79  ? 6.527   11.441  -11.233 1.00 9.77  ? 79  ARG A N   1 
ATOM   633  C  CA  . ARG A 1 79  ? 5.242   11.649  -11.898 1.00 12.27 ? 79  ARG A CA  1 
ATOM   634  C  C   . ARG A 1 79  ? 4.243   12.293  -10.949 1.00 11.95 ? 79  ARG A C   1 
ATOM   635  O  O   . ARG A 1 79  ? 3.472   13.167  -11.349 1.00 12.61 ? 79  ARG A O   1 
ATOM   636  C  CB  . ARG A 1 79  ? 4.700   10.320  -12.435 1.00 13.09 ? 79  ARG A CB  1 
ATOM   637  C  CG  . ARG A 1 79  ? 5.699   9.509   -13.275 1.00 12.94 ? 79  ARG A CG  1 
ATOM   638  C  CD  . ARG A 1 79  ? 4.983   8.546   -14.219 1.00 13.15 ? 79  ARG A CD  1 
ATOM   639  N  NE  . ARG A 1 79  ? 4.375   9.297   -15.304 1.00 13.84 ? 79  ARG A NE  1 
ATOM   640  C  CZ  . ARG A 1 79  ? 5.013   9.687   -16.400 1.00 12.71 ? 79  ARG A CZ  1 
ATOM   641  N  NH1 . ARG A 1 79  ? 6.270   9.341   -16.628 1.00 14.80 ? 79  ARG A NH1 1 
ATOM   642  N  NH2 . ARG A 1 79  ? 4.392   10.486  -17.256 1.00 12.35 ? 79  ARG A NH2 1 
ATOM   643  N  N   . PHE A 1 80  ? 4.280   11.904  -9.671  1.00 11.28 ? 80  PHE A N   1 
ATOM   644  C  CA  . PHE A 1 80  ? 3.434   12.528  -8.656  1.00 12.16 ? 80  PHE A CA  1 
ATOM   645  C  C   . PHE A 1 80  ? 3.846   13.968  -8.380  1.00 10.95 ? 80  PHE A C   1 
ATOM   646  O  O   . PHE A 1 80  ? 2.999   14.864  -8.297  1.00 14.16 ? 80  PHE A O   1 
ATOM   647  C  CB  . PHE A 1 80  ? 3.524   11.714  -7.366  1.00 10.34 ? 80  PHE A CB  1 
ATOM   648  C  CG  . PHE A 1 80  ? 2.536   10.583  -7.286  1.00 9.54  ? 80  PHE A CG  1 
ATOM   649  C  CD1 . PHE A 1 80  ? 2.664   9.453   -8.081  1.00 10.69 ? 80  PHE A CD1 1 
ATOM   650  C  CD2 . PHE A 1 80  ? 1.491   10.639  -6.374  1.00 12.12 ? 80  PHE A CD2 1 
ATOM   651  C  CE1 . PHE A 1 80  ? 1.735   8.407   -7.980  1.00 10.83 ? 80  PHE A CE1 1 
ATOM   652  C  CE2 . PHE A 1 80  ? 0.578   9.605   -6.272  1.00 10.70 ? 80  PHE A CE2 1 
ATOM   653  C  CZ  . PHE A 1 80  ? 0.707   8.496   -7.071  1.00 10.54 ? 80  PHE A CZ  1 
ATOM   654  N  N   . GLY A 1 81  ? 5.138   14.198  -8.196  1.00 11.93 ? 81  GLY A N   1 
ATOM   655  C  CA  . GLY A 1 81  ? 5.640   15.544  -7.974  1.00 12.57 ? 81  GLY A CA  1 
ATOM   656  C  C   . GLY A 1 81  ? 5.137   16.192  -6.705  1.00 14.63 ? 81  GLY A C   1 
ATOM   657  O  O   . GLY A 1 81  ? 4.959   17.413  -6.673  1.00 19.01 ? 81  GLY A O   1 
ATOM   658  N  N   . LEU A 1 82  ? 4.905   15.404  -5.651  1.00 12.01 ? 82  LEU A N   1 
ATOM   659  C  CA  . LEU A 1 82  ? 4.391   15.946  -4.402  1.00 14.17 ? 82  LEU A CA  1 
ATOM   660  C  C   . LEU A 1 82  ? 5.445   16.815  -3.733  1.00 13.25 ? 82  LEU A C   1 
ATOM   661  O  O   . LEU A 1 82  ? 6.644   16.594  -3.877  1.00 13.37 ? 82  LEU A O   1 
ATOM   662  C  CB  . LEU A 1 82  ? 4.024   14.815  -3.440  1.00 13.95 ? 82  LEU A CB  1 
ATOM   663  C  CG  . LEU A 1 82  ? 3.038   13.766  -3.951  1.00 12.64 ? 82  LEU A CG  1 
ATOM   664  C  CD1 . LEU A 1 82  ? 2.778   12.751  -2.835  1.00 13.24 ? 82  LEU A CD1 1 
ATOM   665  C  CD2 . LEU A 1 82  ? 1.759   14.425  -4.401  1.00 15.66 ? 82  LEU A CD2 1 
ATOM   666  N  N   . ASP A 1 83  ? 4.973   17.805  -2.980  1.00 15.46 ? 83  ASP A N   1 
ATOM   667  C  CA  . ASP A 1 83  ? 5.852   18.690  -2.217  1.00 22.01 ? 83  ASP A CA  1 
ATOM   668  C  C   . ASP A 1 83  ? 6.254   18.004  -0.907  1.00 15.06 ? 83  ASP A C   1 
ATOM   669  O  O   . ASP A 1 83  ? 5.918   18.432  0.203   1.00 19.51 ? 83  ASP A O   1 
ATOM   670  C  CB  . ASP A 1 83  ? 5.168   20.032  -1.989  1.00 16.56 ? 83  ASP A CB  1 
ATOM   671  C  CG  . ASP A 1 83  ? 6.088   21.055  -1.349  1.00 34.25 ? 83  ASP A CG  1 
ATOM   672  O  OD1 . ASP A 1 83  ? 7.321   20.913  -1.473  1.00 39.03 ? 83  ASP A OD1 1 
ATOM   673  O  OD2 . ASP A 1 83  ? 5.568   21.994  -0.710  1.00 41.98 ? 83  ASP A OD2 1 
ATOM   674  N  N   . LEU A 1 84  ? 7.018   16.926  -1.055  1.00 12.98 ? 84  LEU A N   1 
ATOM   675  C  CA  . LEU A 1 84  ? 7.424   16.088  0.068   1.00 12.33 ? 84  LEU A CA  1 
ATOM   676  C  C   . LEU A 1 84  ? 8.788   15.503  -0.241  1.00 13.65 ? 84  LEU A C   1 
ATOM   677  O  O   . LEU A 1 84  ? 9.170   15.393  -1.411  1.00 16.10 ? 84  LEU A O   1 
ATOM   678  C  CB  . LEU A 1 84  ? 6.452   14.919  0.284   1.00 14.86 ? 84  LEU A CB  1 
ATOM   679  C  CG  . LEU A 1 84  ? 5.024   15.183  0.710   1.00 14.03 ? 84  LEU A CG  1 
ATOM   680  C  CD1 . LEU A 1 84  ? 4.268   13.868  0.677   1.00 15.31 ? 84  LEU A CD1 1 
ATOM   681  C  CD2 . LEU A 1 84  ? 5.015   15.795  2.099   1.00 15.01 ? 84  LEU A CD2 1 
ATOM   682  N  N   . PRO A 1 85  ? 9.540   15.103  0.776   1.00 15.46 ? 85  PRO A N   1 
ATOM   683  C  CA  . PRO A 1 85  ? 10.793  14.384  0.523   1.00 14.76 ? 85  PRO A CA  1 
ATOM   684  C  C   . PRO A 1 85  ? 10.554  13.116  -0.288  1.00 18.20 ? 85  PRO A C   1 
ATOM   685  O  O   . PRO A 1 85  ? 9.508   12.467  -0.177  1.00 14.18 ? 85  PRO A O   1 
ATOM   686  C  CB  . PRO A 1 85  ? 11.312  14.073  1.931   1.00 16.31 ? 85  PRO A CB  1 
ATOM   687  C  CG  . PRO A 1 85  ? 10.719  15.172  2.779   1.00 15.75 ? 85  PRO A CG  1 
ATOM   688  C  CD  . PRO A 1 85  ? 9.360   15.437  2.199   1.00 14.65 ? 85  PRO A CD  1 
ATOM   689  N  N   . ARG A 1 86  ? 11.548  12.764  -1.112  1.00 13.81 ? 86  ARG A N   1 
ATOM   690  C  CA  . ARG A 1 86  ? 11.367  11.719  -2.113  1.00 13.81 ? 86  ARG A CA  1 
ATOM   691  C  C   . ARG A 1 86  ? 11.085  10.360  -1.491  1.00 16.69 ? 86  ARG A C   1 
ATOM   692  O  O   . ARG A 1 86  ? 10.398  9.531   -2.104  1.00 15.43 ? 86  ARG A O   1 
ATOM   693  C  CB  . ARG A 1 86  ? 12.589  11.637  -3.025  1.00 21.69 ? 86  ARG A CB  1 
ATOM   694  C  CG  . ARG A 1 86  ? 12.720  12.840  -3.909  1.00 22.52 ? 86  ARG A CG  1 
ATOM   695  C  CD  . ARG A 1 86  ? 13.973  12.777  -4.768  1.00 24.61 ? 86  ARG A CD  1 
ATOM   696  N  NE  . ARG A 1 86  ? 13.938  11.685  -5.735  1.00 18.64 ? 86  ARG A NE  1 
ATOM   697  C  CZ  . ARG A 1 86  ? 13.287  11.741  -6.894  1.00 16.22 ? 86  ARG A CZ  1 
ATOM   698  N  NH1 . ARG A 1 86  ? 12.554  12.788  -7.220  1.00 23.22 ? 86  ARG A NH1 1 
ATOM   699  N  NH2 . ARG A 1 86  ? 13.391  10.728  -7.744  1.00 18.84 ? 86  ARG A NH2 1 
ATOM   700  N  N   . HIS A 1 87  ? 11.602  10.107  -0.289  1.00 13.74 ? 87  HIS A N   1 
ATOM   701  C  CA  . HIS A 1 87  ? 11.470  8.805   0.343   1.00 15.22 ? 87  HIS A CA  1 
ATOM   702  C  C   . HIS A 1 87  ? 10.215  8.683   1.195   1.00 12.98 ? 87  HIS A C   1 
ATOM   703  O  O   . HIS A 1 87  ? 9.909   7.574   1.644   1.00 13.43 ? 87  HIS A O   1 
ATOM   704  C  CB  . HIS A 1 87  ? 12.690  8.549   1.224   1.00 16.28 ? 87  HIS A CB  1 
ATOM   705  C  CG  . HIS A 1 87  ? 13.038  9.713   2.097   1.00 24.39 ? 87  HIS A CG  1 
ATOM   706  N  ND1 . HIS A 1 87  ? 12.615  9.818   3.406   1.00 33.64 ? 87  HIS A ND1 1 
ATOM   707  C  CD2 . HIS A 1 87  ? 13.714  10.855  1.827   1.00 17.66 ? 87  HIS A CD2 1 
ATOM   708  C  CE1 . HIS A 1 87  ? 13.054  10.953  3.917   1.00 28.47 ? 87  HIS A CE1 1 
ATOM   709  N  NE2 . HIS A 1 87  ? 13.725  11.601  2.981   1.00 37.62 ? 87  HIS A NE2 1 
ATOM   710  N  N   . ASP A 1 88  ? 9.487   9.778   1.424   1.00 12.08 ? 88  ASP A N   1 
ATOM   711  C  CA  . ASP A 1 88  ? 8.327   9.747   2.315   1.00 11.47 ? 88  ASP A CA  1 
ATOM   712  C  C   . ASP A 1 88  ? 7.362   8.639   1.919   1.00 12.28 ? 88  ASP A C   1 
ATOM   713  O  O   . ASP A 1 88  ? 7.061   8.437   0.732   1.00 9.88  ? 88  ASP A O   1 
ATOM   714  C  CB  . ASP A 1 88  ? 7.555   11.057  2.219   1.00 14.08 ? 88  ASP A CB  1 
ATOM   715  C  CG  . ASP A 1 88  ? 7.950   12.065  3.263   1.00 15.43 ? 88  ASP A CG  1 
ATOM   716  O  OD1 . ASP A 1 88  ? 9.091   12.011  3.769   1.00 19.09 ? 88  ASP A OD1 1 
ATOM   717  O  OD2 . ASP A 1 88  ? 7.102   12.936  3.544   1.00 14.38 ? 88  ASP A OD2 1 
ATOM   718  N  N   . THR A 1 89  ? 6.871   7.938   2.941   1.00 12.18 ? 89  THR A N   1 
ATOM   719  C  CA  . THR A 1 89  ? 5.817   6.947   2.830   1.00 11.34 ? 89  THR A CA  1 
ATOM   720  C  C   . THR A 1 89  ? 4.517   7.396   3.468   1.00 10.73 ? 89  THR A C   1 
ATOM   721  O  O   . THR A 1 89  ? 3.483   6.756   3.233   1.00 11.00 ? 89  THR A O   1 
ATOM   722  C  CB  . THR A 1 89  ? 6.225   5.661   3.558   1.00 11.32 ? 89  THR A CB  1 
ATOM   723  O  OG1 . THR A 1 89  ? 6.543   5.997   4.914   1.00 13.97 ? 89  THR A OG1 1 
ATOM   724  C  CG2 . THR A 1 89  ? 7.442   5.031   2.897   1.00 15.06 ? 89  THR A CG2 1 
ATOM   725  N  N   . GLY A 1 90  ? 4.543   8.445   4.290   1.00 11.21 ? 90  GLY A N   1 
ATOM   726  C  CA  . GLY A 1 90  ? 3.428   8.819   5.127   1.00 11.71 ? 90  GLY A CA  1 
ATOM   727  C  C   . GLY A 1 90  ? 3.535   8.347   6.565   1.00 10.59 ? 90  GLY A C   1 
ATOM   728  O  O   . GLY A 1 90  ? 2.801   8.851   7.417   1.00 11.35 ? 90  GLY A O   1 
ATOM   729  N  N   . TYR A 1 91  ? 4.430   7.396   6.852   1.00 10.89 ? 91  TYR A N   1 
ATOM   730  C  CA  . TYR A 1 91  ? 4.610   6.926   8.223   1.00 10.55 ? 91  TYR A CA  1 
ATOM   731  C  C   . TYR A 1 91  ? 4.922   8.077   9.168   1.00 12.38 ? 91  TYR A C   1 
ATOM   732  O  O   . TYR A 1 91  ? 4.521   8.055   10.341  1.00 13.37 ? 91  TYR A O   1 
ATOM   733  C  CB  . TYR A 1 91  ? 5.768   5.935   8.264   1.00 14.11 ? 91  TYR A CB  1 
ATOM   734  C  CG  . TYR A 1 91  ? 5.416   4.504   7.953   1.00 13.85 ? 91  TYR A CG  1 
ATOM   735  C  CD1 . TYR A 1 91  ? 4.273   3.916   8.472   1.00 12.68 ? 91  TYR A CD1 1 
ATOM   736  C  CD2 . TYR A 1 91  ? 6.271   3.723   7.190   1.00 17.32 ? 91  TYR A CD2 1 
ATOM   737  C  CE1 . TYR A 1 91  ? 3.981   2.587   8.214   1.00 14.89 ? 91  TYR A CE1 1 
ATOM   738  C  CE2 . TYR A 1 91  ? 5.988   2.410   6.916   1.00 15.97 ? 91  TYR A CE2 1 
ATOM   739  C  CZ  . TYR A 1 91  ? 4.837   1.844   7.433   1.00 15.20 ? 91  TYR A CZ  1 
ATOM   740  O  OH  . TYR A 1 91  ? 4.572   0.520   7.156   1.00 22.23 ? 91  TYR A OH  1 
ATOM   741  N  N   . GLY A 1 92  ? 5.664   9.074   8.692   1.00 11.58 ? 92  GLY A N   1 
ATOM   742  C  CA  . GLY A 1 92  ? 6.073   10.204  9.491   1.00 13.48 ? 92  GLY A CA  1 
ATOM   743  C  C   . GLY A 1 92  ? 5.223   11.442  9.351   1.00 12.50 ? 92  GLY A C   1 
ATOM   744  O  O   . GLY A 1 92  ? 5.601   12.495  9.879   1.00 13.61 ? 92  GLY A O   1 
ATOM   745  N  N   . HIS A 1 93  ? 4.065   11.354  8.696   1.00 9.93  ? 93  HIS A N   1 
ATOM   746  C  CA  . HIS A 1 93  ? 3.309   12.554  8.381   1.00 11.38 ? 93  HIS A CA  1 
ATOM   747  C  C   . HIS A 1 93  ? 2.555   13.136  9.566   1.00 12.04 ? 93  HIS A C   1 
ATOM   748  O  O   . HIS A 1 93  ? 1.917   12.414  10.343  1.00 11.88 ? 93  HIS A O   1 
ATOM   749  C  CB  . HIS A 1 93  ? 2.356   12.302  7.210   1.00 11.43 ? 93  HIS A CB  1 
ATOM   750  C  CG  . HIS A 1 93  ? 3.049   12.373  5.894   1.00 10.14 ? 93  HIS A CG  1 
ATOM   751  N  ND1 . HIS A 1 93  ? 2.395   12.251  4.686   1.00 11.62 ? 93  HIS A ND1 1 
ATOM   752  C  CD2 . HIS A 1 93  ? 4.354   12.575  5.603   1.00 10.27 ? 93  HIS A CD2 1 
ATOM   753  C  CE1 . HIS A 1 93  ? 3.275   12.382  3.708   1.00 13.16 ? 93  HIS A CE1 1 
ATOM   754  N  NE2 . HIS A 1 93  ? 4.471   12.575  4.237   1.00 11.53 ? 93  HIS A NE2 1 
ATOM   755  N  N   . ARG A 1 94  ? 2.615   14.461  9.670   1.00 10.76 ? 94  ARG A N   1 
ATOM   756  C  CA  . ARG A 1 94  ? 1.793   15.234  10.581  1.00 14.52 ? 94  ARG A CA  1 
ATOM   757  C  C   . ARG A 1 94  ? 0.431   15.508  9.949   1.00 17.43 ? 94  ARG A C   1 
ATOM   758  O  O   . ARG A 1 94  ? 0.244   15.329  8.741   1.00 15.98 ? 94  ARG A O   1 
ATOM   759  C  CB  . ARG A 1 94  ? 2.496   16.554  10.886  1.00 15.92 ? 94  ARG A CB  1 
ATOM   760  C  CG  . ARG A 1 94  ? 3.950   16.397  11.294  1.00 14.31 ? 94  ARG A CG  1 
ATOM   761  C  CD  . ARG A 1 94  ? 4.742   17.690  11.128  1.00 15.44 ? 94  ARG A CD  1 
ATOM   762  N  NE  . ARG A 1 94  ? 4.959   17.993  9.718   1.00 16.70 ? 94  ARG A NE  1 
ATOM   763  C  CZ  . ARG A 1 94  ? 5.696   18.997  9.265   1.00 19.55 ? 94  ARG A CZ  1 
ATOM   764  N  NH1 . ARG A 1 94  ? 6.294   19.848  10.087  1.00 20.88 ? 94  ARG A NH1 1 
ATOM   765  N  NH2 . ARG A 1 94  ? 5.849   19.145  7.954   1.00 19.61 ? 94  ARG A NH2 1 
ATOM   766  N  N   . PRO A 1 95  ? -0.544  15.968  10.740  1.00 15.12 ? 95  PRO A N   1 
ATOM   767  C  CA  . PRO A 1 95  ? -1.863  16.272  10.161  1.00 16.88 ? 95  PRO A CA  1 
ATOM   768  C  C   . PRO A 1 95  ? -1.800  17.233  8.989   1.00 16.47 ? 95  PRO A C   1 
ATOM   769  O  O   . PRO A 1 95  ? -2.592  17.097  8.044   1.00 17.11 ? 95  PRO A O   1 
ATOM   770  C  CB  . PRO A 1 95  ? -2.625  16.859  11.357  1.00 14.62 ? 95  PRO A CB  1 
ATOM   771  C  CG  . PRO A 1 95  ? -2.038  16.169  12.535  1.00 16.60 ? 95  PRO A CG  1 
ATOM   772  C  CD  . PRO A 1 95  ? -0.556  16.122  12.209  1.00 15.43 ? 95  PRO A CD  1 
ATOM   773  N  N   . GLU A 1 96  ? -0.851  18.170  8.997   1.00 20.35 ? 96  GLU A N   1 
ATOM   774  C  CA  . GLU A 1 96  ? -0.727  19.150  7.921   1.00 18.69 ? 96  GLU A CA  1 
ATOM   775  C  C   . GLU A 1 96  ? -0.171  18.526  6.648   1.00 23.16 ? 96  GLU A C   1 
ATOM   776  O  O   . GLU A 1 96  ? -0.489  18.987  5.545   1.00 20.80 ? 96  GLU A O   1 
ATOM   777  C  CB  . GLU A 1 96  ? 0.199   20.276  8.378   1.00 24.11 ? 96  GLU A CB  1 
ATOM   778  C  CG  . GLU A 1 96  ? -0.429  21.267  9.350   1.00 31.52 ? 96  GLU A CG  1 
ATOM   779  C  CD  . GLU A 1 96  ? -0.413  20.764  10.790  1.00 27.88 ? 96  GLU A CD  1 
ATOM   780  O  OE1 . GLU A 1 96  ? 0.297   19.772  11.081  1.00 21.52 ? 96  GLU A OE1 1 
ATOM   781  O  OE2 . GLU A 1 96  ? -1.083  21.390  11.641  1.00 27.12 ? 96  GLU A OE2 1 
ATOM   782  N  N   . ASP A 1 97  ? 0.689   17.513  6.783   1.00 17.27 ? 97  ASP A N   1 
ATOM   783  C  CA  . ASP A 1 97  ? 1.269   16.840  5.629   1.00 22.13 ? 97  ASP A CA  1 
ATOM   784  C  C   . ASP A 1 97  ? 0.211   16.155  4.776   1.00 15.81 ? 97  ASP A C   1 
ATOM   785  O  O   . ASP A 1 97  ? 0.416   15.992  3.561   1.00 17.67 ? 97  ASP A O   1 
ATOM   786  C  CB  . ASP A 1 97  ? 2.312   15.824  6.109   1.00 17.29 ? 97  ASP A CB  1 
ATOM   787  C  CG  . ASP A 1 97  ? 3.537   16.491  6.741   1.00 17.25 ? 97  ASP A CG  1 
ATOM   788  O  OD1 . ASP A 1 97  ? 3.996   17.532  6.220   1.00 19.50 ? 97  ASP A OD1 1 
ATOM   789  O  OD2 . ASP A 1 97  ? 4.045   15.974  7.772   1.00 16.54 ? 97  ASP A OD2 1 
ATOM   790  N  N   . VAL A 1 98  ? -0.927  15.787  5.374   1.00 15.36 ? 98  VAL A N   1 
ATOM   791  C  CA  . VAL A 1 98  ? -1.984  15.106  4.627   1.00 17.48 ? 98  VAL A CA  1 
ATOM   792  C  C   . VAL A 1 98  ? -2.417  15.932  3.424   1.00 18.58 ? 98  VAL A C   1 
ATOM   793  O  O   . VAL A 1 98  ? -2.651  15.392  2.335   1.00 15.05 ? 98  VAL A O   1 
ATOM   794  C  CB  . VAL A 1 98  ? -3.176  14.766  5.545   1.00 16.33 ? 98  VAL A CB  1 
ATOM   795  C  CG1 . VAL A 1 98  ? -4.358  14.314  4.725   1.00 17.89 ? 98  VAL A CG1 1 
ATOM   796  C  CG2 . VAL A 1 98  ? -2.795  13.690  6.541   1.00 17.23 ? 98  VAL A CG2 1 
ATOM   797  N  N   . ALA A 1 99  ? -2.508  17.256  3.593   1.00 17.52 ? 99  ALA A N   1 
ATOM   798  C  CA  . ALA A 1 99  ? -2.962  18.128  2.513   1.00 18.09 ? 99  ALA A CA  1 
ATOM   799  C  C   . ALA A 1 99  ? -1.980  18.190  1.348   1.00 17.05 ? 99  ALA A C   1 
ATOM   800  O  O   . ALA A 1 99  ? -2.358  18.649  0.266   1.00 17.52 ? 99  ALA A O   1 
ATOM   801  C  CB  . ALA A 1 99  ? -3.217  19.537  3.052   1.00 25.20 ? 99  ALA A CB  1 
ATOM   802  N  N   . LYS A 1 100 ? -0.729  17.764  1.535   1.00 13.56 ? 100 LYS A N   1 
ATOM   803  C  CA  . LYS A 1 100 ? 0.233   17.776  0.438   1.00 15.57 ? 100 LYS A CA  1 
ATOM   804  C  C   . LYS A 1 100 ? 0.056   16.600  -0.512  1.00 13.75 ? 100 LYS A C   1 
ATOM   805  O  O   . LYS A 1 100 ? 0.577   16.627  -1.638  1.00 16.30 ? 100 LYS A O   1 
ATOM   806  C  CB  . LYS A 1 100 ? 1.651   17.720  0.993   1.00 20.32 ? 100 LYS A CB  1 
ATOM   807  C  CG  . LYS A 1 100 ? 2.024   18.923  1.820   1.00 23.49 ? 100 LYS A CG  1 
ATOM   808  C  CD  . LYS A 1 100 ? 2.271   20.145  0.970   1.00 31.31 ? 100 LYS A CD  1 
ATOM   809  C  CE  . LYS A 1 100 ? 3.266   21.085  1.647   1.00 36.80 ? 100 LYS A CE  1 
ATOM   810  N  NZ  . LYS A 1 100 ? 2.942   21.316  3.086   1.00 43.10 ? 100 LYS A NZ  1 
ATOM   811  N  N   . VAL A 1 101 ? -0.669  15.569  -0.092  1.00 14.33 ? 101 VAL A N   1 
ATOM   812  C  CA  . VAL A 1 101 ? -0.796  14.353  -0.885  1.00 14.46 ? 101 VAL A CA  1 
ATOM   813  C  C   . VAL A 1 101 ? -2.046  14.540  -1.732  1.00 12.49 ? 101 VAL A C   1 
ATOM   814  O  O   . VAL A 1 101 ? -3.180  14.307  -1.288  1.00 16.46 ? 101 VAL A O   1 
ATOM   815  C  CB  . VAL A 1 101 ? -0.834  13.102  -0.017  1.00 13.05 ? 101 VAL A CB  1 
ATOM   816  C  CG1 . VAL A 1 101 ? -1.045  11.882  -0.884  1.00 16.24 ? 101 VAL A CG1 1 
ATOM   817  C  CG2 . VAL A 1 101 ? 0.474   12.989  0.778   1.00 17.73 ? 101 VAL A CG2 1 
ATOM   818  N  N   . ARG A 1 102 ? -1.822  15.004  -2.960  1.00 15.67 ? 102 ARG A N   1 
ATOM   819  C  CA  . ARG A 1 102 ? -2.879  15.290  -3.913  1.00 17.00 ? 102 ARG A CA  1 
ATOM   820  C  C   . ARG A 1 102 ? -2.359  14.839  -5.262  1.00 13.10 ? 102 ARG A C   1 
ATOM   821  O  O   . ARG A 1 102 ? -1.282  15.261  -5.686  1.00 17.67 ? 102 ARG A O   1 
ATOM   822  C  CB  . ARG A 1 102 ? -3.164  16.790  -3.950  1.00 25.77 ? 102 ARG A CB  1 
ATOM   823  C  CG  . ARG A 1 102 ? -4.311  17.136  -3.067  1.00 34.88 ? 102 ARG A CG  1 
ATOM   824  C  CD  . ARG A 1 102 ? -4.500  18.615  -2.868  1.00 40.00 ? 102 ARG A CD  1 
ATOM   825  N  NE  . ARG A 1 102 ? -5.705  19.024  -3.574  1.00 42.99 ? 102 ARG A NE  1 
ATOM   826  C  CZ  . ARG A 1 102 ? -6.282  20.211  -3.466  1.00 44.64 ? 102 ARG A CZ  1 
ATOM   827  N  NH1 . ARG A 1 102 ? -5.825  21.128  -2.631  1.00 46.17 ? 102 ARG A NH1 1 
ATOM   828  N  NH2 . ARG A 1 102 ? -7.355  20.480  -4.207  1.00 46.93 ? 102 ARG A NH2 1 
ATOM   829  N  N   . ALA A 1 103 ? -3.114  13.967  -5.914  1.00 12.21 ? 103 ALA A N   1 
ATOM   830  C  CA  . ALA A 1 103 ? -2.710  13.392  -7.184  1.00 14.72 ? 103 ALA A CA  1 
ATOM   831  C  C   . ALA A 1 103 ? -3.962  12.897  -7.873  1.00 13.59 ? 103 ALA A C   1 
ATOM   832  O  O   . ALA A 1 103 ? -4.931  12.545  -7.196  1.00 15.64 ? 103 ALA A O   1 
ATOM   833  C  CB  . ALA A 1 103 ? -1.741  12.226  -6.960  1.00 15.51 ? 103 ALA A CB  1 
ATOM   834  N  N   . PRO A 1 104 ? -3.991  12.876  -9.202  1.00 11.21 ? 104 PRO A N   1 
ATOM   835  C  CA  . PRO A 1 104 ? -5.165  12.341  -9.894  1.00 13.49 ? 104 PRO A CA  1 
ATOM   836  C  C   . PRO A 1 104 ? -5.405  10.884  -9.523  1.00 11.34 ? 104 PRO A C   1 
ATOM   837  O  O   . PRO A 1 104 ? -4.468  10.120  -9.282  1.00 11.21 ? 104 PRO A O   1 
ATOM   838  C  CB  . PRO A 1 104 ? -4.784  12.461  -11.374 1.00 16.45 ? 104 PRO A CB  1 
ATOM   839  C  CG  . PRO A 1 104 ? -3.700  13.485  -11.416 1.00 16.24 ? 104 PRO A CG  1 
ATOM   840  C  CD  . PRO A 1 104 ? -2.960  13.373  -10.132 1.00 14.80 ? 104 PRO A CD  1 
ATOM   841  N  N   . ALA A 1 105 ? -6.684  10.495  -9.542  1.00 11.58 ? 105 ALA A N   1 
ATOM   842  C  CA  . ALA A 1 105 ? -7.058  9.108   -9.290  1.00 10.25 ? 105 ALA A CA  1 
ATOM   843  C  C   . ALA A 1 105 ? -6.291  8.131   -10.169 1.00 12.69 ? 105 ALA A C   1 
ATOM   844  O  O   . ALA A 1 105 ? -5.923  7.043   -9.714  1.00 10.84 ? 105 ALA A O   1 
ATOM   845  C  CB  . ALA A 1 105 ? -8.562  8.922   -9.501  1.00 14.28 ? 105 ALA A CB  1 
ATOM   846  N  N   . ASP A 1 106 ? -6.052  8.485   -11.438 1.00 11.73 ? 106 ASP A N   1 
ATOM   847  C  CA  . ASP A 1 106 ? -5.336  7.572   -12.325 1.00 10.59 ? 106 ASP A CA  1 
ATOM   848  C  C   . ASP A 1 106 ? -3.911  7.332   -11.866 1.00 10.96 ? 106 ASP A C   1 
ATOM   849  O  O   . ASP A 1 106 ? -3.350  6.263   -12.129 1.00 11.89 ? 106 ASP A O   1 
ATOM   850  C  CB  . ASP A 1 106 ? -5.318  8.118   -13.747 1.00 13.25 ? 106 ASP A CB  1 
ATOM   851  C  CG  . ASP A 1 106 ? -6.629  7.922   -14.462 1.00 15.27 ? 106 ASP A CG  1 
ATOM   852  O  OD1 . ASP A 1 106 ? -7.580  7.365   -13.873 1.00 18.29 ? 106 ASP A OD1 1 
ATOM   853  O  OD2 . ASP A 1 106 ? -6.727  8.365   -15.623 1.00 18.66 ? 106 ASP A OD2 1 
ATOM   854  N  N   . LEU A 1 107 ? -3.302  8.318   -11.226 1.00 10.35 ? 107 LEU A N   1 
ATOM   855  C  CA  . LEU A 1 107 ? -1.938  8.136   -10.760 1.00 11.70 ? 107 LEU A CA  1 
ATOM   856  C  C   . LEU A 1 107 ? -1.930  7.310   -9.479  1.00 10.45 ? 107 LEU A C   1 
ATOM   857  O  O   . LEU A 1 107 ? -1.062  6.457   -9.285  1.00 12.11 ? 107 LEU A O   1 
ATOM   858  C  CB  . LEU A 1 107 ? -1.314  9.505   -10.505 1.00 15.84 ? 107 LEU A CB  1 
ATOM   859  C  CG  . LEU A 1 107 ? 0.164   9.634   -10.842 1.00 22.85 ? 107 LEU A CG  1 
ATOM   860  C  CD1 . LEU A 1 107 ? 0.362   9.231   -12.310 1.00 18.01 ? 107 LEU A CD1 1 
ATOM   861  C  CD2 . LEU A 1 107 ? 0.566   11.085  -10.662 1.00 16.48 ? 107 LEU A CD2 1 
ATOM   862  N  N   . LEU A 1 108 ? -2.904  7.543   -8.594  1.00 10.14 ? 108 LEU A N   1 
ATOM   863  C  CA  . LEU A 1 108 ? -3.060  6.711   -7.401  1.00 9.73  ? 108 LEU A CA  1 
ATOM   864  C  C   . LEU A 1 108 ? -3.304  5.254   -7.778  1.00 10.67 ? 108 LEU A C   1 
ATOM   865  O  O   . LEU A 1 108 ? -2.685  4.336   -7.220  1.00 11.08 ? 108 LEU A O   1 
ATOM   866  C  CB  . LEU A 1 108 ? -4.212  7.258   -6.560  1.00 11.53 ? 108 LEU A CB  1 
ATOM   867  C  CG  . LEU A 1 108 ? -3.966  8.658   -5.988  1.00 11.50 ? 108 LEU A CG  1 
ATOM   868  C  CD1 . LEU A 1 108 ? -5.226  9.263   -5.418  1.00 12.62 ? 108 LEU A CD1 1 
ATOM   869  C  CD2 . LEU A 1 108 ? -2.901  8.603   -4.920  1.00 12.08 ? 108 LEU A CD2 1 
ATOM   870  N  N   . SER A 1 109 ? -4.197  5.023   -8.737  1.00 10.22 ? 109 SER A N   1 
ATOM   871  C  CA  . SER A 1 109 ? -4.451  3.665   -9.196  1.00 10.51 ? 109 SER A CA  1 
ATOM   872  C  C   . SER A 1 109 ? -3.236  3.079   -9.896  1.00 10.90 ? 109 SER A C   1 
ATOM   873  O  O   . SER A 1 109 ? -2.885  1.918   -9.670  1.00 10.61 ? 109 SER A O   1 
ATOM   874  C  CB  . SER A 1 109 ? -5.656  3.647   -10.136 1.00 13.87 ? 109 SER A CB  1 
ATOM   875  O  OG  . SER A 1 109 ? -5.790  2.370   -10.728 1.00 16.60 ? 109 SER A OG  1 
ATOM   876  N  N   . GLY A 1 110 ? -2.583  3.853   -10.767 1.00 10.11 ? 110 GLY A N   1 
ATOM   877  C  CA  . GLY A 1 110 ? -1.448  3.311   -11.502 1.00 10.84 ? 110 GLY A CA  1 
ATOM   878  C  C   . GLY A 1 110 ? -0.291  2.934   -10.592 1.00 9.66  ? 110 GLY A C   1 
ATOM   879  O  O   . GLY A 1 110 ? 0.314   1.866   -10.740 1.00 10.08 ? 110 GLY A O   1 
ATOM   880  N  N   . TYR A 1 111 ? 0.005   3.776   -9.608  1.00 9.10  ? 111 TYR A N   1 
ATOM   881  C  CA  . TYR A 1 111 ? 1.078   3.431   -8.680  1.00 9.20  ? 111 TYR A CA  1 
ATOM   882  C  C   . TYR A 1 111 ? 0.731   2.170   -7.879  1.00 10.02 ? 111 TYR A C   1 
ATOM   883  O  O   . TYR A 1 111 ? 1.550   1.249   -7.774  1.00 9.79  ? 111 TYR A O   1 
ATOM   884  C  CB  . TYR A 1 111 ? 1.433   4.638   -7.795  1.00 10.81 ? 111 TYR A CB  1 
ATOM   885  C  CG  . TYR A 1 111 ? 2.411   4.310   -6.692  1.00 8.93  ? 111 TYR A CG  1 
ATOM   886  C  CD1 . TYR A 1 111 ? 3.639   3.696   -6.981  1.00 8.98  ? 111 TYR A CD1 1 
ATOM   887  C  CD2 . TYR A 1 111 ? 2.114   4.617   -5.359  1.00 8.10  ? 111 TYR A CD2 1 
ATOM   888  C  CE1 . TYR A 1 111 ? 4.524   3.365   -5.976  1.00 8.54  ? 111 TYR A CE1 1 
ATOM   889  C  CE2 . TYR A 1 111 ? 3.002   4.289   -4.335  1.00 8.91  ? 111 TYR A CE2 1 
ATOM   890  C  CZ  . TYR A 1 111 ? 4.205   3.684   -4.647  1.00 8.95  ? 111 TYR A CZ  1 
ATOM   891  O  OH  . TYR A 1 111 ? 5.061   3.355   -3.622  1.00 9.63  ? 111 TYR A OH  1 
ATOM   892  N  N   . TYR A 1 112 ? -0.498  2.078   -7.351  1.00 9.39  ? 112 TYR A N   1 
ATOM   893  C  CA  . TYR A 1 112 ? -0.864  0.868   -6.615  1.00 10.23 ? 112 TYR A CA  1 
ATOM   894  C  C   . TYR A 1 112 ? -0.809  -0.369  -7.504  1.00 9.00  ? 112 TYR A C   1 
ATOM   895  O  O   . TYR A 1 112 ? -0.371  -1.437  -7.062  1.00 8.95  ? 112 TYR A O   1 
ATOM   896  C  CB  . TYR A 1 112 ? -2.227  1.017   -5.934  1.00 11.11 ? 112 TYR A CB  1 
ATOM   897  C  CG  . TYR A 1 112 ? -2.272  0.349   -4.568  1.00 11.40 ? 112 TYR A CG  1 
ATOM   898  C  CD1 . TYR A 1 112 ? -1.780  -0.941  -4.374  1.00 13.23 ? 112 TYR A CD1 1 
ATOM   899  C  CD2 . TYR A 1 112 ? -2.776  1.024   -3.465  1.00 10.89 ? 112 TYR A CD2 1 
ATOM   900  C  CE1 . TYR A 1 112 ? -1.809  -1.546  -3.106  1.00 13.15 ? 112 TYR A CE1 1 
ATOM   901  C  CE2 . TYR A 1 112 ? -2.819  0.424   -2.213  1.00 10.34 ? 112 TYR A CE2 1 
ATOM   902  C  CZ  . TYR A 1 112 ? -2.320  -0.847  -2.037  1.00 10.95 ? 112 TYR A CZ  1 
ATOM   903  O  OH  . TYR A 1 112 ? -2.349  -1.444  -0.789  1.00 12.94 ? 112 TYR A OH  1 
ATOM   904  N  N   . HIS A 1 113 ? -1.184  -0.241  -8.778  1.00 8.39  ? 113 HIS A N   1 
ATOM   905  C  CA  . HIS A 1 113 ? -1.126  -1.400  -9.667  1.00 8.98  ? 113 HIS A CA  1 
ATOM   906  C  C   . HIS A 1 113 ? 0.309   -1.864  -9.883  1.00 10.69 ? 113 HIS A C   1 
ATOM   907  O  O   . HIS A 1 113 ? 0.565   -3.071  -9.978  1.00 11.47 ? 113 HIS A O   1 
ATOM   908  C  CB  . HIS A 1 113 ? -1.842  -1.104  -10.987 1.00 10.47 ? 113 HIS A CB  1 
ATOM   909  C  CG  . HIS A 1 113 ? -3.285  -1.484  -10.964 1.00 10.99 ? 113 HIS A CG  1 
ATOM   910  N  ND1 . HIS A 1 113 ? -3.712  -2.786  -11.105 1.00 11.53 ? 113 HIS A ND1 1 
ATOM   911  C  CD2 . HIS A 1 113 ? -4.399  -0.743  -10.746 1.00 12.31 ? 113 HIS A CD2 1 
ATOM   912  C  CE1 . HIS A 1 113 ? -5.029  -2.827  -11.003 1.00 13.20 ? 113 HIS A CE1 1 
ATOM   913  N  NE2 . HIS A 1 113 ? -5.469  -1.602  -10.784 1.00 14.21 ? 113 HIS A NE2 1 
ATOM   914  N  N   . ALA A 1 114 ? 1.260   -0.921  -9.942  1.00 9.19  ? 114 ALA A N   1 
ATOM   915  C  CA  . ALA A 1 114 ? 2.666   -1.287  -10.055 1.00 9.83  ? 114 ALA A CA  1 
ATOM   916  C  C   . ALA A 1 114 ? 3.175   -1.944  -8.772  1.00 9.03  ? 114 ALA A C   1 
ATOM   917  O  O   . ALA A 1 114 ? 3.943   -2.912  -8.830  1.00 11.79 ? 114 ALA A O   1 
ATOM   918  C  CB  . ALA A 1 114 ? 3.492   -0.052  -10.401 1.00 10.13 ? 114 ALA A CB  1 
ATOM   919  N  N   . VAL A 1 115 ? 2.730   -1.455  -7.609  1.00 9.60  ? 115 VAL A N   1 
ATOM   920  C  CA  . VAL A 1 115 ? 3.069   -2.101  -6.343  1.00 9.84  ? 115 VAL A CA  1 
ATOM   921  C  C   . VAL A 1 115 ? 2.458   -3.496  -6.271  1.00 11.02 ? 115 VAL A C   1 
ATOM   922  O  O   . VAL A 1 115 ? 3.081   -4.448  -5.767  1.00 9.92  ? 115 VAL A O   1 
ATOM   923  C  CB  . VAL A 1 115 ? 2.612   -1.213  -5.172  1.00 9.49  ? 115 VAL A CB  1 
ATOM   924  C  CG1 . VAL A 1 115 ? 2.800   -1.928  -3.865  1.00 10.10 ? 115 VAL A CG1 1 
ATOM   925  C  CG2 . VAL A 1 115 ? 3.378   0.078   -5.189  1.00 9.45  ? 115 VAL A CG2 1 
ATOM   926  N  N   . HIS A 1 116 ? 1.230   -3.643  -6.774  1.00 10.07 ? 116 HIS A N   1 
ATOM   927  C  CA  . HIS A 1 116 ? 0.585   -4.946  -6.777  1.00 9.48  ? 116 HIS A CA  1 
ATOM   928  C  C   . HIS A 1 116 ? 1.360   -5.935  -7.637  1.00 9.97  ? 116 HIS A C   1 
ATOM   929  O  O   . HIS A 1 116 ? 1.571   -7.081  -7.234  1.00 11.34 ? 116 HIS A O   1 
ATOM   930  C  CB  . HIS A 1 116 ? -0.859  -4.801  -7.254  1.00 10.97 ? 116 HIS A CB  1 
ATOM   931  C  CG  . HIS A 1 116 ? -1.606  -6.095  -7.299  1.00 9.21  ? 116 HIS A CG  1 
ATOM   932  N  ND1 . HIS A 1 116 ? -1.853  -6.845  -6.170  1.00 10.18 ? 116 HIS A ND1 1 
ATOM   933  C  CD2 . HIS A 1 116 ? -2.133  -6.783  -8.338  1.00 15.03 ? 116 HIS A CD2 1 
ATOM   934  C  CE1 . HIS A 1 116 ? -2.520  -7.934  -6.512  1.00 9.79  ? 116 HIS A CE1 1 
ATOM   935  N  NE2 . HIS A 1 116 ? -2.706  -7.919  -7.820  1.00 13.14 ? 116 HIS A NE2 1 
ATOM   936  N  N   . LYS A 1 117 ? 1.827   -5.496  -8.810  1.00 10.83 ? 117 LYS A N   1 
ATOM   937  C  CA  . LYS A 1 117 ? 2.643   -6.365  -9.653  1.00 11.50 ? 117 LYS A CA  1 
ATOM   938  C  C   . LYS A 1 117 ? 3.904   -6.811  -8.922  1.00 12.92 ? 117 LYS A C   1 
ATOM   939  O  O   . LYS A 1 117 ? 4.271   -7.996  -8.952  1.00 11.43 ? 117 LYS A O   1 
ATOM   940  C  CB  . LYS A 1 117 ? 2.989   -5.638  -10.955 1.00 11.34 ? 117 LYS A CB  1 
ATOM   941  C  CG  . LYS A 1 117 ? 3.944   -6.390  -11.876 1.00 12.06 ? 117 LYS A CG  1 
ATOM   942  C  CD  . LYS A 1 117 ? 4.018   -5.719  -13.264 1.00 16.06 ? 117 LYS A CD  1 
ATOM   943  C  CE  . LYS A 1 117 ? 5.012   -6.421  -14.190 1.00 20.59 ? 117 LYS A CE  1 
ATOM   944  N  NZ  . LYS A 1 117 ? 6.421   -6.294  -13.753 1.00 31.23 ? 117 LYS A NZ  1 
ATOM   945  N  N   . LEU A 1 118 ? 4.590   -5.871  -8.271  1.00 10.84 ? 118 LEU A N   1 
ATOM   946  C  CA  . LEU A 1 118 ? 5.772   -6.216  -7.496  1.00 10.99 ? 118 LEU A CA  1 
ATOM   947  C  C   . LEU A 1 118 ? 5.440   -7.258  -6.438  1.00 11.45 ? 118 LEU A C   1 
ATOM   948  O  O   . LEU A 1 118 ? 6.199   -8.216  -6.226  1.00 11.73 ? 118 LEU A O   1 
ATOM   949  C  CB  . LEU A 1 118 ? 6.292   -4.955  -6.816  1.00 12.46 ? 118 LEU A CB  1 
ATOM   950  C  CG  . LEU A 1 118 ? 7.617   -5.114  -6.087  1.00 13.14 ? 118 LEU A CG  1 
ATOM   951  C  CD1 . LEU A 1 118 ? 8.756   -5.025  -7.087  1.00 19.66 ? 118 LEU A CD1 1 
ATOM   952  C  CD2 . LEU A 1 118 ? 7.733   -4.079  -4.960  1.00 18.24 ? 118 LEU A CD2 1 
ATOM   953  N  N   . THR A 1 119 ? 4.300   -7.093  -5.772  1.00 11.36 ? 119 THR A N   1 
ATOM   954  C  CA  . THR A 1 119 ? 3.911   -8.011  -4.709  1.00 11.41 ? 119 THR A CA  1 
ATOM   955  C  C   . THR A 1 119 ? 3.604   -9.397  -5.268  1.00 12.26 ? 119 THR A C   1 
ATOM   956  O  O   . THR A 1 119 ? 4.040   -10.408 -4.701  1.00 11.67 ? 119 THR A O   1 
ATOM   957  C  CB  . THR A 1 119 ? 2.705   -7.436  -3.960  1.00 11.00 ? 119 THR A CB  1 
ATOM   958  O  OG1 . THR A 1 119 ? 3.044   -6.138  -3.464  1.00 11.06 ? 119 THR A OG1 1 
ATOM   959  C  CG2 . THR A 1 119 ? 2.338   -8.315  -2.778  1.00 13.40 ? 119 THR A CG2 1 
ATOM   960  N  N   . LEU A 1 120 ? 2.850   -9.464  -6.372  1.00 10.50 ? 120 LEU A N   1 
ATOM   961  C  CA  . LEU A 1 120 ? 2.544   -10.745 -7.000  1.00 10.61 ? 120 LEU A CA  1 
ATOM   962  C  C   . LEU A 1 120 ? 3.813   -11.499 -7.358  1.00 11.62 ? 120 LEU A C   1 
ATOM   963  O  O   . LEU A 1 120 ? 3.878   -12.723 -7.193  1.00 11.63 ? 120 LEU A O   1 
ATOM   964  C  CB  . LEU A 1 120 ? 1.702   -10.531 -8.263  1.00 13.21 ? 120 LEU A CB  1 
ATOM   965  C  CG  . LEU A 1 120 ? 0.262   -10.034 -8.152  1.00 10.50 ? 120 LEU A CG  1 
ATOM   966  C  CD1 . LEU A 1 120 ? -0.332  -9.876  -9.543  1.00 12.65 ? 120 LEU A CD1 1 
ATOM   967  C  CD2 . LEU A 1 120 ? -0.592  -11.002 -7.340  1.00 16.11 ? 120 LEU A CD2 1 
ATOM   968  N  N   . GLU A 1 121 ? 4.831   -10.792 -7.848  1.00 11.50 ? 121 GLU A N   1 
ATOM   969  C  CA  . GLU A 1 121 ? 6.065   -11.439 -8.269  1.00 11.25 ? 121 GLU A CA  1 
ATOM   970  C  C   . GLU A 1 121 ? 6.793   -12.016 -7.073  1.00 11.51 ? 121 GLU A C   1 
ATOM   971  O  O   . GLU A 1 121 ? 7.394   -13.090 -7.176  1.00 13.85 ? 121 GLU A O   1 
ATOM   972  C  CB  . GLU A 1 121 ? 6.925   -10.422 -9.026  1.00 9.86  ? 121 GLU A CB  1 
ATOM   973  C  CG  . GLU A 1 121 ? 6.333   -10.099 -10.404 1.00 13.42 ? 121 GLU A CG  1 
ATOM   974  C  CD  . GLU A 1 121 ? 6.923   -8.859  -11.058 1.00 14.67 ? 121 GLU A CD  1 
ATOM   975  O  OE1 . GLU A 1 121 ? 7.522   -8.025  -10.333 1.00 16.54 ? 121 GLU A OE1 1 
ATOM   976  O  OE2 . GLU A 1 121 ? 6.729   -8.709  -12.296 1.00 17.82 ? 121 GLU A OE2 1 
ATOM   977  N  N   . TYR A 1 122 ? 6.702   -11.352 -5.921  1.00 11.53 ? 122 TYR A N   1 
ATOM   978  C  CA  . TYR A 1 122 ? 7.376   -11.858 -4.728  1.00 11.39 ? 122 TYR A CA  1 
ATOM   979  C  C   . TYR A 1 122 ? 6.633   -13.049 -4.137  1.00 11.78 ? 122 TYR A C   1 
ATOM   980  O  O   . TYR A 1 122 ? 7.241   -14.078 -3.821  1.00 14.37 ? 122 TYR A O   1 
ATOM   981  C  CB  . TYR A 1 122 ? 7.533   -10.753 -3.679  1.00 13.67 ? 122 TYR A CB  1 
ATOM   982  C  CG  . TYR A 1 122 ? 8.025   -11.289 -2.358  1.00 11.99 ? 122 TYR A CG  1 
ATOM   983  C  CD1 . TYR A 1 122 ? 9.301   -11.812 -2.243  1.00 13.94 ? 122 TYR A CD1 1 
ATOM   984  C  CD2 . TYR A 1 122 ? 7.209   -11.294 -1.236  1.00 13.34 ? 122 TYR A CD2 1 
ATOM   985  C  CE1 . TYR A 1 122 ? 9.767   -12.324 -1.055  1.00 14.89 ? 122 TYR A CE1 1 
ATOM   986  C  CE2 . TYR A 1 122 ? 7.674   -11.800 -0.023  1.00 15.34 ? 122 TYR A CE2 1 
ATOM   987  C  CZ  . TYR A 1 122 ? 8.952   -12.312 0.046   1.00 13.91 ? 122 TYR A CZ  1 
ATOM   988  O  OH  . TYR A 1 122 ? 9.432   -12.823 1.235   1.00 16.06 ? 122 TYR A OH  1 
ATOM   989  N  N   . ILE A 1 123 ? 5.317   -12.933 -3.961  1.00 11.40 ? 123 ILE A N   1 
ATOM   990  C  CA  . ILE A 1 123 ? 4.595   -13.997 -3.273  1.00 13.34 ? 123 ILE A CA  1 
ATOM   991  C  C   . ILE A 1 123 ? 4.427   -15.233 -4.142  1.00 13.62 ? 123 ILE A C   1 
ATOM   992  O  O   . ILE A 1 123 ? 4.162   -16.321 -3.610  1.00 12.60 ? 123 ILE A O   1 
ATOM   993  C  CB  . ILE A 1 123 ? 3.228   -13.519 -2.748  1.00 12.51 ? 123 ILE A CB  1 
ATOM   994  C  CG1 . ILE A 1 123 ? 2.324   -13.132 -3.909  1.00 14.59 ? 123 ILE A CG1 1 
ATOM   995  C  CG2 . ILE A 1 123 ? 3.375   -12.382 -1.751  1.00 16.28 ? 123 ILE A CG2 1 
ATOM   996  C  CD1 . ILE A 1 123 ? 1.029   -12.536 -3.479  1.00 15.84 ? 123 ILE A CD1 1 
ATOM   997  N  N   . ALA A 1 124 ? 4.611   -15.107 -5.459  1.00 10.90 ? 124 ALA A N   1 
ATOM   998  C  CA  . ALA A 1 124 ? 4.312   -16.214 -6.352  1.00 11.96 ? 124 ALA A CA  1 
ATOM   999  C  C   . ALA A 1 124 ? 5.189   -17.415 -6.084  1.00 12.81 ? 124 ALA A C   1 
ATOM   1000 O  O   . ALA A 1 124 ? 4.754   -18.545 -6.303  1.00 14.72 ? 124 ALA A O   1 
ATOM   1001 C  CB  . ALA A 1 124 ? 4.486   -15.793 -7.802  1.00 14.58 ? 124 ALA A CB  1 
ATOM   1002 N  N   . GLY A 1 125 ? 6.411   -17.203 -5.603  1.00 13.99 ? 125 GLY A N   1 
ATOM   1003 C  CA  . GLY A 1 125 ? 7.306   -18.319 -5.360  1.00 20.13 ? 125 GLY A CA  1 
ATOM   1004 C  C   . GLY A 1 125 ? 7.535   -18.604 -3.892  1.00 17.95 ? 125 GLY A C   1 
ATOM   1005 O  O   . GLY A 1 125 ? 8.512   -19.271 -3.529  1.00 18.91 ? 125 GLY A O   1 
ATOM   1006 N  N   . MET A 1 126 ? 6.622   -18.128 -3.046  1.00 15.48 ? 126 MET A N   1 
ATOM   1007 C  CA  . MET A 1 126 ? 6.785   -18.224 -1.605  1.00 13.28 ? 126 MET A CA  1 
ATOM   1008 C  C   . MET A 1 126 ? 6.942   -19.690 -1.205  1.00 13.67 ? 126 MET A C   1 
ATOM   1009 O  O   . MET A 1 126 ? 6.204   -20.561 -1.678  1.00 15.99 ? 126 MET A O   1 
ATOM   1010 C  CB  . MET A 1 126 ? 5.518   -17.662 -0.959  1.00 12.60 ? 126 MET A CB  1 
ATOM   1011 C  CG  . MET A 1 126 ? 5.533   -17.608 0.561   1.00 16.48 ? 126 MET A CG  1 
ATOM   1012 S  SD  . MET A 1 126 ? 6.982   -16.746 1.206   1.00 16.92 ? 126 MET A SD  1 
ATOM   1013 C  CE  . MET A 1 126 ? 6.832   -15.168 0.359   1.00 19.36 ? 126 MET A CE  1 
ATOM   1014 N  N   . THR A 1 127 ? 7.902   -19.972 -0.329  1.00 15.71 ? 127 THR A N   1 
ATOM   1015 C  CA  . THR A 1 127 ? 8.091   -21.325 0.185   1.00 15.16 ? 127 THR A CA  1 
ATOM   1016 C  C   . THR A 1 127 ? 7.850   -21.329 1.686   1.00 14.09 ? 127 THR A C   1 
ATOM   1017 O  O   . THR A 1 127 ? 7.839   -20.281 2.328   1.00 15.76 ? 127 THR A O   1 
ATOM   1018 C  CB  . THR A 1 127 ? 9.520   -21.824 -0.064  1.00 17.32 ? 127 THR A CB  1 
ATOM   1019 O  OG1 . THR A 1 127 ? 10.433  -20.996 0.664   1.00 18.31 ? 127 THR A OG1 1 
ATOM   1020 C  CG2 . THR A 1 127 ? 9.873   -21.772 -1.547  1.00 16.06 ? 127 THR A CG2 1 
ATOM   1021 N  N   . ALA A 1 128 ? 7.665   -22.531 2.244   1.00 15.62 ? 128 ALA A N   1 
ATOM   1022 C  CA  . ALA A 1 128 ? 7.543   -22.658 3.694   1.00 15.74 ? 128 ALA A CA  1 
ATOM   1023 C  C   . ALA A 1 128 ? 8.754   -22.063 4.404   1.00 16.61 ? 128 ALA A C   1 
ATOM   1024 O  O   . ALA A 1 128 ? 8.611   -21.349 5.405   1.00 17.51 ? 128 ALA A O   1 
ATOM   1025 C  CB  . ALA A 1 128 ? 7.369   -24.130 4.066   1.00 16.07 ? 128 ALA A CB  1 
ATOM   1026 N  N   . ASP A 1 129 ? 9.958   -22.330 3.887   1.00 18.20 ? 129 ASP A N   1 
ATOM   1027 C  CA  . ASP A 1 129 ? 11.170  -21.815 4.513   1.00 23.21 ? 129 ASP A CA  1 
ATOM   1028 C  C   . ASP A 1 129 ? 11.184  -20.290 4.522   1.00 19.76 ? 129 ASP A C   1 
ATOM   1029 O  O   . ASP A 1 129 ? 11.540  -19.670 5.533   1.00 22.44 ? 129 ASP A O   1 
ATOM   1030 C  CB  . ASP A 1 129 ? 12.390  -22.351 3.763   1.00 27.12 ? 129 ASP A CB  1 
ATOM   1031 C  CG  . ASP A 1 129 ? 12.997  -23.563 4.433   1.00 40.07 ? 129 ASP A CG  1 
ATOM   1032 O  OD1 . ASP A 1 129 ? 12.334  -24.134 5.328   1.00 33.38 ? 129 ASP A OD1 1 
ATOM   1033 O  OD2 . ASP A 1 129 ? 14.112  -23.969 4.037   1.00 38.04 ? 129 ASP A OD2 1 
ATOM   1034 N  N   . GLU A 1 130 ? 10.811  -19.667 3.399   1.00 15.29 ? 130 GLU A N   1 
ATOM   1035 C  CA  . GLU A 1 130 ? 10.793  -18.208 3.339   1.00 17.67 ? 130 GLU A CA  1 
ATOM   1036 C  C   . GLU A 1 130 ? 9.776   -17.623 4.316   1.00 15.84 ? 130 GLU A C   1 
ATOM   1037 O  O   . GLU A 1 130 ? 10.051  -16.610 4.970   1.00 16.86 ? 130 GLU A O   1 
ATOM   1038 C  CB  . GLU A 1 130 ? 10.520  -17.744 1.908   1.00 15.79 ? 130 GLU A CB  1 
ATOM   1039 C  CG  . GLU A 1 130 ? 10.357  -16.233 1.748   1.00 19.01 ? 130 GLU A CG  1 
ATOM   1040 C  CD  . GLU A 1 130 ? 11.662  -15.458 1.752   1.00 25.77 ? 130 GLU A CD  1 
ATOM   1041 O  OE1 . GLU A 1 130 ? 12.714  -16.029 2.121   1.00 28.32 ? 130 GLU A OE1 1 
ATOM   1042 O  OE2 . GLU A 1 130 ? 11.636  -14.269 1.357   1.00 20.98 ? 130 GLU A OE2 1 
ATOM   1043 N  N   . LEU A 1 131 ? 8.615   -18.271 4.462   1.00 13.87 ? 131 LEU A N   1 
ATOM   1044 C  CA  . LEU A 1 131 ? 7.580   -17.782 5.372   1.00 14.41 ? 131 LEU A CA  1 
ATOM   1045 C  C   . LEU A 1 131 ? 8.065   -17.728 6.819   1.00 15.02 ? 131 LEU A C   1 
ATOM   1046 O  O   . LEU A 1 131 ? 7.634   -16.858 7.583   1.00 16.44 ? 131 LEU A O   1 
ATOM   1047 C  CB  . LEU A 1 131 ? 6.327   -18.653 5.268   1.00 13.82 ? 131 LEU A CB  1 
ATOM   1048 C  CG  . LEU A 1 131 ? 5.415   -18.349 4.078   1.00 14.11 ? 131 LEU A CG  1 
ATOM   1049 C  CD1 . LEU A 1 131 ? 4.396   -19.446 3.896   1.00 17.27 ? 131 LEU A CD1 1 
ATOM   1050 C  CD2 . LEU A 1 131 ? 4.726   -17.000 4.271   1.00 14.20 ? 131 LEU A CD2 1 
ATOM   1051 N  N   . SER A 1 132 ? 8.965   -18.621 7.214   1.00 16.43 ? 132 SER A N   1 
ATOM   1052 C  CA  . SER A 1 132 ? 9.439   -18.627 8.595   1.00 15.30 ? 132 SER A CA  1 
ATOM   1053 C  C   . SER A 1 132 ? 10.721  -17.825 8.800   1.00 19.82 ? 132 SER A C   1 
ATOM   1054 O  O   . SER A 1 132 ? 11.165  -17.675 9.945   1.00 20.88 ? 132 SER A O   1 
ATOM   1055 C  CB  . SER A 1 132 ? 9.625   -20.065 9.072   1.00 22.72 ? 132 SER A CB  1 
ATOM   1056 O  OG  . SER A 1 132 ? 10.615  -20.708 8.302   1.00 23.85 ? 132 SER A OG  1 
ATOM   1057 N  N   . ARG A 1 133 ? 11.318  -17.312 7.729   1.00 16.29 ? 133 ARG A N   1 
ATOM   1058 C  CA  . ARG A 1 133 ? 12.514  -16.484 7.830   1.00 20.73 ? 133 ARG A CA  1 
ATOM   1059 C  C   . ARG A 1 133 ? 12.216  -15.192 8.583   1.00 23.81 ? 133 ARG A C   1 
ATOM   1060 O  O   . ARG A 1 133 ? 11.193  -14.542 8.355   1.00 22.64 ? 133 ARG A O   1 
ATOM   1061 C  CB  . ARG A 1 133 ? 13.022  -16.142 6.425   1.00 21.47 ? 133 ARG A CB  1 
ATOM   1062 C  CG  . ARG A 1 133 ? 14.136  -15.099 6.399   1.00 23.34 ? 133 ARG A CG  1 
ATOM   1063 C  CD  . ARG A 1 133 ? 14.744  -14.934 5.010   1.00 29.25 ? 133 ARG A CD  1 
ATOM   1064 N  NE  . ARG A 1 133 ? 13.840  -14.291 4.061   1.00 23.01 ? 133 ARG A NE  1 
ATOM   1065 C  CZ  . ARG A 1 133 ? 13.823  -12.989 3.812   1.00 28.30 ? 133 ARG A CZ  1 
ATOM   1066 N  NH1 . ARG A 1 133 ? 14.624  -12.153 4.453   1.00 28.99 ? 133 ARG A NH1 1 
ATOM   1067 N  NH2 . ARG A 1 133 ? 12.992  -12.517 2.888   1.00 24.05 ? 133 ARG A NH2 1 
ATOM   1068 N  N   . VAL A 1 134 ? 13.119  -14.815 9.483   1.00 23.39 ? 134 VAL A N   1 
ATOM   1069 C  CA  . VAL A 1 134 ? 12.947  -13.586 10.252  1.00 27.11 ? 134 VAL A CA  1 
ATOM   1070 C  C   . VAL A 1 134 ? 13.478  -12.408 9.442   1.00 28.01 ? 134 VAL A C   1 
ATOM   1071 O  O   . VAL A 1 134 ? 14.567  -12.474 8.859   1.00 33.58 ? 134 VAL A O   1 
ATOM   1072 C  CB  . VAL A 1 134 ? 13.616  -13.703 11.634  1.00 27.74 ? 134 VAL A CB  1 
ATOM   1073 C  CG1 . VAL A 1 134 ? 15.110  -13.942 11.503  1.00 35.85 ? 134 VAL A CG1 1 
ATOM   1074 C  CG2 . VAL A 1 134 ? 13.351  -12.456 12.461  1.00 33.33 ? 134 VAL A CG2 1 
ATOM   1075 N  N   . VAL A 1 135 ? 12.685  -11.338 9.359   1.00 28.27 ? 135 VAL A N   1 
ATOM   1076 C  CA  . VAL A 1 135 ? 13.092  -10.127 8.646   1.00 27.83 ? 135 VAL A CA  1 
ATOM   1077 C  C   . VAL A 1 135 ? 13.316  -8.938  9.564   1.00 35.99 ? 135 VAL A C   1 
ATOM   1078 O  O   . VAL A 1 135 ? 13.900  -7.935  9.121   1.00 41.85 ? 135 VAL A O   1 
ATOM   1079 C  CB  . VAL A 1 135 ? 12.121  -9.760  7.502   1.00 34.01 ? 135 VAL A CB  1 
ATOM   1080 C  CG1 . VAL A 1 135 ? 12.305  -10.706 6.329   1.00 33.98 ? 135 VAL A CG1 1 
ATOM   1081 C  CG2 . VAL A 1 135 ? 10.676  -9.762  7.987   1.00 27.68 ? 135 VAL A CG2 1 
ATOM   1082 N  N   . ASP A 1 136 ? 12.880  -9.009  10.819  1.00 37.52 ? 136 ASP A N   1 
ATOM   1083 C  CA  . ASP A 1 136 ? 13.018  -7.905  11.765  1.00 41.03 ? 136 ASP A CA  1 
ATOM   1084 C  C   . ASP A 1 136 ? 13.273  -8.503  13.140  1.00 42.83 ? 136 ASP A C   1 
ATOM   1085 O  O   . ASP A 1 136 ? 12.360  -9.063  13.756  1.00 43.34 ? 136 ASP A O   1 
ATOM   1086 C  CB  . ASP A 1 136 ? 11.761  -7.034  11.772  1.00 39.29 ? 136 ASP A CB  1 
ATOM   1087 C  CG  . ASP A 1 136 ? 12.043  -5.602  12.181  1.00 46.74 ? 136 ASP A CG  1 
ATOM   1088 O  OD1 . ASP A 1 136 ? 12.997  -5.375  12.957  1.00 49.39 ? 136 ASP A OD1 1 
ATOM   1089 O  OD2 . ASP A 1 136 ? 11.305  -4.702  11.724  1.00 45.51 ? 136 ASP A OD2 1 
ATOM   1090 N  N   . THR A 1 137 ? 14.514  -8.397  13.611  1.00 47.57 ? 137 THR A N   1 
ATOM   1091 C  CA  . THR A 1 137 ? 14.900  -8.880  14.929  1.00 52.19 ? 137 THR A CA  1 
ATOM   1092 C  C   . THR A 1 137 ? 14.659  -7.854  16.028  1.00 54.68 ? 137 THR A C   1 
ATOM   1093 O  O   . THR A 1 137 ? 14.694  -8.213  17.210  1.00 51.19 ? 137 THR A O   1 
ATOM   1094 C  CB  . THR A 1 137 ? 16.384  -9.262  14.926  1.00 56.89 ? 137 THR A CB  1 
ATOM   1095 N  N   . SER A 1 138 ? 14.412  -6.593  15.667  1.00 58.65 ? 138 SER A N   1 
ATOM   1096 C  CA  . SER A 1 138 ? 14.291  -5.530  16.656  1.00 55.38 ? 138 SER A CA  1 
ATOM   1097 C  C   . SER A 1 138 ? 13.011  -5.628  17.479  1.00 54.39 ? 138 SER A C   1 
ATOM   1098 O  O   . SER A 1 138 ? 12.947  -5.049  18.570  1.00 52.61 ? 138 SER A O   1 
ATOM   1099 C  CB  . SER A 1 138 ? 14.397  -4.166  15.971  1.00 53.30 ? 138 SER A CB  1 
ATOM   1100 O  OG  . SER A 1 138 ? 13.172  -3.804  15.355  1.00 45.87 ? 138 SER A OG  1 
ATOM   1101 N  N   . TRP A 1 139 ? 12.000  -6.343  16.996  1.00 48.32 ? 139 TRP A N   1 
ATOM   1102 C  CA  . TRP A 1 139 ? 10.760  -6.514  17.736  0.84 45.75 ? 139 TRP A CA  1 
ATOM   1103 C  C   . TRP A 1 139 ? 10.736  -7.869  18.433  1.00 46.95 ? 139 TRP A C   1 
ATOM   1104 O  O   . TRP A 1 139 ? 11.432  -8.811  18.046  1.00 45.55 ? 139 TRP A O   1 
ATOM   1105 C  CB  . TRP A 1 139 ? 9.542   -6.384  16.818  1.00 41.37 ? 139 TRP A CB  1 
ATOM   1106 C  CG  . TRP A 1 139 ? 9.374   -5.023  16.215  0.79 43.97 ? 139 TRP A CG  1 
ATOM   1107 C  CD1 . TRP A 1 139 ? 10.091  -4.486  15.184  0.74 43.17 ? 139 TRP A CD1 1 
ATOM   1108 C  CD2 . TRP A 1 139 ? 8.439   -4.017  16.620  0.80 46.39 ? 139 TRP A CD2 1 
ATOM   1109 N  NE1 . TRP A 1 139 ? 9.650   -3.213  14.914  0.88 44.69 ? 139 TRP A NE1 1 
ATOM   1110 C  CE2 . TRP A 1 139 ? 8.638   -2.900  15.783  0.82 42.63 ? 139 TRP A CE2 1 
ATOM   1111 C  CE3 . TRP A 1 139 ? 7.451   -3.951  17.606  0.79 44.19 ? 139 TRP A CE3 1 
ATOM   1112 C  CZ2 . TRP A 1 139 ? 7.886   -1.734  15.904  0.77 44.90 ? 139 TRP A CZ2 1 
ATOM   1113 C  CZ3 . TRP A 1 139 ? 6.704   -2.792  17.722  0.62 46.78 ? 139 TRP A CZ3 1 
ATOM   1114 C  CH2 . TRP A 1 139 ? 6.926   -1.700  16.877  0.84 45.87 ? 139 TRP A CH2 1 
ATOM   1115 N  N   . ASN A 1 140 ? 9.927   -7.946  19.482  1.00 50.01 ? 140 ASN A N   1 
ATOM   1116 C  CA  . ASN A 1 140 ? 9.693   -9.186  20.221  1.00 46.21 ? 140 ASN A CA  1 
ATOM   1117 C  C   . ASN A 1 140 ? 8.201   -9.479  20.198  1.00 49.39 ? 140 ASN A C   1 
ATOM   1118 O  O   . ASN A 1 140 ? 7.414   -8.702  20.774  1.00 51.12 ? 140 ASN A O   1 
ATOM   1119 C  CB  . ASN A 1 140 ? 10.179  -9.045  21.663  1.00 48.22 ? 140 ASN A CB  1 
ATOM   1120 C  CG  . ASN A 1 140 ? 11.689  -8.991  21.771  1.00 64.11 ? 140 ASN A CG  1 
ATOM   1121 O  OD1 . ASN A 1 140 ? 12.381  -8.616  20.822  1.00 60.80 ? 140 ASN A OD1 1 
ATOM   1122 N  ND2 . ASN A 1 140 ? 12.211  -9.375  22.931  1.00 63.05 ? 140 ASN A ND2 1 
ATOM   1123 N  N   . PRO A 1 141 ? 7.746   -10.568 19.559  1.00 45.71 ? 141 PRO A N   1 
ATOM   1124 C  CA  . PRO A 1 141 ? 8.519   -11.610 18.857  1.00 42.67 ? 141 PRO A CA  1 
ATOM   1125 C  C   . PRO A 1 141 ? 9.149   -11.115 17.559  1.00 45.48 ? 141 PRO A C   1 
ATOM   1126 O  O   . PRO A 1 141 ? 8.571   -10.272 16.869  1.00 40.52 ? 141 PRO A O   1 
ATOM   1127 C  CB  . PRO A 1 141 ? 7.465   -12.695 18.555  1.00 39.75 ? 141 PRO A CB  1 
ATOM   1128 C  CG  . PRO A 1 141 ? 6.232   -12.323 19.350  1.00 44.35 ? 141 PRO A CG  1 
ATOM   1129 C  CD  . PRO A 1 141 ? 6.300   -10.837 19.502  1.00 45.83 ? 141 PRO A CD  1 
ATOM   1130 N  N   . PRO A 1 142 ? 10.335  -11.619 17.217  1.00 42.14 ? 142 PRO A N   1 
ATOM   1131 C  CA  . PRO A 1 142 ? 10.947  -11.265 15.931  1.00 40.79 ? 142 PRO A CA  1 
ATOM   1132 C  C   . PRO A 1 142 ? 9.990   -11.555 14.783  1.00 34.02 ? 142 PRO A C   1 
ATOM   1133 O  O   . PRO A 1 142 ? 9.228   -12.524 14.812  1.00 31.65 ? 142 PRO A O   1 
ATOM   1134 C  CB  . PRO A 1 142 ? 12.188  -12.161 15.874  1.00 39.55 ? 142 PRO A CB  1 
ATOM   1135 C  CG  . PRO A 1 142 ? 12.537  -12.393 17.307  1.00 40.97 ? 142 PRO A CG  1 
ATOM   1136 C  CD  . PRO A 1 142 ? 11.221  -12.462 18.038  1.00 42.07 ? 142 PRO A CD  1 
ATOM   1137 N  N   . VAL A 1 143 ? 10.022  -10.688 13.776  1.00 32.38 ? 143 VAL A N   1 
ATOM   1138 C  CA  . VAL A 1 143 ? 9.014   -10.685 12.723  1.00 24.25 ? 143 VAL A CA  1 
ATOM   1139 C  C   . VAL A 1 143 ? 9.447   -11.634 11.615  1.00 16.49 ? 143 VAL A C   1 
ATOM   1140 O  O   . VAL A 1 143 ? 10.492  -11.437 10.987  1.00 21.48 ? 143 VAL A O   1 
ATOM   1141 C  CB  . VAL A 1 143 ? 8.791   -9.267  12.180  1.00 19.07 ? 143 VAL A CB  1 
ATOM   1142 C  CG1 . VAL A 1 143 ? 7.602   -9.255  11.232  1.00 21.92 ? 143 VAL A CG1 1 
ATOM   1143 C  CG2 . VAL A 1 143 ? 8.604   -8.275  13.335  1.00 28.33 ? 143 VAL A CG2 1 
ATOM   1144 N  N   . THR A 1 144 ? 8.639   -12.663 11.376  1.00 19.30 ? 144 THR A N   1 
ATOM   1145 C  CA  . THR A 1 144 ? 8.836   -13.544 10.235  1.00 19.62 ? 144 THR A CA  1 
ATOM   1146 C  C   . THR A 1 144 ? 8.251   -12.921 8.968   1.00 16.00 ? 144 THR A C   1 
ATOM   1147 O  O   . THR A 1 144 ? 7.456   -11.984 9.019   1.00 17.38 ? 144 THR A O   1 
ATOM   1148 C  CB  . THR A 1 144 ? 8.132   -14.874 10.472  1.00 18.02 ? 144 THR A CB  1 
ATOM   1149 O  OG1 . THR A 1 144 ? 6.733   -14.643 10.660  1.00 18.74 ? 144 THR A OG1 1 
ATOM   1150 C  CG2 . THR A 1 144 ? 8.695   -15.561 11.717  1.00 20.40 ? 144 THR A CG2 1 
ATOM   1151 N  N   . VAL A 1 145 ? 8.652   -13.470 7.819   1.00 16.55 ? 145 VAL A N   1 
ATOM   1152 C  CA  . VAL A 1 145 ? 8.044   -13.049 6.557   1.00 14.35 ? 145 VAL A CA  1 
ATOM   1153 C  C   . VAL A 1 145 ? 6.532   -13.240 6.603   1.00 14.59 ? 145 VAL A C   1 
ATOM   1154 O  O   . VAL A 1 145 ? 5.763   -12.368 6.181   1.00 15.45 ? 145 VAL A O   1 
ATOM   1155 C  CB  . VAL A 1 145 ? 8.677   -13.826 5.393   1.00 15.19 ? 145 VAL A CB  1 
ATOM   1156 C  CG1 . VAL A 1 145 ? 7.837   -13.671 4.132   1.00 16.70 ? 145 VAL A CG1 1 
ATOM   1157 C  CG2 . VAL A 1 145 ? 10.083  -13.331 5.137   1.00 21.07 ? 145 VAL A CG2 1 
ATOM   1158 N  N   . SER A 1 146 ? 6.084   -14.381 7.123   1.00 13.69 ? 146 SER A N   1 
ATOM   1159 C  CA  . SER A 1 146 ? 4.657   -14.649 7.216   1.00 13.21 ? 146 SER A CA  1 
ATOM   1160 C  C   . SER A 1 146 ? 3.948   -13.551 8.002   1.00 13.93 ? 146 SER A C   1 
ATOM   1161 O  O   . SER A 1 146 ? 2.963   -12.970 7.537   1.00 14.23 ? 146 SER A O   1 
ATOM   1162 C  CB  . SER A 1 146 ? 4.441   -16.022 7.859   1.00 16.08 ? 146 SER A CB  1 
ATOM   1163 O  OG  . SER A 1 146 ? 3.069   -16.301 8.021   1.00 19.00 ? 146 SER A OG  1 
ATOM   1164 N  N   . ALA A 1 147 ? 4.477   -13.211 9.178   1.00 16.00 ? 147 ALA A N   1 
ATOM   1165 C  CA  . ALA A 1 147 ? 3.849   -12.176 9.991   1.00 16.51 ? 147 ALA A CA  1 
ATOM   1166 C  C   . ALA A 1 147 ? 3.911   -10.814 9.313   1.00 11.65 ? 147 ALA A C   1 
ATOM   1167 O  O   . ALA A 1 147 ? 2.948   -10.046 9.387   1.00 14.15 ? 147 ALA A O   1 
ATOM   1168 C  CB  . ALA A 1 147 ? 4.502   -12.117 11.373  1.00 16.49 ? 147 ALA A CB  1 
ATOM   1169 N  N   . ARG A 1 148 ? 5.031   -10.498 8.650   1.00 14.11 ? 148 ARG A N   1 
ATOM   1170 C  CA  . ARG A 1 148 ? 5.155   -9.210  7.971   1.00 12.74 ? 148 ARG A CA  1 
ATOM   1171 C  C   . ARG A 1 148 ? 4.136   -9.086  6.846   1.00 13.32 ? 148 ARG A C   1 
ATOM   1172 O  O   . ARG A 1 148 ? 3.474   -8.049  6.714   1.00 13.23 ? 148 ARG A O   1 
ATOM   1173 C  CB  . ARG A 1 148 ? 6.581   -9.028  7.445   1.00 14.59 ? 148 ARG A CB  1 
ATOM   1174 C  CG  . ARG A 1 148 ? 6.853   -7.736  6.696   1.00 13.70 ? 148 ARG A CG  1 
ATOM   1175 C  CD  . ARG A 1 148 ? 6.443   -6.472  7.447   1.00 16.07 ? 148 ARG A CD  1 
ATOM   1176 N  NE  . ARG A 1 148 ? 6.926   -6.415  8.824   1.00 20.00 ? 148 ARG A NE  1 
ATOM   1177 C  CZ  . ARG A 1 148 ? 8.157   -6.066  9.173   1.00 16.38 ? 148 ARG A CZ  1 
ATOM   1178 N  NH1 . ARG A 1 148 ? 9.085   -5.798  8.267   1.00 19.40 ? 148 ARG A NH1 1 
ATOM   1179 N  NH2 . ARG A 1 148 ? 8.465   -5.979  10.464  1.00 25.61 ? 148 ARG A NH2 1 
ATOM   1180 N  N   . LEU A 1 149 ? 3.956   -10.149 6.054   1.00 12.00 ? 149 LEU A N   1 
ATOM   1181 C  CA  . LEU A 1 149 ? 2.984   -10.098 4.962   1.00 12.56 ? 149 LEU A CA  1 
ATOM   1182 C  C   . LEU A 1 149 ? 1.571   -9.902  5.491   1.00 11.23 ? 149 LEU A C   1 
ATOM   1183 O  O   . LEU A 1 149 ? 0.809   -9.090  4.958   1.00 12.25 ? 149 LEU A O   1 
ATOM   1184 C  CB  . LEU A 1 149 ? 3.082   -11.361 4.097   1.00 11.85 ? 149 LEU A CB  1 
ATOM   1185 C  CG  . LEU A 1 149 ? 4.352   -11.489 3.264   1.00 12.11 ? 149 LEU A CG  1 
ATOM   1186 C  CD1 . LEU A 1 149 ? 4.400   -12.840 2.592   1.00 16.18 ? 149 LEU A CD1 1 
ATOM   1187 C  CD2 . LEU A 1 149 ? 4.437   -10.367 2.210   1.00 15.37 ? 149 LEU A CD2 1 
ATOM   1188 N  N   . VAL A 1 150 ? 1.218   -10.612 6.567   1.00 11.85 ? 150 VAL A N   1 
ATOM   1189 C  CA  . VAL A 1 150 ? -0.084  -10.431 7.197   1.00 14.10 ? 150 VAL A CA  1 
ATOM   1190 C  C   . VAL A 1 150 ? -0.242  -8.999  7.692   1.00 11.84 ? 150 VAL A C   1 
ATOM   1191 O  O   . VAL A 1 150 ? -1.313  -8.391  7.547   1.00 12.88 ? 150 VAL A O   1 
ATOM   1192 C  CB  . VAL A 1 150 ? -0.235  -11.459 8.334   1.00 14.17 ? 150 VAL A CB  1 
ATOM   1193 C  CG1 . VAL A 1 150 ? -1.386  -11.080 9.244   1.00 16.08 ? 150 VAL A CG1 1 
ATOM   1194 C  CG2 . VAL A 1 150 ? -0.416  -12.854 7.755   1.00 17.49 ? 150 VAL A CG2 1 
ATOM   1195 N  N   . SER A 1 151 ? 0.821   -8.447  8.285   1.00 11.89 ? 151 SER A N   1 
ATOM   1196 C  CA  . SER A 1 151 ? 0.808   -7.058  8.746   1.00 13.13 ? 151 SER A CA  1 
ATOM   1197 C  C   . SER A 1 151 ? 0.533   -6.098  7.594   1.00 13.49 ? 151 SER A C   1 
ATOM   1198 O  O   . SER A 1 151 ? -0.223  -5.127  7.751   1.00 13.05 ? 151 SER A O   1 
ATOM   1199 C  CB  . SER A 1 151 ? 2.153   -6.700  9.398   1.00 12.33 ? 151 SER A CB  1 
ATOM   1200 O  OG  . SER A 1 151 ? 2.313   -7.270  10.694  1.00 17.04 ? 151 SER A OG  1 
ATOM   1201 N  N   . ILE A 1 152 ? 1.148   -6.345  6.431   1.00 12.61 ? 152 ILE A N   1 
ATOM   1202 C  CA  . ILE A 1 152 ? 0.955   -5.464  5.283   1.00 11.79 ? 152 ILE A CA  1 
ATOM   1203 C  C   . ILE A 1 152 ? -0.496  -5.523  4.815   1.00 11.63 ? 152 ILE A C   1 
ATOM   1204 O  O   . ILE A 1 152 ? -1.160  -4.496  4.630   1.00 10.66 ? 152 ILE A O   1 
ATOM   1205 C  CB  . ILE A 1 152 ? 1.934   -5.825  4.147   1.00 12.48 ? 152 ILE A CB  1 
ATOM   1206 C  CG1 . ILE A 1 152 ? 3.395   -5.607  4.561   1.00 13.50 ? 152 ILE A CG1 1 
ATOM   1207 C  CG2 . ILE A 1 152 ? 1.603   -5.005  2.901   1.00 14.39 ? 152 ILE A CG2 1 
ATOM   1208 C  CD1 . ILE A 1 152 ? 4.380   -6.345  3.646   1.00 16.03 ? 152 ILE A CD1 1 
ATOM   1209 N  N   . VAL A 1 153 ? -1.028  -6.729  4.637   1.00 10.31 ? 153 VAL A N   1 
ATOM   1210 C  CA  . VAL A 1 153 ? -2.413  -6.848  4.196   1.00 11.51 ? 153 VAL A CA  1 
ATOM   1211 C  C   . VAL A 1 153 ? -3.352  -6.137  5.161   1.00 11.59 ? 153 VAL A C   1 
ATOM   1212 O  O   . VAL A 1 153 ? -4.244  -5.388  4.744   1.00 12.81 ? 153 VAL A O   1 
ATOM   1213 C  CB  . VAL A 1 153 ? -2.796  -8.323  4.000   1.00 12.19 ? 153 VAL A CB  1 
ATOM   1214 C  CG1 . VAL A 1 153 ? -4.273  -8.456  3.679   1.00 14.05 ? 153 VAL A CG1 1 
ATOM   1215 C  CG2 . VAL A 1 153 ? -1.958  -8.932  2.889   1.00 13.27 ? 153 VAL A CG2 1 
ATOM   1216 N  N   . ASP A 1 154 ? -3.157  -6.357  6.463   1.00 11.16 ? 154 ASP A N   1 
ATOM   1217 C  CA  . ASP A 1 154 ? -4.055  -5.797  7.467   1.00 13.03 ? 154 ASP A CA  1 
ATOM   1218 C  C   . ASP A 1 154 ? -4.001  -4.273  7.481   1.00 12.02 ? 154 ASP A C   1 
ATOM   1219 O  O   . ASP A 1 154 ? -5.043  -3.602  7.515   1.00 14.75 ? 154 ASP A O   1 
ATOM   1220 C  CB  . ASP A 1 154 ? -3.698  -6.375  8.838   1.00 14.87 ? 154 ASP A CB  1 
ATOM   1221 C  CG  . ASP A 1 154 ? -4.596  -5.859  9.938   1.00 18.76 ? 154 ASP A CG  1 
ATOM   1222 O  OD1 . ASP A 1 154 ? -5.716  -6.385  10.070  1.00 19.96 ? 154 ASP A OD1 1 
ATOM   1223 O  OD2 . ASP A 1 154 ? -4.175  -4.934  10.647  1.00 24.23 ? 154 ASP A OD2 1 
ATOM   1224 N  N   . ASP A 1 155 ? -2.797  -3.715  7.473   1.00 11.40 ? 155 ASP A N   1 
ATOM   1225 C  CA  . ASP A 1 155 ? -2.651  -2.263  7.489   1.00 11.90 ? 155 ASP A CA  1 
ATOM   1226 C  C   . ASP A 1 155 ? -3.295  -1.654  6.256   1.00 10.66 ? 155 ASP A C   1 
ATOM   1227 O  O   . ASP A 1 155 ? -4.045  -0.675  6.341   1.00 11.83 ? 155 ASP A O   1 
ATOM   1228 C  CB  . ASP A 1 155 ? -1.158  -1.904  7.549   1.00 14.58 ? 155 ASP A CB  1 
ATOM   1229 C  CG  . ASP A 1 155 ? -0.894  -0.482  8.057   1.00 22.44 ? 155 ASP A CG  1 
ATOM   1230 O  OD1 . ASP A 1 155 ? -1.545  -0.050  9.035   1.00 22.64 ? 155 ASP A OD1 1 
ATOM   1231 O  OD2 . ASP A 1 155 ? 0.002   0.201   7.497   1.00 21.48 ? 155 ASP A OD2 1 
ATOM   1232 N  N   . CYS A 1 156 ? -3.025  -2.237  5.096   1.00 10.92 ? 156 CYS A N   1 
ATOM   1233 C  CA  . CYS A 1 156 ? -3.573  -1.686  3.866   1.00 11.37 ? 156 CYS A CA  1 
ATOM   1234 C  C   . CYS A 1 156 ? -5.084  -1.877  3.808   1.00 11.88 ? 156 CYS A C   1 
ATOM   1235 O  O   . CYS A 1 156 ? -5.813  -0.974  3.384   1.00 11.62 ? 156 CYS A O   1 
ATOM   1236 C  CB  . CYS A 1 156 ? -2.879  -2.322  2.661   1.00 11.83 ? 156 CYS A CB  1 
ATOM   1237 S  SG  . CYS A 1 156 ? -1.094  -1.923  2.589   1.00 13.34 ? 156 CYS A SG  1 
ATOM   1238 N  N   . ALA A 1 157 ? -5.582  -3.039  4.249   1.00 10.75 ? 157 ALA A N   1 
ATOM   1239 C  CA  . ALA A 1 157 ? -7.024  -3.250  4.285   1.00 12.02 ? 157 ALA A CA  1 
ATOM   1240 C  C   . ALA A 1 157 ? -7.701  -2.213  5.171   1.00 11.18 ? 157 ALA A C   1 
ATOM   1241 O  O   . ALA A 1 157 ? -8.781  -1.709  4.846   1.00 11.83 ? 157 ALA A O   1 
ATOM   1242 C  CB  . ALA A 1 157 ? -7.331  -4.657  4.806   1.00 15.11 ? 157 ALA A CB  1 
ATOM   1243 N  N   . GLN A 1 158 ? -7.094  -1.893  6.304   1.00 11.60 ? 158 GLN A N   1 
ATOM   1244 C  CA  . GLN A 1 158 ? -7.694  -0.909  7.189   1.00 13.34 ? 158 GLN A CA  1 
ATOM   1245 C  C   . GLN A 1 158 ? -7.750  0.455   6.511   1.00 11.48 ? 158 GLN A C   1 
ATOM   1246 O  O   . GLN A 1 158 ? -8.780  1.138   6.550   1.00 12.69 ? 158 GLN A O   1 
ATOM   1247 C  CB  . GLN A 1 158 ? -6.864  -0.846  8.467   1.00 14.37 ? 158 GLN A CB  1 
ATOM   1248 C  CG  . GLN A 1 158 ? -7.161  -1.951  9.480   1.00 18.32 ? 158 GLN A CG  1 
ATOM   1249 C  CD  . GLN A 1 158 ? -7.201  -1.434  10.915  1.00 21.43 ? 158 GLN A CD  1 
ATOM   1250 O  OE1 . GLN A 1 158 ? -6.559  -0.442  11.240  1.00 28.92 ? 158 GLN A OE1 1 
ATOM   1251 N  NE2 . GLN A 1 158 ? -7.936  -2.128  11.780  1.00 31.08 ? 158 GLN A NE2 1 
ATOM   1252 N  N   . HIS A 1 159 ? -6.634  0.895   5.935   1.00 11.17 ? 159 HIS A N   1 
ATOM   1253 C  CA  . HIS A 1 159 ? -6.617  2.198   5.286   1.00 10.58 ? 159 HIS A CA  1 
ATOM   1254 C  C   . HIS A 1 159 ? -7.579  2.242   4.110   1.00 9.46  ? 159 HIS A C   1 
ATOM   1255 O  O   . HIS A 1 159 ? -8.265  3.248   3.906   1.00 11.40 ? 159 HIS A O   1 
ATOM   1256 C  CB  . HIS A 1 159 ? -5.204  2.518   4.826   1.00 12.85 ? 159 HIS A CB  1 
ATOM   1257 C  CG  . HIS A 1 159 ? -4.253  2.775   5.948   1.00 16.70 ? 159 HIS A CG  1 
ATOM   1258 N  ND1 . HIS A 1 159 ? -2.961  2.298   5.949   1.00 22.18 ? 159 HIS A ND1 1 
ATOM   1259 C  CD2 . HIS A 1 159 ? -4.411  3.445   7.111   1.00 17.52 ? 159 HIS A CD2 1 
ATOM   1260 C  CE1 . HIS A 1 159 ? -2.361  2.670   7.063   1.00 16.25 ? 159 HIS A CE1 1 
ATOM   1261 N  NE2 . HIS A 1 159 ? -3.216  3.370   7.786   1.00 19.07 ? 159 HIS A NE2 1 
ATOM   1262 N  N   . LEU A 1 160 ? -7.613  1.184   3.304   1.00 11.12 ? 160 LEU A N   1 
ATOM   1263 C  CA  . LEU A 1 160 ? -8.540  1.182   2.177   1.00 10.84 ? 160 LEU A CA  1 
ATOM   1264 C  C   . LEU A 1 160 ? -9.981  1.130   2.657   1.00 11.67 ? 160 LEU A C   1 
ATOM   1265 O  O   . LEU A 1 160 ? -10.855 1.746   2.038   1.00 12.74 ? 160 LEU A O   1 
ATOM   1266 C  CB  . LEU A 1 160 ? -8.205  0.057   1.200   1.00 12.51 ? 160 LEU A CB  1 
ATOM   1267 C  CG  . LEU A 1 160 ? -6.816  0.207   0.572   1.00 11.63 ? 160 LEU A CG  1 
ATOM   1268 C  CD1 . LEU A 1 160 ? -6.472  -1.033  -0.239  1.00 15.96 ? 160 LEU A CD1 1 
ATOM   1269 C  CD2 . LEU A 1 160 ? -6.654  1.480   -0.253  1.00 12.91 ? 160 LEU A CD2 1 
ATOM   1270 N  N   . GLY A 1 161 ? -10.246 0.434   3.767   1.00 11.65 ? 161 GLY A N   1 
ATOM   1271 C  CA  . GLY A 1 161 ? -11.585 0.467   4.339   1.00 9.59  ? 161 GLY A CA  1 
ATOM   1272 C  C   . GLY A 1 161 ? -11.974 1.852   4.828   1.00 10.99 ? 161 GLY A C   1 
ATOM   1273 O  O   . GLY A 1 161 ? -13.108 2.297   4.635   1.00 10.46 ? 161 GLY A O   1 
ATOM   1274 N  N   . GLN A 1 162 ? -11.031 2.562   5.457   1.00 9.47  ? 162 GLN A N   1 
ATOM   1275 C  CA  . GLN A 1 162 ? -11.296 3.936   5.869   1.00 9.89  ? 162 GLN A CA  1 
ATOM   1276 C  C   . GLN A 1 162 ? -11.613 4.819   4.666   1.00 9.55  ? 162 GLN A C   1 
ATOM   1277 O  O   . GLN A 1 162 ? -12.524 5.652   4.717   1.00 10.30 ? 162 GLN A O   1 
ATOM   1278 C  CB  . GLN A 1 162 ? -10.105 4.478   6.661   1.00 9.95  ? 162 GLN A CB  1 
ATOM   1279 C  CG  . GLN A 1 162 ? -9.900  3.725   7.966   1.00 9.54  ? 162 GLN A CG  1 
ATOM   1280 C  CD  . GLN A 1 162 ? -8.589  4.033   8.610   1.00 10.80 ? 162 GLN A CD  1 
ATOM   1281 O  OE1 . GLN A 1 162 ? -7.725  4.690   8.012   1.00 13.49 ? 162 GLN A OE1 1 
ATOM   1282 N  NE2 . GLN A 1 162 ? -8.414  3.561   9.831   1.00 12.55 ? 162 GLN A NE2 1 
ATOM   1283 N  N   . ALA A 1 163 ? -10.857 4.660   3.576   1.00 11.04 ? 163 ALA A N   1 
ATOM   1284 C  CA  . ALA A 1 163 ? -11.130 5.435   2.371   1.00 9.14  ? 163 ALA A CA  1 
ATOM   1285 C  C   . ALA A 1 163 ? -12.531 5.150   1.831   1.00 9.31  ? 163 ALA A C   1 
ATOM   1286 O  O   . ALA A 1 163 ? -13.231 6.063   1.385   1.00 10.58 ? 163 ALA A O   1 
ATOM   1287 C  CB  . ALA A 1 163 ? -10.057 5.136   1.325   1.00 10.99 ? 163 ALA A CB  1 
ATOM   1288 N  N   . ALA A 1 164 ? -12.965 3.890   1.877   1.00 10.28 ? 164 ALA A N   1 
ATOM   1289 C  CA  . ALA A 1 164 ? -14.309 3.568   1.411   1.00 9.84  ? 164 ALA A CA  1 
ATOM   1290 C  C   . ALA A 1 164 ? -15.367 4.222   2.289   1.00 12.31 ? 164 ALA A C   1 
ATOM   1291 O  O   . ALA A 1 164 ? -16.385 4.721   1.792   1.00 12.83 ? 164 ALA A O   1 
ATOM   1292 C  CB  . ALA A 1 164 ? -14.487 2.053   1.390   1.00 13.81 ? 164 ALA A CB  1 
ATOM   1293 N  N   . TYR A 1 165 ? -15.148 4.235   3.597   1.00 11.03 ? 165 TYR A N   1 
ATOM   1294 C  CA  . TYR A 1 165 ? -16.075 4.924   4.478   1.00 10.61 ? 165 TYR A CA  1 
ATOM   1295 C  C   . TYR A 1 165 ? -16.176 6.406   4.123   1.00 11.23 ? 165 TYR A C   1 
ATOM   1296 O  O   . TYR A 1 165 ? -17.273 6.967   4.013   1.00 12.13 ? 165 TYR A O   1 
ATOM   1297 C  CB  . TYR A 1 165 ? -15.585 4.734   5.906   1.00 12.74 ? 165 TYR A CB  1 
ATOM   1298 C  CG  . TYR A 1 165 ? -16.536 5.176   6.968   1.00 13.45 ? 165 TYR A CG  1 
ATOM   1299 C  CD1 . TYR A 1 165 ? -16.568 6.494   7.376   1.00 16.44 ? 165 TYR A CD1 1 
ATOM   1300 C  CD2 . TYR A 1 165 ? -17.389 4.265   7.593   1.00 15.18 ? 165 TYR A CD2 1 
ATOM   1301 C  CE1 . TYR A 1 165 ? -17.433 6.909   8.372   1.00 16.96 ? 165 TYR A CE1 1 
ATOM   1302 C  CE2 . TYR A 1 165 ? -18.256 4.669   8.592   1.00 12.36 ? 165 TYR A CE2 1 
ATOM   1303 C  CZ  . TYR A 1 165 ? -18.281 5.991   8.962   1.00 13.34 ? 165 TYR A CZ  1 
ATOM   1304 O  OH  . TYR A 1 165 ? -19.136 6.417   9.952   1.00 14.76 ? 165 TYR A OH  1 
ATOM   1305 N  N   . LEU A 1 166 ? -15.032 7.047   3.897   1.00 10.18 ? 166 LEU A N   1 
ATOM   1306 C  CA  . LEU A 1 166 ? -15.009 8.463   3.557   1.00 13.02 ? 166 LEU A CA  1 
ATOM   1307 C  C   . LEU A 1 166 ? -15.651 8.728   2.204   1.00 12.36 ? 166 LEU A C   1 
ATOM   1308 O  O   . LEU A 1 166 ? -16.327 9.747   2.034   1.00 15.10 ? 166 LEU A O   1 
ATOM   1309 C  CB  . LEU A 1 166 ? -13.564 8.939   3.514   1.00 12.72 ? 166 LEU A CB  1 
ATOM   1310 C  CG  . LEU A 1 166 ? -12.831 8.925   4.833   1.00 13.17 ? 166 LEU A CG  1 
ATOM   1311 C  CD1 . LEU A 1 166 ? -11.398 9.351   4.542   1.00 14.60 ? 166 LEU A CD1 1 
ATOM   1312 C  CD2 . LEU A 1 166 ? -13.499 9.852   5.840   1.00 20.61 ? 166 LEU A CD2 1 
ATOM   1313 N  N   A ARG A 1 167 ? -15.435 7.839   1.231   0.42 12.97 ? 167 ARG A N   1 
ATOM   1314 N  N   B ARG A 1 167 ? -15.431 7.836   1.228   0.58 12.96 ? 167 ARG A N   1 
ATOM   1315 C  CA  A ARG A 1 167 ? -16.046 8.015   -0.083  0.42 12.93 ? 167 ARG A CA  1 
ATOM   1316 C  CA  B ARG A 1 167 ? -16.041 7.992   -0.095  0.58 12.92 ? 167 ARG A CA  1 
ATOM   1317 C  C   A ARG A 1 167 ? -17.564 8.073   0.023   0.42 18.47 ? 167 ARG A C   1 
ATOM   1318 C  C   B ARG A 1 167 ? -17.559 8.053   0.009   0.58 18.47 ? 167 ARG A C   1 
ATOM   1319 O  O   A ARG A 1 167 ? -18.218 8.754   -0.777  0.42 20.28 ? 167 ARG A O   1 
ATOM   1320 O  O   B ARG A 1 167 ? -18.210 8.720   -0.804  0.58 20.29 ? 167 ARG A O   1 
ATOM   1321 C  CB  A ARG A 1 167 ? -15.614 6.879   -1.011  0.42 16.50 ? 167 ARG A CB  1 
ATOM   1322 C  CB  B ARG A 1 167 ? -15.604 6.837   -1.013  0.58 16.51 ? 167 ARG A CB  1 
ATOM   1323 C  CG  A ARG A 1 167 ? -16.260 6.905   -2.390  0.42 20.81 ? 167 ARG A CG  1 
ATOM   1324 C  CG  B ARG A 1 167 ? -16.196 6.845   -2.445  0.58 20.92 ? 167 ARG A CG  1 
ATOM   1325 C  CD  A ARG A 1 167 ? -15.802 8.104   -3.201  0.42 21.76 ? 167 ARG A CD  1 
ATOM   1326 C  CD  B ARG A 1 167 ? -15.421 7.751   -3.415  0.58 19.31 ? 167 ARG A CD  1 
ATOM   1327 N  NE  A ARG A 1 167 ? -16.447 8.147   -4.508  0.42 17.43 ? 167 ARG A NE  1 
ATOM   1328 N  NE  B ARG A 1 167 ? -16.110 7.930   -4.695  0.58 19.61 ? 167 ARG A NE  1 
ATOM   1329 C  CZ  A ARG A 1 167 ? -17.639 8.680   -4.729  0.42 19.71 ? 167 ARG A CZ  1 
ATOM   1330 C  CZ  B ARG A 1 167 ? -15.862 7.277   -5.826  0.58 16.53 ? 167 ARG A CZ  1 
ATOM   1331 N  NH1 A ARG A 1 167 ? -18.340 9.227   -3.751  0.42 20.69 ? 167 ARG A NH1 1 
ATOM   1332 N  NH1 B ARG A 1 167 ? -14.892 6.382   -5.923  0.58 14.33 ? 167 ARG A NH1 1 
ATOM   1333 N  NH2 A ARG A 1 167 ? -18.141 8.665   -5.961  0.42 20.48 ? 167 ARG A NH2 1 
ATOM   1334 N  NH2 B ARG A 1 167 ? -16.593 7.550   -6.901  0.58 19.19 ? 167 ARG A NH2 1 
ATOM   1335 N  N   . GLY A 1 168 ? -18.137 7.397   1.021   1.00 14.68 ? 168 GLY A N   1 
ATOM   1336 C  CA  . GLY A 1 168 ? -19.580 7.394   1.188   1.00 14.03 ? 168 GLY A CA  1 
ATOM   1337 C  C   . GLY A 1 168 ? -20.145 8.617   1.866   1.00 20.97 ? 168 GLY A C   1 
ATOM   1338 O  O   . GLY A 1 168 ? -21.353 8.860   1.777   1.00 19.70 ? 168 GLY A O   1 
ATOM   1339 N  N   . ILE A 1 169 ? -19.302 9.398   2.544   1.00 21.06 ? 169 ILE A N   1 
ATOM   1340 C  CA  . ILE A 1 169 ? -19.740 10.607  3.228   1.00 19.65 ? 169 ILE A CA  1 
ATOM   1341 C  C   . ILE A 1 169 ? -19.116 11.875  2.662   1.00 19.66 ? 169 ILE A C   1 
ATOM   1342 O  O   . ILE A 1 169 ? -19.496 12.974  3.077   1.00 37.31 ? 169 ILE A O   1 
ATOM   1343 C  CB  . ILE A 1 169 ? -19.541 10.517  4.755   1.00 23.27 ? 169 ILE A CB  1 
ATOM   1344 C  CG1 . ILE A 1 169 ? -18.055 10.539  5.126   1.00 22.50 ? 169 ILE A CG1 1 
ATOM   1345 C  CG2 . ILE A 1 169 ? -20.168 9.247   5.303   1.00 24.65 ? 169 ILE A CG2 1 
ATOM   1346 C  CD1 . ILE A 1 169 ? -17.801 10.452  6.619   1.00 22.19 ? 169 ILE A CD1 1 
ATOM   1347 N  N   . ALA A 1 170 ? -18.188 11.766  1.714   1.00 23.24 ? 170 ALA A N   1 
ATOM   1348 C  CA  . ALA A 1 170 ? -17.454 12.932  1.238   1.00 21.42 ? 170 ALA A CA  1 
ATOM   1349 C  C   . ALA A 1 170 ? -18.286 13.793  0.298   1.00 36.98 ? 170 ALA A C   1 
ATOM   1350 O  O   . ALA A 1 170 ? -18.982 13.285  -0.587  1.00 22.80 ? 170 ALA A O   1 
ATOM   1351 C  CB  . ALA A 1 170 ? -16.175 12.500  0.522   1.00 19.74 ? 170 ALA A CB  1 
HETATM 1352 CL CL  . CL  B 2 .   ? 6.917   9.692   5.780   1.00 15.26 ? 201 CL  A CL  1 
HETATM 1353 O  O   . HOH C 3 .   ? 12.790  -20.185 8.440   1.00 36.09 ? 301 HOH A O   1 
HETATM 1354 O  O   . HOH C 3 .   ? 10.610  -2.708  6.338   1.00 33.29 ? 302 HOH A O   1 
HETATM 1355 O  O   . HOH C 3 .   ? -8.093  1.177   -11.483 1.00 23.17 ? 303 HOH A O   1 
HETATM 1356 O  O   . HOH C 3 .   ? 13.280  1.029   0.156   1.00 23.96 ? 304 HOH A O   1 
HETATM 1357 O  O   . HOH C 3 .   ? 9.017   -15.695 -4.334  1.00 29.58 ? 305 HOH A O   1 
HETATM 1358 O  O   . HOH C 3 .   ? 12.621  14.934  -9.917  1.00 26.53 ? 306 HOH A O   1 
HETATM 1359 O  O   . HOH C 3 .   ? 9.534   19.734  -1.528  1.00 27.73 ? 307 HOH A O   1 
HETATM 1360 O  O   . HOH C 3 .   ? -8.954  -1.409  13.992  1.00 16.85 ? 308 HOH A O   1 
HETATM 1361 O  O   . HOH C 3 .   ? 8.718   14.141  -3.590  1.00 29.13 ? 309 HOH A O   1 
HETATM 1362 O  O   . HOH C 3 .   ? -20.397 11.145  -0.599  1.00 32.18 ? 310 HOH A O   1 
HETATM 1363 O  O   . HOH C 3 .   ? -1.404  2.310   10.037  1.00 20.55 ? 311 HOH A O   1 
HETATM 1364 O  O   . HOH C 3 .   ? 2.568   -0.742  8.216   1.00 25.26 ? 312 HOH A O   1 
HETATM 1365 O  O   . HOH C 3 .   ? 5.740   0.826   -12.784 1.00 19.31 ? 313 HOH A O   1 
HETATM 1366 O  O   . HOH C 3 .   ? -4.683  19.320  9.621   1.00 25.14 ? 314 HOH A O   1 
HETATM 1367 O  O   . HOH C 3 .   ? -7.499  12.366  -6.691  1.00 25.80 ? 315 HOH A O   1 
HETATM 1368 O  O   . HOH C 3 .   ? 9.019   5.773   5.764   1.00 21.36 ? 316 HOH A O   1 
HETATM 1369 O  O   . HOH C 3 .   ? -2.467  20.010  13.404  1.00 26.44 ? 317 HOH A O   1 
HETATM 1370 O  O   . HOH C 3 .   ? -9.336  17.757  13.788  1.00 22.05 ? 318 HOH A O   1 
HETATM 1371 O  O   . HOH C 3 .   ? -4.098  0.622   9.156   1.00 24.68 ? 319 HOH A O   1 
HETATM 1372 O  O   . HOH C 3 .   ? 2.209   -15.321 10.328  1.00 27.35 ? 320 HOH A O   1 
HETATM 1373 O  O   . HOH C 3 .   ? 9.089   -5.465  5.472   1.00 18.09 ? 321 HOH A O   1 
HETATM 1374 O  O   . HOH C 3 .   ? 10.409  17.245  -2.870  1.00 33.37 ? 322 HOH A O   1 
HETATM 1375 O  O   . HOH C 3 .   ? -6.311  6.598   9.244   1.00 15.88 ? 323 HOH A O   1 
HETATM 1376 O  O   . HOH C 3 .   ? 0.952   19.773  13.679  1.00 22.56 ? 324 HOH A O   1 
HETATM 1377 O  O   . HOH C 3 .   ? -10.326 -11.773 -6.179  1.00 34.88 ? 325 HOH A O   1 
HETATM 1378 O  O   . HOH C 3 .   ? 12.971  -11.244 -4.356  1.00 29.85 ? 326 HOH A O   1 
HETATM 1379 O  O   . HOH C 3 .   ? -11.277 12.221  1.264   1.00 14.33 ? 327 HOH A O   1 
HETATM 1380 O  O   . HOH C 3 .   ? -4.884  14.901  0.925   1.00 17.26 ? 328 HOH A O   1 
HETATM 1381 O  O   . HOH C 3 .   ? 2.164   18.387  -2.952  1.00 19.43 ? 329 HOH A O   1 
HETATM 1382 O  O   . HOH C 3 .   ? 6.698   -21.705 7.299   1.00 22.72 ? 330 HOH A O   1 
HETATM 1383 O  O   . HOH C 3 .   ? -4.518  13.371  12.599  1.00 13.07 ? 331 HOH A O   1 
HETATM 1384 O  O   . HOH C 3 .   ? -1.479  -4.547  10.657  1.00 28.26 ? 332 HOH A O   1 
HETATM 1385 O  O   . HOH C 3 .   ? -1.056  0.708   4.818   1.00 17.11 ? 333 HOH A O   1 
HETATM 1386 O  O   . HOH C 3 .   ? -0.974  -21.191 -6.016  1.00 23.63 ? 334 HOH A O   1 
HETATM 1387 O  O   . HOH C 3 .   ? 15.078  1.906   -12.656 1.00 24.53 ? 335 HOH A O   1 
HETATM 1388 O  O   . HOH C 3 .   ? 4.519   19.587  4.498   1.00 32.30 ? 336 HOH A O   1 
HETATM 1389 O  O   . HOH C 3 .   ? -12.689 -3.734  -8.129  1.00 24.49 ? 337 HOH A O   1 
HETATM 1390 O  O   . HOH C 3 .   ? 16.070  -1.749  -9.180  1.00 26.48 ? 338 HOH A O   1 
HETATM 1391 O  O   . HOH C 3 .   ? 1.425   -23.961 1.400   1.00 14.19 ? 339 HOH A O   1 
HETATM 1392 O  O   . HOH C 3 .   ? -7.785  20.591  7.481   1.00 27.46 ? 340 HOH A O   1 
HETATM 1393 O  O   . HOH C 3 .   ? -16.736 3.095   -7.164  1.00 26.49 ? 341 HOH A O   1 
HETATM 1394 O  O   . HOH C 3 .   ? 7.823   -5.339  -10.777 1.00 16.04 ? 342 HOH A O   1 
HETATM 1395 O  O   . HOH C 3 .   ? -19.597 15.454  4.425   1.00 43.50 ? 343 HOH A O   1 
HETATM 1396 O  O   . HOH C 3 .   ? 9.787   -8.201  -8.795  1.00 20.03 ? 344 HOH A O   1 
HETATM 1397 O  O   . HOH C 3 .   ? 13.207  7.711   -9.560  1.00 21.77 ? 345 HOH A O   1 
HETATM 1398 O  O   . HOH C 3 .   ? 1.301   -21.058 -7.349  1.00 16.82 ? 346 HOH A O   1 
HETATM 1399 O  O   . HOH C 3 .   ? -17.330 11.005  -10.674 1.00 40.75 ? 347 HOH A O   1 
HETATM 1400 O  O   . HOH C 3 .   ? 8.461   -1.440  -14.972 1.00 35.40 ? 348 HOH A O   1 
HETATM 1401 O  O   . HOH C 3 .   ? 11.606  5.025   0.887   1.00 25.96 ? 349 HOH A O   1 
HETATM 1402 O  O   . HOH C 3 .   ? 12.005  -3.651  -7.900  1.00 15.32 ? 350 HOH A O   1 
HETATM 1403 O  O   . HOH C 3 .   ? 12.769  -28.876 -4.062  1.00 19.57 ? 351 HOH A O   1 
HETATM 1404 O  O   . HOH C 3 .   ? -1.901  -5.704  -3.647  1.00 11.23 ? 352 HOH A O   1 
HETATM 1405 O  O   . HOH C 3 .   ? 5.979   12.869  -5.306  1.00 14.45 ? 353 HOH A O   1 
HETATM 1406 O  O   . HOH C 3 .   ? 3.064   -19.009 7.369   1.00 16.04 ? 354 HOH A O   1 
HETATM 1407 O  O   . HOH C 3 .   ? 5.430   -26.941 1.383   1.00 18.05 ? 355 HOH A O   1 
HETATM 1408 O  O   . HOH C 3 .   ? 10.149  -12.675 -7.093  1.00 23.14 ? 356 HOH A O   1 
HETATM 1409 O  O   . HOH C 3 .   ? 14.394  -2.679  -0.288  1.00 22.26 ? 357 HOH A O   1 
HETATM 1410 O  O   . HOH C 3 .   ? -0.282  -27.413 0.877   1.00 17.83 ? 358 HOH A O   1 
HETATM 1411 O  O   . HOH C 3 .   ? -9.067  6.345   -11.743 1.00 26.57 ? 359 HOH A O   1 
HETATM 1412 O  O   . HOH C 3 .   ? 13.738  3.738   -3.105  1.00 22.22 ? 360 HOH A O   1 
HETATM 1413 O  O   . HOH C 3 .   ? -12.477 19.330  7.995   1.00 25.16 ? 361 HOH A O   1 
HETATM 1414 O  O   . HOH C 3 .   ? -10.500 2.759   -11.004 1.00 26.51 ? 362 HOH A O   1 
HETATM 1415 O  O   . HOH C 3 .   ? -11.728 -6.835  -3.040  1.00 23.69 ? 363 HOH A O   1 
HETATM 1416 O  O   . HOH C 3 .   ? 0.626   1.005   -13.386 1.00 16.27 ? 364 HOH A O   1 
HETATM 1417 O  O   . HOH C 3 .   ? 5.817   -3.251  -10.883 1.00 12.73 ? 365 HOH A O   1 
HETATM 1418 O  O   . HOH C 3 .   ? 8.484   15.437  -5.645  1.00 32.71 ? 366 HOH A O   1 
HETATM 1419 O  O   . HOH C 3 .   ? -9.377  -9.095  -9.679  1.00 24.35 ? 367 HOH A O   1 
HETATM 1420 O  O   . HOH C 3 .   ? 2.462   -18.716 -7.910  1.00 17.31 ? 368 HOH A O   1 
HETATM 1421 O  O   . HOH C 3 .   ? 1.185   9.836   9.517   1.00 13.55 ? 369 HOH A O   1 
HETATM 1422 O  O   . HOH C 3 .   ? -15.689 4.070   -4.544  1.00 30.35 ? 370 HOH A O   1 
HETATM 1423 O  O   . HOH C 3 .   ? 0.690   2.744   8.473   1.00 20.96 ? 371 HOH A O   1 
HETATM 1424 O  O   . HOH C 3 .   ? -0.070  21.548  4.450   1.00 33.88 ? 372 HOH A O   1 
HETATM 1425 O  O   . HOH C 3 .   ? 0.347   14.678  -9.244  1.00 23.94 ? 373 HOH A O   1 
HETATM 1426 O  O   . HOH C 3 .   ? -4.263  4.449   -14.093 1.00 29.64 ? 374 HOH A O   1 
HETATM 1427 O  O   . HOH C 3 .   ? -4.613  -12.024 -8.963  1.00 18.42 ? 375 HOH A O   1 
HETATM 1428 O  O   . HOH C 3 .   ? 5.915   -31.463 0.051   1.00 31.19 ? 376 HOH A O   1 
HETATM 1429 O  O   . HOH C 3 .   ? 16.216  4.899   -8.648  1.00 35.79 ? 377 HOH A O   1 
HETATM 1430 O  O   . HOH C 3 .   ? 8.397   15.951  -10.248 1.00 28.58 ? 378 HOH A O   1 
HETATM 1431 O  O   . HOH C 3 .   ? -8.818  -19.738 -4.094  1.00 25.63 ? 379 HOH A O   1 
HETATM 1432 O  O   . HOH C 3 .   ? -11.205 -4.705  -10.197 1.00 25.44 ? 380 HOH A O   1 
HETATM 1433 O  O   . HOH C 3 .   ? -11.337 15.334  14.763  1.00 25.13 ? 381 HOH A O   1 
HETATM 1434 O  O   . HOH C 3 .   ? -7.603  10.282  10.337  1.00 14.17 ? 382 HOH A O   1 
HETATM 1435 O  O   . HOH C 3 .   ? -4.441  1.792   -13.194 1.00 19.39 ? 383 HOH A O   1 
HETATM 1436 O  O   . HOH C 3 .   ? 7.640   10.567  -1.254  1.00 15.60 ? 384 HOH A O   1 
HETATM 1437 O  O   . HOH C 3 .   ? -19.586 5.345   4.558   1.00 14.12 ? 385 HOH A O   1 
HETATM 1438 O  O   . HOH C 3 .   ? -8.835  12.459  -9.195  1.00 18.65 ? 386 HOH A O   1 
HETATM 1439 O  O   . HOH C 3 .   ? 4.087   -21.233 0.168   1.00 24.13 ? 387 HOH A O   1 
HETATM 1440 O  O   . HOH C 3 .   ? -16.614 2.419   -14.649 1.00 33.14 ? 388 HOH A O   1 
HETATM 1441 O  O   . HOH C 3 .   ? -8.208  13.306  14.617  1.00 21.98 ? 389 HOH A O   1 
HETATM 1442 O  O   . HOH C 3 .   ? 11.761  9.901   -13.145 1.00 14.86 ? 390 HOH A O   1 
HETATM 1443 O  O   . HOH C 3 .   ? -6.129  20.410  5.116   1.00 31.22 ? 391 HOH A O   1 
HETATM 1444 O  O   . HOH C 3 .   ? 3.605   13.549  -14.225 1.00 14.97 ? 392 HOH A O   1 
HETATM 1445 O  O   . HOH C 3 .   ? -6.582  16.952  1.847   1.00 25.20 ? 393 HOH A O   1 
HETATM 1446 O  O   . HOH C 3 .   ? 14.002  0.972   -2.525  1.00 18.79 ? 394 HOH A O   1 
HETATM 1447 O  O   . HOH C 3 .   ? 9.095   -8.486  -6.232  1.00 18.69 ? 395 HOH A O   1 
HETATM 1448 O  O   . HOH C 3 .   ? 9.370   -8.178  -13.407 1.00 31.98 ? 396 HOH A O   1 
HETATM 1449 O  O   . HOH C 3 .   ? -16.451 18.345  7.455   1.00 41.88 ? 397 HOH A O   1 
HETATM 1450 O  O   . HOH C 3 .   ? -2.661  8.153   10.200  1.00 14.54 ? 398 HOH A O   1 
HETATM 1451 O  O   . HOH C 3 .   ? 4.149   -23.971 -5.676  1.00 17.72 ? 399 HOH A O   1 
HETATM 1452 O  O   . HOH C 3 .   ? 5.137   -6.779  11.251  1.00 20.84 ? 400 HOH A O   1 
HETATM 1453 O  O   . HOH C 3 .   ? 12.401  -1.259  1.288   1.00 19.26 ? 401 HOH A O   1 
HETATM 1454 O  O   . HOH C 3 .   ? 13.152  -24.656 1.357   1.00 24.71 ? 402 HOH A O   1 
HETATM 1455 O  O   . HOH C 3 .   ? -1.620  -4.835  -11.081 1.00 17.13 ? 403 HOH A O   1 
HETATM 1456 O  O   . HOH C 3 .   ? 10.484  -24.688 2.228   1.00 22.80 ? 404 HOH A O   1 
HETATM 1457 O  O   . HOH C 3 .   ? -10.401 20.225  -4.767  1.00 38.76 ? 405 HOH A O   1 
HETATM 1458 O  O   . HOH C 3 .   ? -12.954 -8.765  -1.349  1.00 26.29 ? 406 HOH A O   1 
HETATM 1459 O  O   . HOH C 3 .   ? 11.429  -4.063  8.663   1.00 33.44 ? 407 HOH A O   1 
HETATM 1460 O  O   . HOH C 3 .   ? 9.719   0.693   7.174   1.00 39.47 ? 408 HOH A O   1 
HETATM 1461 O  O   . HOH C 3 .   ? 2.218   17.724  -7.712  1.00 29.80 ? 409 HOH A O   1 
HETATM 1462 O  O   . HOH C 3 .   ? -0.630  5.174   9.208   1.00 24.47 ? 410 HOH A O   1 
HETATM 1463 O  O   . HOH C 3 .   ? -7.385  -8.699  1.776   1.00 14.72 ? 411 HOH A O   1 
HETATM 1464 O  O   . HOH C 3 .   ? -6.058  14.258  -4.951  1.00 23.06 ? 412 HOH A O   1 
HETATM 1465 O  O   . HOH C 3 .   ? -4.463  -9.327  -9.753  1.00 18.21 ? 413 HOH A O   1 
HETATM 1466 O  O   . HOH C 3 .   ? -1.664  5.203   -4.570  1.00 16.91 ? 414 HOH A O   1 
HETATM 1467 O  O   . HOH C 3 .   ? -13.289 -9.812  -8.442  1.00 37.05 ? 415 HOH A O   1 
HETATM 1468 O  O   . HOH C 3 .   ? 6.733   14.710  8.231   1.00 25.24 ? 416 HOH A O   1 
HETATM 1469 O  O   . HOH C 3 .   ? 3.936   5.499   11.765  1.00 27.16 ? 417 HOH A O   1 
HETATM 1470 O  O   . HOH C 3 .   ? -7.596  10.620  -12.845 1.00 17.59 ? 418 HOH A O   1 
HETATM 1471 O  O   . HOH C 3 .   ? 4.108   16.096  -11.358 1.00 24.63 ? 419 HOH A O   1 
HETATM 1472 O  O   . HOH C 3 .   ? 14.031  14.447  -1.014  1.00 19.33 ? 420 HOH A O   1 
HETATM 1473 O  O   . HOH C 3 .   ? -19.752 11.728  -4.645  1.00 33.91 ? 421 HOH A O   1 
HETATM 1474 O  O   . HOH C 3 .   ? 1.257   -14.184 -7.425  1.00 15.91 ? 422 HOH A O   1 
HETATM 1475 O  O   . HOH C 3 .   ? -3.910  -9.879  7.189   1.00 19.17 ? 423 HOH A O   1 
HETATM 1476 O  O   . HOH C 3 .   ? 6.772   -31.331 -4.650  1.00 19.60 ? 424 HOH A O   1 
HETATM 1477 O  O   . HOH C 3 .   ? 15.495  -16.663 9.707   1.00 24.37 ? 425 HOH A O   1 
HETATM 1478 O  O   . HOH C 3 .   ? -4.544  -14.893 3.092   1.00 32.35 ? 426 HOH A O   1 
HETATM 1479 O  O   . HOH C 3 .   ? 16.052  3.137   -10.146 1.00 36.21 ? 427 HOH A O   1 
HETATM 1480 O  O   . HOH C 3 .   ? 15.039  8.201   -7.395  1.00 29.06 ? 428 HOH A O   1 
HETATM 1481 O  O   . HOH C 3 .   ? 13.033  -22.546 0.378   1.00 30.61 ? 429 HOH A O   1 
HETATM 1482 O  O   . HOH C 3 .   ? 14.795  -3.848  -8.000  1.00 20.40 ? 430 HOH A O   1 
HETATM 1483 O  O   . HOH C 3 .   ? -18.042 11.365  -8.435  1.00 34.24 ? 431 HOH A O   1 
HETATM 1484 O  O   . HOH C 3 .   ? 4.139   -23.291 2.125   1.00 17.65 ? 432 HOH A O   1 
HETATM 1485 O  O   . HOH C 3 .   ? -11.272 15.933  -10.668 1.00 28.13 ? 433 HOH A O   1 
HETATM 1486 O  O   . HOH C 3 .   ? -17.371 15.865  11.169  1.00 33.51 ? 434 HOH A O   1 
HETATM 1487 O  O   . HOH C 3 .   ? 10.492  9.537   5.634   1.00 33.10 ? 435 HOH A O   1 
HETATM 1488 O  O   . HOH C 3 .   ? -0.764  -26.866 -1.739  1.00 23.79 ? 436 HOH A O   1 
HETATM 1489 O  O   . HOH C 3 .   ? 2.788   22.320  -2.058  1.00 45.68 ? 437 HOH A O   1 
HETATM 1490 O  O   . HOH C 3 .   ? 14.144  -9.077  4.381   1.00 28.27 ? 438 HOH A O   1 
HETATM 1491 O  O   . HOH C 3 .   ? 4.100   -8.294  13.044  1.00 38.19 ? 439 HOH A O   1 
HETATM 1492 O  O   . HOH C 3 .   ? -4.598  2.938   10.568  1.00 31.69 ? 440 HOH A O   1 
HETATM 1493 O  O   . HOH C 3 .   ? 8.975   -25.852 0.397   1.00 23.25 ? 441 HOH A O   1 
HETATM 1494 O  O   . HOH C 3 .   ? 8.546   21.991  9.650   1.00 30.06 ? 442 HOH A O   1 
HETATM 1495 O  O   . HOH C 3 .   ? 7.102   19.522  -5.742  1.00 34.52 ? 443 HOH A O   1 
HETATM 1496 O  O   . HOH C 3 .   ? 6.935   -24.061 -5.439  1.00 26.85 ? 444 HOH A O   1 
HETATM 1497 O  O   . HOH C 3 .   ? 11.055  -18.497 -1.230  1.00 32.29 ? 445 HOH A O   1 
HETATM 1498 O  O   . HOH C 3 .   ? -22.669 11.578  0.709   1.00 30.70 ? 446 HOH A O   1 
HETATM 1499 O  O   . HOH C 3 .   ? 6.312   22.933  9.199   1.00 32.41 ? 447 HOH A O   1 
HETATM 1500 O  O   . HOH C 3 .   ? 9.540   14.952  -7.970  1.00 27.58 ? 448 HOH A O   1 
HETATM 1501 O  O   . HOH C 3 .   ? -3.962  5.843   9.742   1.00 24.69 ? 449 HOH A O   1 
HETATM 1502 O  O   . HOH C 3 .   ? -6.552  6.081   -17.949 1.00 27.44 ? 450 HOH A O   1 
HETATM 1503 O  O   . HOH C 3 .   ? 9.926   18.413  1.033   1.00 30.28 ? 451 HOH A O   1 
HETATM 1504 O  O   . HOH C 3 .   ? -5.941  -8.215  6.703   1.00 34.31 ? 452 HOH A O   1 
HETATM 1505 O  O   . HOH C 3 .   ? 6.270   -18.399 10.294  1.00 37.43 ? 453 HOH A O   1 
HETATM 1506 O  O   . HOH C 3 .   ? 8.246   12.409  -14.064 1.00 13.99 ? 454 HOH A O   1 
HETATM 1507 O  O   . HOH C 3 .   ? 11.106  -3.891  -13.444 1.00 37.29 ? 455 HOH A O   1 
HETATM 1508 O  O   . HOH C 3 .   ? 1.151   -30.719 -3.541  1.00 39.78 ? 456 HOH A O   1 
HETATM 1509 O  O   . HOH C 3 .   ? -6.027  11.663  -14.826 1.00 24.29 ? 457 HOH A O   1 
HETATM 1510 O  O   . HOH C 3 .   ? -18.664 7.308   -9.688  1.00 38.94 ? 458 HOH A O   1 
HETATM 1511 O  O   . HOH C 3 .   ? 17.294  3.314   -4.783  1.00 44.00 ? 459 HOH A O   1 
HETATM 1512 O  O   . HOH C 3 .   ? 6.897   -5.803  -17.232 1.00 40.00 ? 460 HOH A O   1 
HETATM 1513 O  O   . HOH C 3 .   ? -6.317  -0.473  -14.069 1.00 29.44 ? 461 HOH A O   1 
HETATM 1514 O  O   . HOH C 3 .   ? 13.075  -2.766  -13.423 1.00 49.60 ? 462 HOH A O   1 
HETATM 1515 O  O   . HOH C 3 .   ? 7.020   12.839  -2.764  1.00 20.26 ? 463 HOH A O   1 
HETATM 1516 O  O   . HOH C 3 .   ? 11.798  -6.260  -8.982  1.00 19.97 ? 464 HOH A O   1 
HETATM 1517 O  O   . HOH C 3 .   ? 12.955  14.208  5.412   1.00 33.65 ? 465 HOH A O   1 
HETATM 1518 O  O   . HOH C 3 .   ? -3.822  -23.668 -4.623  1.00 24.96 ? 466 HOH A O   1 
HETATM 1519 O  O   . HOH C 3 .   ? -3.523  -0.726  13.383  1.00 43.80 ? 467 HOH A O   1 
HETATM 1520 O  O   . HOH C 3 .   ? -3.160  -26.243 -2.986  1.00 29.59 ? 468 HOH A O   1 
HETATM 1521 O  O   . HOH C 3 .   ? -13.816 -1.776  -9.887  1.00 26.00 ? 469 HOH A O   1 
HETATM 1522 O  O   . HOH C 3 .   ? 9.509   10.031  -14.607 1.00 14.70 ? 470 HOH A O   1 
HETATM 1523 O  O   . HOH C 3 .   ? 11.974  -6.080  -11.684 1.00 34.94 ? 471 HOH A O   1 
HETATM 1524 O  O   . HOH C 3 .   ? 16.119  6.329   -5.281  1.00 34.99 ? 472 HOH A O   1 
HETATM 1525 O  O   . HOH C 3 .   ? 0.932   18.428  -5.771  1.00 39.54 ? 473 HOH A O   1 
HETATM 1526 O  O   . HOH C 3 .   ? 18.066  -3.627  -4.495  1.00 44.12 ? 474 HOH A O   1 
HETATM 1527 O  O   . HOH C 3 .   ? 7.637   17.013  4.962   1.00 35.22 ? 475 HOH A O   1 
HETATM 1528 O  O   . HOH C 3 .   ? -11.212 3.325   -13.771 1.00 34.85 ? 476 HOH A O   1 
HETATM 1529 O  O   . HOH C 3 .   ? 14.566  8.246   -2.089  1.00 33.46 ? 477 HOH A O   1 
HETATM 1530 O  O   . HOH C 3 .   ? 13.296  16.634  -7.681  1.00 31.04 ? 478 HOH A O   1 
HETATM 1531 O  O   . HOH C 3 .   ? -4.738  19.551  12.304  1.00 27.13 ? 479 HOH A O   1 
HETATM 1532 O  O   . HOH C 3 .   ? 18.160  -5.593  14.479  1.00 61.03 ? 480 HOH A O   1 
HETATM 1533 O  O   . HOH C 3 .   ? -11.486 17.901  15.095  1.00 28.34 ? 481 HOH A O   1 
HETATM 1534 O  O   . HOH C 3 .   ? 5.155   -15.334 14.387  1.00 38.48 ? 482 HOH A O   1 
HETATM 1535 O  O   . HOH C 3 .   ? 10.743  -10.571 -5.704  1.00 19.51 ? 483 HOH A O   1 
HETATM 1536 O  O   . HOH C 3 .   ? 8.066   -30.623 0.905   1.00 37.86 ? 484 HOH A O   1 
HETATM 1537 O  O   . HOH C 3 .   ? 3.246   25.022  0.995   1.00 46.30 ? 485 HOH A O   1 
HETATM 1538 O  O   . HOH C 3 .   ? 13.948  -0.911  -14.226 1.00 38.96 ? 486 HOH A O   1 
HETATM 1539 O  O   . HOH C 3 .   ? 3.910   -3.563  7.937   1.00 33.98 ? 487 HOH A O   1 
HETATM 1540 O  O   . HOH C 3 .   ? 9.251   6.871   8.450   1.00 25.17 ? 488 HOH A O   1 
HETATM 1541 O  O   . HOH C 3 .   ? -13.884 21.030  -7.975  1.00 44.42 ? 489 HOH A O   1 
HETATM 1542 O  O   . HOH C 3 .   ? 7.932   -27.786 2.149   1.00 27.87 ? 490 HOH A O   1 
HETATM 1543 O  O   . HOH C 3 .   ? 16.671  0.016   -2.651  1.00 33.74 ? 491 HOH A O   1 
HETATM 1544 O  O   . HOH C 3 .   ? -10.543 20.777  6.810   1.00 28.99 ? 492 HOH A O   1 
HETATM 1545 O  O   . HOH C 3 .   ? -6.792  -13.432 -9.292  1.00 27.60 ? 493 HOH A O   1 
HETATM 1546 O  O   . HOH C 3 .   ? -7.016  7.197   11.838  1.00 16.37 ? 494 HOH A O   1 
HETATM 1547 O  O   . HOH C 3 .   ? 9.840   -8.302  -15.594 1.00 28.35 ? 495 HOH A O   1 
HETATM 1548 O  O   . HOH C 3 .   ? 4.542   -1.963  -13.273 1.00 12.04 ? 496 HOH A O   1 
HETATM 1549 O  O   . HOH C 3 .   ? 5.081   -20.234 8.826   1.00 19.53 ? 497 HOH A O   1 
HETATM 1550 O  O   . HOH C 3 .   ? -14.368 -11.656 -7.277  1.00 38.33 ? 498 HOH A O   1 
HETATM 1551 O  O   . HOH C 3 .   ? 14.600  -3.520  22.397  1.00 44.55 ? 499 HOH A O   1 
HETATM 1552 O  O   . HOH C 3 .   ? 14.622  -11.498 -6.534  1.00 41.22 ? 500 HOH A O   1 
HETATM 1553 O  O   . HOH C 3 .   ? 1.782   17.251  -12.512 1.00 23.53 ? 501 HOH A O   1 
HETATM 1554 O  O   . HOH C 3 .   ? -8.442  -12.135 -10.043 1.00 32.83 ? 502 HOH A O   1 
HETATM 1555 O  O   . HOH C 3 .   ? -9.981  20.395  4.619   1.00 47.09 ? 503 HOH A O   1 
HETATM 1556 O  O   . HOH C 3 .   ? 9.847   3.312   7.016   1.00 27.80 ? 504 HOH A O   1 
HETATM 1557 O  O   . HOH C 3 .   ? -2.525  16.925  -11.250 1.00 23.42 ? 505 HOH A O   1 
HETATM 1558 O  O   . HOH C 3 .   ? -5.043  16.638  -12.519 1.00 28.74 ? 506 HOH A O   1 
HETATM 1559 O  O   . HOH C 3 .   ? -16.669 -1.773  -13.643 1.00 46.71 ? 507 HOH A O   1 
HETATM 1560 O  O   . HOH C 3 .   ? -4.053  -11.818 5.398   1.00 27.41 ? 508 HOH A O   1 
HETATM 1561 O  O   . HOH C 3 .   ? -8.206  -17.021 -9.275  1.00 41.47 ? 509 HOH A O   1 
HETATM 1562 O  O   . HOH C 3 .   ? 15.866  -6.421  -8.416  1.00 29.85 ? 510 HOH A O   1 
HETATM 1563 O  O   . HOH C 3 .   ? 1.518   21.659  -6.530  1.00 51.05 ? 511 HOH A O   1 
HETATM 1564 O  O   . HOH C 3 .   ? -7.984  23.389  12.175  1.00 37.46 ? 512 HOH A O   1 
HETATM 1565 O  O   . HOH C 3 .   ? 13.595  -7.960  -8.830  1.00 30.20 ? 513 HOH A O   1 
# 
